data_8XJU
#
_entry.id   8XJU
#
_cell.length_a   1.00
_cell.length_b   1.00
_cell.length_c   1.00
_cell.angle_alpha   90.00
_cell.angle_beta   90.00
_cell.angle_gamma   90.00
#
_symmetry.space_group_name_H-M   'P 1'
#
_entity_poly.entity_id   1
_entity_poly.type   'polypeptide(L)'
_entity_poly.pdbx_seq_one_letter_code
;MAENDFGIAIIGMAGRFPQADTVQAFWENLLASRECISFYSDEELLAMGISPEFVQHPDYVKAKGEVADIDKFDAAFFGI
APREAELMDPQHRVLLETAWAAFEDAGYVAADYPGDVGIFAGKSMDSYLMLNLMPHFKRVFSSGSLQAAIGNDKDSITTT
IAYHLNLRGPAITVQTSSSTSLVAVCVACQSLLTWQCDMAIAGGVTLGPPAKTGYLSQEGGITAADGHCRAFSDNSSGFV
PGTGAGLVVLKRVDEALRDGDNIYAVIKGFAVNNDGSEKISYTAPSVDAQARAIAQAQRLAGLTPQDITYVEAHGTGTRL
GDPVEFSALSQAFAGASQKQYCALGSVKTNIGHLDTAAGVAGLIKTALAVQQGIIPATLHFERPNAQIDLTNSPFYINTT
CQPWQPESGIRRAGVTSLGMGGTNAHVVLEQAPAVDLQARAPVPAYSILPFSAKTDSALSSGLARFADFLQHESLPDRRD
LAWTLSQGRKAFAHRAALVTRDLHAAGTLLQQAATAPFARGVAQTQLGLGLLFSGQGSQYQRMGHQLYQVWPAYADAFDR
CATLLEREYQLDIRHELFRAEVSLAQGERLAQTCLTQPLLFSVEYALAQLWLSWGITPTVMIGHSLGEWVAATLAGVFSL
EDALRLVARRAELMHQAPSGAMLMVALPEAQIRALITAPLAIAAVNAPDYSVIAGPTSEILAVSQRLTEQNIINKRLHTS
HAFHSSMMQDAAQALRQAFENVRLNPPTLTIISTVTGAHVSADTLTTPDYWIEQMLMPVQFSAALQEAQATFDVDFLEIG
PGATLTQLTNGHALGDRLAFSSLPAGARSSDEHKHILDTVAALWVRGHNIDLSAFAGEQPRRVSLPTYAFDKIRYWVDSP
EEQRSAVTPVADAGSVIPSEPSVRRQPRPAFSVPYAAPESKTQRGLVAICEALLGIDGLGIDDNFFEAGGHSLMLGMLLA
QVQERFAVTLSFFDVMEDASVRALAQLVEQEQQDDGGSALAVLVNDMINENSSSVDKLAAALEHHHHHH
;
_entity_poly.pdbx_strand_id   A,B
#
# COMPACT_ATOMS: atom_id res chain seq x y z
N PHE A 6 -2.84 17.67 2.90
CA PHE A 6 -2.83 17.89 1.47
C PHE A 6 -2.17 16.72 0.73
N GLY A 7 -1.17 17.00 -0.09
CA GLY A 7 -0.59 16.02 -0.97
C GLY A 7 0.79 15.54 -0.55
N ILE A 8 1.38 14.75 -1.43
CA ILE A 8 2.67 14.14 -1.22
C ILE A 8 3.66 14.80 -2.18
N ALA A 9 4.62 15.52 -1.62
CA ALA A 9 5.60 16.22 -2.43
C ALA A 9 6.60 15.26 -3.04
N ILE A 10 6.88 15.45 -4.32
CA ILE A 10 8.01 14.77 -4.97
C ILE A 10 9.23 15.64 -4.77
N ILE A 11 10.09 15.26 -3.83
CA ILE A 11 11.17 16.13 -3.39
C ILE A 11 12.51 15.75 -4.00
N GLY A 12 12.59 14.65 -4.72
CA GLY A 12 13.81 14.29 -5.40
C GLY A 12 13.53 13.11 -6.28
N MET A 13 14.36 12.95 -7.29
CA MET A 13 14.19 11.86 -8.23
C MET A 13 15.53 11.49 -8.85
N ALA A 14 15.61 10.26 -9.35
CA ALA A 14 16.77 9.84 -10.08
C ALA A 14 16.36 8.78 -11.07
N GLY A 15 17.21 8.53 -12.03
CA GLY A 15 16.91 7.48 -12.94
C GLY A 15 17.94 7.36 -14.02
N ARG A 16 18.15 6.16 -14.50
CA ARG A 16 18.88 5.94 -15.73
C ARG A 16 17.85 5.58 -16.78
N PHE A 17 17.84 6.34 -17.85
CA PHE A 17 16.84 6.20 -18.88
C PHE A 17 17.54 5.83 -20.17
N PRO A 18 16.85 5.53 -21.27
CA PRO A 18 17.55 5.39 -22.54
C PRO A 18 18.16 6.71 -22.98
N GLN A 19 19.43 6.63 -23.38
CA GLN A 19 20.28 7.78 -23.76
C GLN A 19 20.33 8.84 -22.67
N ALA A 20 20.28 8.41 -21.42
CA ALA A 20 20.49 9.28 -20.28
C ALA A 20 21.10 8.45 -19.16
N ASP A 21 21.78 9.13 -18.27
CA ASP A 21 22.30 8.53 -17.07
C ASP A 21 21.79 9.23 -15.82
N THR A 22 21.21 10.41 -15.97
CA THR A 22 20.59 11.15 -14.89
C THR A 22 19.20 11.57 -15.33
N VAL A 23 18.43 12.08 -14.38
CA VAL A 23 17.16 12.72 -14.69
C VAL A 23 17.38 13.97 -15.53
N GLN A 24 18.46 14.69 -15.26
CA GLN A 24 18.70 15.95 -15.97
C GLN A 24 19.14 15.71 -17.41
N ALA A 25 19.91 14.66 -17.66
CA ALA A 25 20.26 14.26 -19.02
C ALA A 25 19.09 13.68 -19.78
N PHE A 26 18.01 13.32 -19.09
CA PHE A 26 16.77 12.84 -19.67
C PHE A 26 15.82 14.00 -19.94
N TRP A 27 15.80 14.99 -19.05
CA TRP A 27 15.03 16.19 -19.27
C TRP A 27 15.60 17.04 -20.39
N GLU A 28 16.93 17.03 -20.55
CA GLU A 28 17.52 17.68 -21.72
C GLU A 28 17.18 16.95 -23.01
N ASN A 29 17.08 15.62 -22.97
CA ASN A 29 16.61 14.87 -24.13
C ASN A 29 15.16 15.19 -24.48
N LEU A 30 14.31 15.38 -23.48
CA LEU A 30 12.91 15.73 -23.74
C LEU A 30 12.76 17.17 -24.21
N LEU A 31 13.55 18.10 -23.68
CA LEU A 31 13.46 19.47 -24.17
C LEU A 31 14.14 19.67 -25.51
N ALA A 32 15.08 18.81 -25.88
CA ALA A 32 15.66 18.81 -27.20
C ALA A 32 14.85 18.00 -28.19
N SER A 33 13.81 17.32 -27.69
CA SER A 33 12.94 16.42 -28.46
C SER A 33 13.75 15.36 -29.20
N ARG A 34 14.60 14.65 -28.45
CA ARG A 34 15.45 13.63 -29.03
C ARG A 34 14.84 12.26 -28.86
N GLU A 35 14.78 11.50 -29.94
CA GLU A 35 14.39 10.10 -29.90
C GLU A 35 15.54 9.31 -29.29
N CYS A 36 15.30 8.73 -28.12
CA CYS A 36 16.34 8.02 -27.38
C CYS A 36 16.36 6.54 -27.67
N ILE A 37 15.85 6.12 -28.82
CA ILE A 37 15.91 4.74 -29.25
C ILE A 37 17.13 4.53 -30.12
N SER A 38 17.95 3.56 -29.75
CA SER A 38 19.18 3.24 -30.45
C SER A 38 18.91 2.15 -31.46
N PHE A 39 19.34 2.37 -32.70
CA PHE A 39 19.13 1.45 -33.79
C PHE A 39 20.45 0.75 -34.09
N TYR A 40 20.40 -0.57 -34.18
CA TYR A 40 21.62 -1.36 -34.26
C TYR A 40 21.98 -1.63 -35.71
N SER A 41 22.91 -2.56 -35.89
CA SER A 41 23.29 -3.07 -37.20
C SER A 41 23.28 -4.59 -37.11
N ASP A 42 23.60 -5.25 -38.22
CA ASP A 42 23.75 -6.70 -38.17
C ASP A 42 25.02 -7.10 -37.43
N GLU A 43 26.11 -6.37 -37.64
CA GLU A 43 27.38 -6.74 -37.01
C GLU A 43 27.38 -6.44 -35.53
N GLU A 44 26.75 -5.33 -35.11
CA GLU A 44 26.68 -4.99 -33.69
C GLU A 44 25.81 -5.99 -32.93
N LEU A 45 24.66 -6.34 -33.51
CA LEU A 45 23.73 -7.19 -32.79
C LEU A 45 24.19 -8.64 -32.84
N LEU A 46 24.91 -9.02 -33.89
CA LEU A 46 25.54 -10.33 -33.91
C LEU A 46 26.71 -10.41 -32.94
N ALA A 47 27.45 -9.31 -32.78
CA ALA A 47 28.59 -9.30 -31.88
C ALA A 47 28.16 -9.35 -30.43
N MET A 48 26.97 -8.82 -30.12
CA MET A 48 26.39 -9.08 -28.81
C MET A 48 26.02 -10.56 -28.65
N GLY A 49 25.50 -11.18 -29.69
CA GLY A 49 25.31 -12.62 -29.64
C GLY A 49 23.91 -13.11 -29.86
N ILE A 50 23.06 -12.29 -30.45
CA ILE A 50 21.71 -12.72 -30.83
C ILE A 50 21.85 -13.68 -32.00
N SER A 51 21.14 -14.81 -31.92
CA SER A 51 21.30 -15.90 -32.87
C SER A 51 20.87 -15.49 -34.26
N PRO A 52 21.56 -15.95 -35.31
CA PRO A 52 21.30 -15.44 -36.67
C PRO A 52 19.94 -15.84 -37.25
N GLU A 53 19.27 -16.85 -36.69
CA GLU A 53 17.90 -17.14 -37.10
C GLU A 53 16.97 -15.97 -36.78
N PHE A 54 17.12 -15.39 -35.59
CA PHE A 54 16.30 -14.26 -35.19
C PHE A 54 16.64 -12.99 -35.96
N VAL A 55 17.90 -12.80 -36.34
CA VAL A 55 18.26 -11.57 -37.05
C VAL A 55 17.94 -11.70 -38.54
N GLN A 56 18.05 -12.90 -39.11
CA GLN A 56 17.64 -13.13 -40.49
C GLN A 56 16.17 -13.46 -40.62
N HIS A 57 15.43 -13.47 -39.52
CA HIS A 57 13.99 -13.28 -39.58
C HIS A 57 13.71 -11.91 -40.19
N PRO A 58 12.79 -11.82 -41.15
CA PRO A 58 12.50 -10.52 -41.79
C PRO A 58 11.70 -9.59 -40.89
N ASP A 59 10.79 -10.16 -40.12
CA ASP A 59 9.95 -9.39 -39.19
C ASP A 59 10.64 -9.27 -37.83
N TYR A 60 11.77 -8.56 -37.83
CA TYR A 60 12.62 -8.40 -36.66
C TYR A 60 13.23 -7.00 -36.71
N VAL A 61 13.05 -6.23 -35.64
CA VAL A 61 13.39 -4.83 -35.63
C VAL A 61 14.61 -4.64 -34.75
N LYS A 62 15.65 -4.01 -35.28
CA LYS A 62 16.85 -3.71 -34.52
C LYS A 62 16.69 -2.33 -33.88
N ALA A 63 15.94 -2.30 -32.79
CA ALA A 63 15.71 -1.05 -32.07
C ALA A 63 15.37 -1.39 -30.63
N LYS A 64 15.75 -0.48 -29.72
CA LYS A 64 15.59 -0.62 -28.29
C LYS A 64 15.92 0.70 -27.62
N GLY A 65 15.20 1.02 -26.56
CA GLY A 65 15.68 2.02 -25.62
C GLY A 65 16.67 1.37 -24.67
N GLU A 66 17.86 1.95 -24.55
CA GLU A 66 18.95 1.36 -23.78
C GLU A 66 19.45 2.28 -22.68
N VAL A 67 19.37 1.82 -21.44
CA VAL A 67 20.31 2.30 -20.45
C VAL A 67 21.71 1.76 -20.76
N ALA A 68 22.72 2.56 -20.45
CA ALA A 68 24.05 2.32 -20.98
C ALA A 68 24.81 1.27 -20.18
N ASP A 69 24.87 1.44 -18.87
CA ASP A 69 25.83 0.70 -18.03
C ASP A 69 25.06 -0.19 -17.08
N ILE A 70 24.71 -1.39 -17.52
CA ILE A 70 24.02 -2.33 -16.65
C ILE A 70 24.95 -3.38 -16.07
N ASP A 71 26.11 -3.61 -16.68
CA ASP A 71 27.10 -4.49 -16.09
C ASP A 71 28.01 -3.77 -15.09
N LYS A 72 27.93 -2.46 -15.02
CA LYS A 72 28.84 -1.66 -14.20
C LYS A 72 28.21 -1.40 -12.85
N PHE A 73 28.86 -1.85 -11.79
CA PHE A 73 28.41 -1.62 -10.42
C PHE A 73 29.55 -1.11 -9.57
N ASP A 74 29.29 -0.07 -8.79
CA ASP A 74 30.17 0.31 -7.68
C ASP A 74 29.79 -0.51 -6.47
N ALA A 75 30.33 -1.74 -6.43
CA ALA A 75 30.09 -2.62 -5.30
C ALA A 75 30.75 -2.12 -4.04
N ALA A 76 31.99 -1.63 -4.16
CA ALA A 76 32.79 -1.22 -3.01
C ALA A 76 32.23 0.01 -2.30
N PHE A 77 31.40 0.80 -2.97
CA PHE A 77 30.64 1.83 -2.27
C PHE A 77 29.65 1.22 -1.30
N PHE A 78 29.08 0.07 -1.64
CA PHE A 78 28.02 -0.53 -0.86
C PHE A 78 28.52 -1.67 0.00
N GLY A 79 29.82 -1.92 0.04
CA GLY A 79 30.37 -2.98 0.85
C GLY A 79 30.01 -4.36 0.36
N ILE A 80 30.05 -4.56 -0.95
CA ILE A 80 29.63 -5.81 -1.57
C ILE A 80 30.85 -6.45 -2.21
N ALA A 81 31.05 -7.74 -1.94
CA ALA A 81 32.14 -8.50 -2.53
C ALA A 81 31.93 -8.62 -4.04
N PRO A 82 33.03 -8.82 -4.81
CA PRO A 82 32.87 -9.00 -6.27
C PRO A 82 31.99 -10.17 -6.69
N ARG A 83 32.05 -11.31 -5.99
CA ARG A 83 31.13 -12.40 -6.31
C ARG A 83 29.71 -12.07 -5.88
N GLU A 84 29.56 -11.45 -4.71
CA GLU A 84 28.24 -11.08 -4.22
C GLU A 84 27.61 -10.01 -5.09
N ALA A 85 28.44 -9.15 -5.70
CA ALA A 85 27.93 -8.17 -6.65
C ALA A 85 27.62 -8.79 -8.00
N GLU A 86 28.46 -9.69 -8.48
CA GLU A 86 28.24 -10.37 -9.75
C GLU A 86 26.99 -11.24 -9.74
N LEU A 87 26.60 -11.77 -8.59
CA LEU A 87 25.39 -12.57 -8.51
C LEU A 87 24.15 -11.73 -8.21
N MET A 88 24.29 -10.41 -8.17
CA MET A 88 23.11 -9.55 -8.11
C MET A 88 22.52 -9.39 -9.50
N ASP A 89 21.21 -9.28 -9.54
CA ASP A 89 20.52 -8.77 -10.71
C ASP A 89 21.04 -7.36 -11.00
N PRO A 90 21.31 -7.03 -12.27
CA PRO A 90 21.65 -5.64 -12.59
C PRO A 90 20.54 -4.68 -12.32
N GLN A 91 19.30 -5.15 -12.23
CA GLN A 91 18.22 -4.27 -11.81
C GLN A 91 18.36 -3.89 -10.35
N HIS A 92 18.83 -4.82 -9.50
CA HIS A 92 19.17 -4.51 -8.11
C HIS A 92 20.27 -3.47 -8.05
N ARG A 93 21.32 -3.65 -8.85
CA ARG A 93 22.51 -2.81 -8.80
C ARG A 93 22.23 -1.40 -9.31
N VAL A 94 21.58 -1.31 -10.47
CA VAL A 94 21.19 -0.03 -11.04
C VAL A 94 20.19 0.66 -10.13
N LEU A 95 19.31 -0.09 -9.48
CA LEU A 95 18.32 0.60 -8.68
C LEU A 95 18.88 0.98 -7.30
N LEU A 96 19.94 0.29 -6.82
CA LEU A 96 20.71 0.79 -5.67
C LEU A 96 21.37 2.12 -5.96
N GLU A 97 22.11 2.19 -7.07
CA GLU A 97 22.76 3.45 -7.42
C GLU A 97 21.74 4.55 -7.70
N THR A 98 20.60 4.18 -8.27
CA THR A 98 19.51 5.11 -8.51
C THR A 98 18.87 5.56 -7.21
N ALA A 99 18.78 4.69 -6.21
CA ALA A 99 18.18 5.06 -4.94
C ALA A 99 19.09 5.97 -4.14
N TRP A 100 20.39 5.67 -4.16
CA TRP A 100 21.38 6.58 -3.57
C TRP A 100 21.33 7.94 -4.25
N ALA A 101 21.28 7.95 -5.59
CA ALA A 101 21.19 9.19 -6.35
C ALA A 101 19.89 9.95 -6.10
N ALA A 102 18.77 9.24 -5.90
CA ALA A 102 17.49 9.89 -5.66
C ALA A 102 17.42 10.53 -4.30
N PHE A 103 18.01 9.89 -3.29
CA PHE A 103 18.08 10.54 -2.00
C PHE A 103 19.06 11.69 -1.99
N GLU A 104 20.13 11.61 -2.77
CA GLU A 104 21.03 12.74 -2.93
C GLU A 104 20.34 13.91 -3.62
N ASP A 105 19.54 13.62 -4.65
CA ASP A 105 18.77 14.65 -5.35
C ASP A 105 17.68 15.22 -4.45
N ALA A 106 17.15 14.42 -3.53
CA ALA A 106 16.24 14.95 -2.52
C ALA A 106 16.94 15.93 -1.58
N GLY A 107 18.24 15.77 -1.40
CA GLY A 107 18.99 16.53 -0.44
C GLY A 107 19.17 15.83 0.88
N TYR A 108 19.24 14.51 0.88
CA TYR A 108 19.23 13.72 2.11
C TYR A 108 20.23 12.60 2.01
N VAL A 109 20.73 12.18 3.16
CA VAL A 109 21.27 10.84 3.33
C VAL A 109 20.19 10.07 4.05
N ALA A 110 19.74 8.98 3.43
CA ALA A 110 18.56 8.28 3.94
C ALA A 110 18.86 7.51 5.21
N ALA A 111 20.12 7.12 5.40
CA ALA A 111 20.52 6.48 6.64
C ALA A 111 20.44 7.43 7.82
N ASP A 112 20.56 8.73 7.58
CA ASP A 112 20.70 9.72 8.65
C ASP A 112 19.52 10.68 8.67
N TYR A 113 18.36 10.22 8.23
CA TYR A 113 17.10 10.96 8.25
C TYR A 113 16.43 10.80 9.61
N PRO A 114 15.79 11.87 10.14
CA PRO A 114 15.07 11.79 11.42
C PRO A 114 14.05 10.68 11.56
N GLY A 115 13.04 10.69 10.70
CA GLY A 115 12.01 9.68 10.70
C GLY A 115 12.45 8.39 10.05
N ASP A 116 11.48 7.65 9.55
CA ASP A 116 11.68 6.35 8.94
C ASP A 116 11.31 6.38 7.47
N VAL A 117 12.06 5.64 6.66
CA VAL A 117 12.09 5.83 5.22
C VAL A 117 11.75 4.52 4.51
N GLY A 118 10.72 4.55 3.68
CA GLY A 118 10.30 3.37 2.93
C GLY A 118 10.73 3.34 1.49
N ILE A 119 10.99 2.13 1.01
CA ILE A 119 11.19 1.78 -0.39
C ILE A 119 10.01 0.96 -0.88
N PHE A 120 9.44 1.39 -2.00
CA PHE A 120 8.31 0.74 -2.65
C PHE A 120 8.67 0.69 -4.12
N ALA A 121 9.23 -0.40 -4.61
CA ALA A 121 9.70 -0.39 -5.97
C ALA A 121 9.30 -1.68 -6.64
N GLY A 122 9.55 -1.75 -7.94
CA GLY A 122 9.30 -2.94 -8.71
C GLY A 122 10.45 -3.25 -9.63
N LYS A 123 10.27 -4.25 -10.48
CA LYS A 123 11.35 -4.91 -11.16
C LYS A 123 10.72 -5.80 -12.24
N SER A 124 11.44 -6.00 -13.35
CA SER A 124 10.94 -6.91 -14.36
C SER A 124 11.19 -8.36 -13.99
N MET A 125 11.02 -9.26 -14.95
CA MET A 125 11.48 -10.61 -14.72
C MET A 125 12.99 -10.65 -14.69
N ASP A 126 13.53 -11.56 -13.89
CA ASP A 126 14.97 -11.71 -13.73
C ASP A 126 15.53 -12.38 -14.98
N SER A 127 15.90 -11.59 -15.98
CA SER A 127 16.52 -12.15 -17.16
C SER A 127 18.00 -12.44 -16.97
N TYR A 128 18.61 -11.88 -15.92
CA TYR A 128 19.97 -12.20 -15.55
C TYR A 128 20.06 -13.52 -14.80
N LEU A 129 18.95 -13.99 -14.25
CA LEU A 129 18.93 -15.32 -13.66
C LEU A 129 19.08 -16.39 -14.72
N MET A 130 18.74 -16.06 -15.98
CA MET A 130 19.10 -16.94 -17.10
C MET A 130 20.61 -16.95 -17.32
N LEU A 131 21.29 -15.82 -17.04
CA LEU A 131 22.75 -15.81 -17.08
C LEU A 131 23.34 -16.49 -15.85
N ASN A 132 22.67 -16.37 -14.71
CA ASN A 132 23.14 -17.06 -13.51
C ASN A 132 23.03 -18.58 -13.67
N LEU A 133 21.98 -19.06 -14.33
CA LEU A 133 21.79 -20.48 -14.55
C LEU A 133 22.32 -21.01 -15.88
N MET A 134 22.84 -20.17 -16.78
CA MET A 134 23.48 -20.77 -17.96
C MET A 134 24.91 -21.13 -17.57
N LYS A 154 17.92 -15.11 -4.79
CA LYS A 154 16.65 -14.48 -4.42
C LYS A 154 16.89 -12.99 -4.26
N ASP A 155 17.08 -12.53 -3.00
CA ASP A 155 17.55 -11.19 -2.64
C ASP A 155 16.64 -10.10 -3.20
N SER A 156 15.44 -9.95 -2.63
CA SER A 156 14.43 -9.01 -3.14
C SER A 156 14.92 -7.57 -3.15
N ILE A 157 14.45 -6.83 -4.15
CA ILE A 157 15.07 -5.58 -4.59
C ILE A 157 14.92 -4.47 -3.57
N THR A 158 13.75 -4.34 -2.95
CA THR A 158 13.51 -3.32 -1.96
C THR A 158 14.25 -3.58 -0.67
N THR A 159 14.39 -4.84 -0.28
CA THR A 159 15.16 -5.15 0.92
C THR A 159 16.66 -5.07 0.69
N THR A 160 17.13 -5.32 -0.53
CA THR A 160 18.53 -5.04 -0.88
C THR A 160 18.82 -3.55 -0.77
N ILE A 161 17.94 -2.72 -1.30
CA ILE A 161 18.13 -1.28 -1.21
C ILE A 161 17.97 -0.80 0.23
N ALA A 162 17.05 -1.40 0.98
CA ALA A 162 16.83 -1.01 2.37
C ALA A 162 17.98 -1.43 3.26
N TYR A 163 18.63 -2.53 2.95
CA TYR A 163 19.89 -2.89 3.57
C TYR A 163 20.96 -1.86 3.26
N HIS A 164 21.35 -1.74 1.99
CA HIS A 164 22.53 -0.96 1.67
C HIS A 164 22.33 0.54 1.75
N LEU A 165 21.11 1.01 1.97
CA LEU A 165 20.86 2.42 2.21
C LEU A 165 20.34 2.69 3.59
N ASN A 166 20.17 1.65 4.43
CA ASN A 166 19.75 1.75 5.82
C ASN A 166 18.38 2.41 5.93
N LEU A 167 17.40 1.75 5.31
CA LEU A 167 16.02 2.24 5.27
C LEU A 167 15.21 1.50 6.33
N ARG A 168 14.49 2.25 7.16
CA ARG A 168 13.84 1.69 8.33
C ARG A 168 12.33 1.94 8.31
N GLY A 169 11.76 2.04 7.12
CA GLY A 169 10.33 2.03 6.92
C GLY A 169 10.00 0.84 6.06
N PRO A 170 8.78 0.78 5.54
CA PRO A 170 8.34 -0.42 4.80
C PRO A 170 9.09 -0.64 3.50
N ALA A 171 9.60 -1.85 3.32
CA ALA A 171 10.32 -2.23 2.10
C ALA A 171 9.48 -3.25 1.33
N ILE A 172 8.56 -2.76 0.51
CA ILE A 172 7.55 -3.57 -0.14
C ILE A 172 7.81 -3.58 -1.65
N THR A 173 8.03 -4.76 -2.21
CA THR A 173 8.18 -4.90 -3.66
C THR A 173 6.79 -4.95 -4.29
N VAL A 174 6.24 -3.76 -4.54
CA VAL A 174 5.02 -3.61 -5.32
C VAL A 174 5.27 -4.10 -6.74
N GLN A 175 4.40 -5.00 -7.24
CA GLN A 175 4.59 -5.55 -8.59
C GLN A 175 3.26 -5.70 -9.35
N THR A 176 2.82 -4.65 -10.04
CA THR A 176 1.87 -4.83 -11.12
C THR A 176 2.68 -4.98 -12.43
N SER A 177 2.06 -4.89 -13.60
CA SER A 177 2.80 -5.34 -14.77
C SER A 177 3.61 -4.23 -15.43
N SER A 178 2.93 -3.23 -15.98
CA SER A 178 3.58 -2.04 -16.53
C SER A 178 3.13 -0.80 -15.78
N SER A 179 2.23 -0.97 -14.83
CA SER A 179 1.80 0.10 -13.96
C SER A 179 2.65 0.18 -12.71
N THR A 180 3.47 -0.85 -12.51
CA THR A 180 4.31 -1.00 -11.29
C THR A 180 4.82 0.31 -10.73
N SER A 181 5.67 1.01 -11.47
CA SER A 181 6.30 2.24 -10.94
C SER A 181 5.27 3.21 -10.36
N LEU A 182 4.18 3.46 -11.09
CA LEU A 182 3.16 4.44 -10.61
C LEU A 182 2.38 3.83 -9.44
N VAL A 183 2.06 2.54 -9.50
CA VAL A 183 1.38 1.87 -8.39
C VAL A 183 2.26 1.93 -7.15
N ALA A 184 3.58 1.77 -7.33
CA ALA A 184 4.53 1.88 -6.23
C ALA A 184 4.56 3.27 -5.65
N VAL A 185 4.45 4.29 -6.50
CA VAL A 185 4.31 5.66 -6.02
C VAL A 185 2.99 5.84 -5.28
N CYS A 186 1.92 5.18 -5.75
CA CYS A 186 0.62 5.26 -5.08
C CYS A 186 0.64 4.59 -3.72
N VAL A 187 1.29 3.43 -3.61
CA VAL A 187 1.44 2.71 -2.34
C VAL A 187 2.32 3.51 -1.38
N ALA A 188 3.37 4.13 -1.91
CA ALA A 188 4.22 5.03 -1.13
C ALA A 188 3.43 6.21 -0.60
N CYS A 189 2.57 6.81 -1.42
CA CYS A 189 1.74 7.91 -0.96
C CYS A 189 0.72 7.46 0.07
N GLN A 190 0.23 6.22 -0.05
CA GLN A 190 -0.62 5.63 0.99
C GLN A 190 0.11 5.58 2.33
N SER A 191 1.33 5.01 2.32
CA SER A 191 2.15 4.90 3.52
C SER A 191 2.49 6.25 4.11
N LEU A 192 2.69 7.25 3.27
CA LEU A 192 2.99 8.58 3.80
C LEU A 192 1.76 9.25 4.37
N LEU A 193 0.60 9.06 3.76
CA LEU A 193 -0.61 9.74 4.22
C LEU A 193 -1.19 9.09 5.47
N THR A 194 -1.00 7.79 5.64
CA THR A 194 -1.41 7.09 6.84
C THR A 194 -0.34 7.09 7.91
N TRP A 195 0.77 7.80 7.68
CA TRP A 195 1.89 7.95 8.61
C TRP A 195 2.52 6.60 8.95
N GLN A 196 2.68 5.76 7.93
CA GLN A 196 3.50 4.57 8.05
C GLN A 196 4.98 4.88 7.90
N CYS A 197 5.31 5.98 7.23
CA CYS A 197 6.68 6.45 7.09
C CYS A 197 6.63 7.97 7.03
N ASP A 198 7.80 8.59 7.12
CA ASP A 198 7.89 10.03 7.07
C ASP A 198 8.38 10.56 5.74
N MET A 199 9.03 9.71 4.95
CA MET A 199 9.54 10.07 3.64
C MET A 199 9.79 8.77 2.91
N ALA A 200 9.37 8.67 1.67
CA ALA A 200 9.43 7.40 0.96
C ALA A 200 10.12 7.58 -0.37
N ILE A 201 10.54 6.48 -0.95
CA ILE A 201 11.11 6.47 -2.29
C ILE A 201 10.46 5.36 -3.10
N ALA A 202 10.07 5.67 -4.32
CA ALA A 202 9.23 4.75 -5.08
C ALA A 202 9.49 4.84 -6.56
N GLY A 203 9.45 3.72 -7.24
CA GLY A 203 9.73 3.69 -8.65
C GLY A 203 9.87 2.27 -9.15
N GLY A 204 10.85 2.01 -10.00
CA GLY A 204 10.98 0.69 -10.54
C GLY A 204 12.02 0.68 -11.63
N VAL A 205 12.19 -0.49 -12.23
CA VAL A 205 13.31 -0.76 -13.13
C VAL A 205 13.00 -1.91 -14.09
N THR A 206 13.27 -1.71 -15.37
CA THR A 206 13.52 -2.78 -16.32
C THR A 206 14.87 -2.56 -16.94
N LEU A 207 15.68 -3.61 -16.97
CA LEU A 207 16.92 -3.73 -17.72
C LEU A 207 17.42 -5.15 -17.55
N GLY A 208 18.43 -5.54 -18.34
CA GLY A 208 18.86 -6.95 -18.26
C GLY A 208 19.87 -7.35 -19.32
N PRO A 209 20.56 -8.50 -19.15
CA PRO A 209 21.61 -8.97 -20.08
C PRO A 209 21.58 -8.61 -21.57
N PRO A 210 20.51 -8.81 -22.36
CA PRO A 210 20.52 -8.39 -23.76
C PRO A 210 20.44 -6.86 -23.86
N ALA A 211 21.52 -6.16 -23.50
CA ALA A 211 21.55 -4.69 -23.63
C ALA A 211 21.31 -4.36 -25.09
N LYS A 212 21.98 -5.08 -26.00
CA LYS A 212 21.72 -4.89 -27.44
C LYS A 212 20.84 -6.06 -27.91
N THR A 213 19.52 -5.87 -28.01
CA THR A 213 18.68 -6.91 -28.58
C THR A 213 17.59 -6.27 -29.41
N GLY A 214 17.09 -7.03 -30.38
CA GLY A 214 15.90 -6.68 -31.12
C GLY A 214 14.73 -7.50 -30.60
N TYR A 215 13.54 -7.17 -31.09
CA TYR A 215 12.35 -7.66 -30.41
C TYR A 215 11.34 -8.44 -31.24
N LEU A 216 11.59 -8.64 -32.54
CA LEU A 216 10.82 -9.55 -33.41
C LEU A 216 9.34 -9.15 -33.46
N SER A 217 9.11 -8.00 -34.09
CA SER A 217 7.74 -7.51 -34.28
C SER A 217 6.97 -8.44 -35.22
N GLN A 218 5.74 -8.78 -34.85
CA GLN A 218 4.97 -9.79 -35.57
C GLN A 218 3.73 -9.16 -36.20
N GLU A 219 2.86 -10.01 -36.75
CA GLU A 219 1.64 -9.54 -37.39
C GLU A 219 0.63 -9.13 -36.33
N GLY A 220 0.27 -7.85 -36.33
CA GLY A 220 -0.66 -7.33 -35.35
C GLY A 220 -0.12 -7.35 -33.93
N GLY A 221 1.18 -7.14 -33.77
CA GLY A 221 1.77 -7.13 -32.45
C GLY A 221 1.54 -5.83 -31.73
N ILE A 222 1.92 -5.80 -30.46
CA ILE A 222 1.84 -4.58 -29.67
C ILE A 222 3.17 -3.85 -29.74
N THR A 223 4.09 -4.36 -30.57
CA THR A 223 5.43 -3.78 -30.72
C THR A 223 5.58 -3.19 -32.11
N ALA A 224 6.13 -1.97 -32.17
CA ALA A 224 6.21 -1.22 -33.42
C ALA A 224 7.19 -1.86 -34.40
N ALA A 225 6.75 -2.05 -35.63
CA ALA A 225 7.55 -2.74 -36.64
C ALA A 225 8.57 -1.84 -37.32
N ASP A 226 8.53 -0.53 -37.09
CA ASP A 226 9.54 0.37 -37.62
C ASP A 226 10.52 0.86 -36.56
N GLY A 227 10.23 0.62 -35.28
CA GLY A 227 11.14 0.99 -34.21
C GLY A 227 10.85 2.32 -33.56
N HIS A 228 9.70 2.94 -33.83
CA HIS A 228 9.34 4.21 -33.22
C HIS A 228 7.97 4.07 -32.58
N CYS A 229 7.82 4.53 -31.34
CA CYS A 229 6.49 4.66 -30.77
C CYS A 229 5.91 5.96 -31.27
N ARG A 230 5.06 5.87 -32.29
CA ARG A 230 4.33 7.04 -32.77
C ARG A 230 2.98 6.98 -32.08
N ALA A 231 2.99 7.36 -30.81
CA ALA A 231 1.80 7.25 -29.99
C ALA A 231 0.76 8.25 -30.47
N PHE A 232 -0.49 7.79 -30.50
CA PHE A 232 -1.69 8.59 -30.71
C PHE A 232 -1.72 9.13 -32.14
N SER A 233 -1.17 8.36 -33.07
CA SER A 233 -0.94 8.80 -34.43
C SER A 233 -1.56 7.83 -35.43
N ASP A 234 -1.61 8.28 -36.68
CA ASP A 234 -2.07 7.42 -37.78
C ASP A 234 -1.10 6.28 -38.04
N ASN A 235 0.21 6.55 -37.95
CA ASN A 235 1.23 5.60 -38.34
C ASN A 235 1.64 4.70 -37.16
N SER A 236 0.78 4.57 -36.16
CA SER A 236 1.08 3.77 -34.99
C SER A 236 1.14 2.29 -35.33
N SER A 237 2.13 1.62 -34.78
CA SER A 237 2.23 0.17 -34.98
C SER A 237 2.62 -0.56 -33.71
N GLY A 238 2.58 0.09 -32.55
CA GLY A 238 2.94 -0.52 -31.30
C GLY A 238 3.89 0.37 -30.53
N PHE A 239 4.63 -0.24 -29.61
CA PHE A 239 5.71 0.43 -28.91
C PHE A 239 7.05 -0.15 -29.35
N VAL A 240 8.13 0.42 -28.82
CA VAL A 240 9.45 -0.20 -28.88
C VAL A 240 9.89 -0.45 -27.45
N PRO A 241 10.38 -1.64 -27.11
CA PRO A 241 10.70 -1.96 -25.72
C PRO A 241 11.98 -1.26 -25.25
N GLY A 242 11.81 -0.29 -24.37
CA GLY A 242 12.94 0.31 -23.71
C GLY A 242 13.29 -0.37 -22.40
N THR A 243 14.42 0.06 -21.84
CA THR A 243 14.86 -0.36 -20.52
C THR A 243 15.27 0.87 -19.73
N GLY A 244 14.96 0.88 -18.44
CA GLY A 244 15.25 2.06 -17.66
C GLY A 244 15.05 1.82 -16.19
N ALA A 245 15.47 2.80 -15.40
CA ALA A 245 15.29 2.80 -13.97
C ALA A 245 14.85 4.18 -13.55
N GLY A 246 14.20 4.26 -12.42
CA GLY A 246 13.68 5.54 -12.00
C GLY A 246 13.10 5.41 -10.63
N LEU A 247 13.33 6.40 -9.77
CA LEU A 247 12.73 6.44 -8.45
C LEU A 247 12.47 7.88 -8.13
N VAL A 248 11.36 8.14 -7.47
CA VAL A 248 11.08 9.48 -6.97
C VAL A 248 11.07 9.38 -5.46
N VAL A 249 11.46 10.45 -4.80
CA VAL A 249 11.54 10.48 -3.35
C VAL A 249 10.35 11.30 -2.88
N LEU A 250 9.53 10.70 -2.04
CA LEU A 250 8.23 11.24 -1.71
C LEU A 250 8.17 11.63 -0.24
N LYS A 251 7.40 12.66 0.04
CA LYS A 251 7.34 13.22 1.37
C LYS A 251 6.05 14.02 1.47
N ARG A 252 5.42 14.02 2.64
CA ARG A 252 4.23 14.81 2.87
C ARG A 252 4.54 16.29 2.68
N VAL A 253 3.59 17.03 2.11
CA VAL A 253 3.92 18.35 1.62
C VAL A 253 4.09 19.38 2.74
N ASP A 254 3.43 19.20 3.88
CA ASP A 254 3.61 20.15 4.97
C ASP A 254 4.99 20.02 5.59
N GLU A 255 5.45 18.77 5.76
CA GLU A 255 6.82 18.50 6.16
C GLU A 255 7.82 18.99 5.12
N ALA A 256 7.53 18.78 3.84
CA ALA A 256 8.46 19.17 2.80
C ALA A 256 8.58 20.68 2.66
N LEU A 257 7.52 21.41 2.93
CA LEU A 257 7.64 22.88 3.02
C LEU A 257 8.36 23.30 4.28
N ARG A 258 8.15 22.56 5.38
CA ARG A 258 8.80 22.88 6.64
C ARG A 258 10.32 22.71 6.57
N ASP A 259 10.77 21.62 5.97
CA ASP A 259 12.17 21.22 5.94
C ASP A 259 12.96 21.90 4.83
N GLY A 260 12.33 22.72 4.01
CA GLY A 260 13.02 23.38 2.94
C GLY A 260 13.46 22.47 1.81
N ASP A 261 12.78 21.35 1.59
CA ASP A 261 13.10 20.54 0.43
C ASP A 261 12.63 21.26 -0.82
N ASN A 262 13.32 21.00 -1.93
CA ASN A 262 12.79 21.46 -3.19
C ASN A 262 11.72 20.49 -3.65
N ILE A 263 10.57 21.01 -4.01
CA ILE A 263 9.45 20.19 -4.43
C ILE A 263 9.30 20.36 -5.92
N TYR A 264 9.38 19.27 -6.66
CA TYR A 264 9.09 19.32 -8.07
C TYR A 264 7.60 19.53 -8.24
N ALA A 265 6.83 18.54 -7.79
CA ALA A 265 5.39 18.54 -7.90
C ALA A 265 4.82 17.96 -6.62
N VAL A 266 3.54 18.24 -6.38
CA VAL A 266 2.79 17.65 -5.28
C VAL A 266 1.81 16.64 -5.86
N ILE A 267 1.70 15.49 -5.22
CA ILE A 267 0.75 14.45 -5.62
C ILE A 267 -0.53 14.68 -4.84
N LYS A 268 -1.45 15.45 -5.41
CA LYS A 268 -2.71 15.74 -4.73
C LYS A 268 -3.67 14.57 -4.71
N GLY A 269 -3.64 13.72 -5.72
CA GLY A 269 -4.55 12.60 -5.73
C GLY A 269 -4.04 11.49 -6.60
N PHE A 270 -4.47 10.29 -6.29
CA PHE A 270 -3.99 9.11 -6.99
C PHE A 270 -5.08 8.06 -6.93
N ALA A 271 -5.01 7.09 -7.83
CA ALA A 271 -6.03 6.07 -7.91
C ALA A 271 -5.49 4.86 -8.63
N VAL A 272 -5.62 3.69 -8.02
CA VAL A 272 -5.32 2.42 -8.65
C VAL A 272 -6.60 1.60 -8.65
N ASN A 273 -6.88 0.94 -9.78
CA ASN A 273 -7.91 -0.06 -9.82
C ASN A 273 -7.53 -1.09 -10.86
N ASN A 274 -8.47 -1.97 -11.19
CA ASN A 274 -8.29 -3.03 -12.15
C ASN A 274 -9.50 -3.06 -13.05
N ASP A 275 -9.32 -3.64 -14.24
CA ASP A 275 -10.43 -3.78 -15.18
C ASP A 275 -11.50 -4.73 -14.65
N GLY A 276 -11.09 -5.81 -14.01
CA GLY A 276 -12.02 -6.86 -13.71
C GLY A 276 -12.20 -7.73 -14.95
N SER A 277 -13.33 -8.42 -15.01
CA SER A 277 -13.68 -9.19 -16.19
C SER A 277 -14.55 -8.41 -17.15
N GLU A 278 -14.68 -7.10 -16.96
CA GLU A 278 -15.54 -6.25 -17.77
C GLU A 278 -14.82 -5.78 -19.04
N LYS A 279 -14.36 -6.76 -19.81
CA LYS A 279 -13.65 -6.55 -21.06
C LYS A 279 -13.75 -7.85 -21.85
N ILE A 280 -13.24 -7.83 -23.07
CA ILE A 280 -13.37 -8.99 -23.95
C ILE A 280 -12.52 -10.16 -23.45
N SER A 281 -11.26 -9.90 -23.14
CA SER A 281 -10.38 -10.93 -22.58
C SER A 281 -9.38 -10.25 -21.66
N TYR A 282 -8.43 -11.05 -21.17
CA TYR A 282 -7.46 -10.56 -20.18
C TYR A 282 -6.49 -9.56 -20.80
N THR A 283 -6.16 -9.71 -22.07
CA THR A 283 -5.26 -8.78 -22.75
C THR A 283 -5.96 -7.49 -23.19
N ALA A 284 -7.27 -7.43 -23.13
CA ALA A 284 -7.99 -6.23 -23.53
C ALA A 284 -7.86 -5.14 -22.47
N PRO A 285 -7.94 -3.86 -22.88
CA PRO A 285 -8.08 -2.78 -21.89
C PRO A 285 -9.53 -2.41 -21.68
N SER A 286 -9.84 -1.50 -20.76
CA SER A 286 -11.22 -1.07 -20.62
C SER A 286 -11.34 0.40 -20.27
N VAL A 287 -12.10 1.09 -21.11
CA VAL A 287 -12.36 2.52 -21.03
C VAL A 287 -12.95 2.90 -19.69
N ASP A 288 -13.88 2.08 -19.18
CA ASP A 288 -14.58 2.40 -17.94
C ASP A 288 -13.66 2.33 -16.74
N ALA A 289 -12.75 1.35 -16.70
CA ALA A 289 -11.81 1.25 -15.58
C ALA A 289 -10.79 2.37 -15.60
N GLN A 290 -10.22 2.67 -16.78
CA GLN A 290 -9.23 3.75 -16.81
C GLN A 290 -9.88 5.11 -16.57
N ALA A 291 -11.12 5.32 -17.03
CA ALA A 291 -11.83 6.55 -16.71
C ALA A 291 -12.18 6.62 -15.23
N ARG A 292 -12.46 5.47 -14.60
CA ARG A 292 -12.68 5.42 -13.16
C ARG A 292 -11.43 5.83 -12.39
N ALA A 293 -10.27 5.33 -12.82
CA ALA A 293 -9.01 5.72 -12.19
C ALA A 293 -8.72 7.20 -12.36
N ILE A 294 -8.94 7.75 -13.55
CA ILE A 294 -8.66 9.16 -13.78
C ILE A 294 -9.58 10.05 -12.97
N ALA A 295 -10.89 9.74 -12.97
CA ALA A 295 -11.84 10.56 -12.22
C ALA A 295 -11.71 10.38 -10.72
N GLN A 296 -11.31 9.19 -10.26
CA GLN A 296 -11.07 8.97 -8.84
C GLN A 296 -9.83 9.72 -8.36
N ALA A 297 -8.76 9.71 -9.17
CA ALA A 297 -7.56 10.48 -8.83
C ALA A 297 -7.85 11.98 -8.80
N GLN A 298 -8.62 12.48 -9.77
CA GLN A 298 -8.98 13.89 -9.75
C GLN A 298 -10.00 14.23 -8.68
N ARG A 299 -10.73 13.25 -8.17
CA ARG A 299 -11.67 13.49 -7.08
C ARG A 299 -10.98 13.52 -5.72
N LEU A 300 -10.09 12.55 -5.46
CA LEU A 300 -9.27 12.60 -4.25
C LEU A 300 -8.29 13.75 -4.29
N ALA A 301 -7.91 14.20 -5.48
CA ALA A 301 -7.09 15.39 -5.64
C ALA A 301 -7.80 16.68 -5.30
N GLY A 302 -9.13 16.65 -5.15
CA GLY A 302 -9.90 17.84 -4.92
C GLY A 302 -9.95 18.76 -6.12
N LEU A 303 -10.03 18.19 -7.32
CA LEU A 303 -9.89 18.93 -8.56
C LEU A 303 -11.01 18.53 -9.52
N THR A 304 -11.02 19.21 -10.65
CA THR A 304 -11.95 19.02 -11.76
C THR A 304 -11.12 18.84 -13.01
N PRO A 305 -11.67 18.18 -14.05
CA PRO A 305 -10.89 18.01 -15.29
C PRO A 305 -10.55 19.29 -16.02
N GLN A 306 -11.24 20.40 -15.76
CA GLN A 306 -10.86 21.69 -16.33
C GLN A 306 -9.50 22.16 -15.81
N ASP A 307 -9.11 21.74 -14.61
CA ASP A 307 -7.87 22.18 -14.00
C ASP A 307 -6.64 21.46 -14.53
N ILE A 308 -6.80 20.36 -15.25
CA ILE A 308 -5.71 19.48 -15.64
C ILE A 308 -5.30 19.86 -17.06
N THR A 309 -4.19 20.58 -17.20
CA THR A 309 -3.77 21.16 -18.46
C THR A 309 -2.64 20.35 -19.10
N TYR A 310 -2.12 19.34 -18.42
CA TYR A 310 -1.30 18.35 -19.10
C TYR A 310 -1.74 16.98 -18.62
N VAL A 311 -1.66 15.98 -19.49
CA VAL A 311 -1.91 14.60 -19.11
C VAL A 311 -0.80 13.78 -19.72
N GLU A 312 -0.01 13.12 -18.88
CA GLU A 312 0.92 12.12 -19.38
C GLU A 312 0.14 10.84 -19.52
N ALA A 313 -0.31 10.55 -20.73
CA ALA A 313 -1.00 9.31 -20.98
C ALA A 313 -0.02 8.16 -20.94
N HIS A 314 -0.55 6.95 -20.83
CA HIS A 314 0.29 5.77 -20.94
C HIS A 314 0.94 5.72 -22.30
N GLY A 315 0.15 5.81 -23.36
CA GLY A 315 0.61 6.17 -24.68
C GLY A 315 1.61 5.26 -25.35
N THR A 316 1.32 3.96 -25.41
CA THR A 316 2.29 3.05 -26.00
C THR A 316 2.27 3.07 -27.52
N GLY A 317 1.24 3.61 -28.13
CA GLY A 317 1.20 3.65 -29.57
C GLY A 317 0.73 2.38 -30.23
N THR A 318 -0.08 1.57 -29.55
CA THR A 318 -0.56 0.32 -30.09
C THR A 318 -2.02 0.43 -30.50
N ARG A 319 -2.43 -0.48 -31.39
CA ARG A 319 -3.69 -0.33 -32.14
C ARG A 319 -4.91 -0.41 -31.23
N LEU A 320 -4.90 -1.32 -30.27
CA LEU A 320 -6.04 -1.45 -29.36
C LEU A 320 -5.89 -0.60 -28.11
N GLY A 321 -4.76 0.07 -27.94
CA GLY A 321 -4.50 0.77 -26.70
C GLY A 321 -4.72 2.27 -26.75
N ASP A 322 -4.28 2.92 -27.83
CA ASP A 322 -4.49 4.36 -27.95
C ASP A 322 -5.95 4.80 -28.00
N PRO A 323 -6.85 4.18 -28.78
CA PRO A 323 -8.24 4.68 -28.75
C PRO A 323 -8.94 4.40 -27.44
N VAL A 324 -8.57 3.32 -26.74
CA VAL A 324 -9.16 3.03 -25.44
C VAL A 324 -8.68 4.04 -24.40
N GLU A 325 -7.38 4.34 -24.42
CA GLU A 325 -6.81 5.33 -23.50
C GLU A 325 -7.39 6.71 -23.75
N PHE A 326 -7.59 7.06 -25.02
CA PHE A 326 -8.21 8.33 -25.34
C PHE A 326 -9.69 8.35 -25.04
N SER A 327 -10.40 7.23 -25.21
CA SER A 327 -11.81 7.16 -24.86
C SER A 327 -12.01 7.33 -23.35
N ALA A 328 -11.13 6.70 -22.57
CA ALA A 328 -11.16 6.87 -21.12
C ALA A 328 -10.81 8.28 -20.71
N LEU A 329 -9.83 8.89 -21.38
CA LEU A 329 -9.46 10.26 -21.09
C LEU A 329 -10.58 11.23 -21.44
N SER A 330 -11.25 11.01 -22.57
CA SER A 330 -12.40 11.83 -22.95
C SER A 330 -13.56 11.65 -21.98
N GLN A 331 -13.83 10.41 -21.58
CA GLN A 331 -14.92 10.12 -20.66
C GLN A 331 -14.67 10.70 -19.28
N ALA A 332 -13.42 10.71 -18.82
CA ALA A 332 -13.11 11.27 -17.52
C ALA A 332 -12.98 12.78 -17.56
N PHE A 333 -12.62 13.34 -18.70
CA PHE A 333 -12.51 14.77 -18.88
C PHE A 333 -13.78 15.39 -19.44
N ALA A 334 -14.85 14.60 -19.55
CA ALA A 334 -16.07 15.02 -20.24
C ALA A 334 -16.81 16.14 -19.53
N GLY A 335 -16.51 16.41 -18.26
CA GLY A 335 -17.19 17.49 -17.57
C GLY A 335 -16.72 18.89 -17.92
N ALA A 336 -15.66 19.03 -18.72
CA ALA A 336 -15.09 20.33 -19.01
C ALA A 336 -15.62 20.86 -20.34
N SER A 337 -16.07 22.12 -20.33
CA SER A 337 -16.72 22.75 -21.47
C SER A 337 -15.75 23.48 -22.38
N GLN A 338 -14.45 23.34 -22.16
CA GLN A 338 -13.44 23.91 -23.03
C GLN A 338 -12.93 22.83 -23.98
N LYS A 339 -12.43 23.26 -25.13
CA LYS A 339 -11.95 22.34 -26.15
C LYS A 339 -10.46 22.56 -26.39
N GLN A 340 -9.71 21.47 -26.33
CA GLN A 340 -8.25 21.42 -26.56
C GLN A 340 -7.49 22.38 -25.64
N TYR A 341 -7.86 22.38 -24.37
CA TYR A 341 -7.13 23.14 -23.35
C TYR A 341 -6.01 22.34 -22.72
N CYS A 342 -6.10 21.02 -22.72
CA CYS A 342 -5.19 20.13 -22.01
C CYS A 342 -4.19 19.53 -22.99
N ALA A 343 -2.91 19.62 -22.67
CA ALA A 343 -1.91 18.94 -23.48
C ALA A 343 -1.94 17.45 -23.20
N LEU A 344 -1.57 16.67 -24.19
CA LEU A 344 -1.52 15.22 -24.06
C LEU A 344 -0.18 14.75 -24.59
N GLY A 345 0.49 13.91 -23.81
CA GLY A 345 1.78 13.43 -24.24
C GLY A 345 2.07 12.06 -23.69
N SER A 346 3.05 11.42 -24.29
CA SER A 346 3.65 10.24 -23.72
C SER A 346 5.16 10.37 -23.81
N VAL A 347 5.86 9.74 -22.86
CA VAL A 347 7.32 9.71 -22.87
C VAL A 347 7.84 8.57 -23.74
N LYS A 348 6.97 7.63 -24.12
CA LYS A 348 7.43 6.46 -24.85
C LYS A 348 7.80 6.81 -26.28
N THR A 349 7.33 7.94 -26.78
CA THR A 349 7.79 8.45 -28.06
C THR A 349 9.28 8.75 -28.01
N ASN A 350 9.74 9.38 -26.93
CA ASN A 350 11.15 9.68 -26.75
C ASN A 350 11.96 8.43 -26.40
N ILE A 351 11.53 7.66 -25.40
CA ILE A 351 12.40 6.66 -24.82
C ILE A 351 11.97 5.22 -25.06
N GLY A 352 10.70 4.97 -25.35
CA GLY A 352 10.24 3.61 -25.53
C GLY A 352 9.42 3.14 -24.35
N HIS A 353 9.00 1.87 -24.43
CA HIS A 353 8.17 1.27 -23.39
C HIS A 353 9.08 0.67 -22.33
N LEU A 354 9.15 1.30 -21.16
CA LEU A 354 10.12 0.83 -20.19
C LEU A 354 9.58 -0.26 -19.29
N ASP A 355 8.31 -0.63 -19.42
CA ASP A 355 7.71 -1.92 -19.05
C ASP A 355 7.58 -2.20 -17.55
N THR A 356 8.39 -1.54 -16.74
CA THR A 356 8.20 -1.60 -15.26
C THR A 356 8.52 -0.19 -14.81
N ALA A 357 9.57 0.41 -15.40
CA ALA A 357 9.91 1.81 -15.10
C ALA A 357 8.95 2.75 -15.84
N ALA A 358 8.20 2.24 -16.83
CA ALA A 358 7.18 3.08 -17.48
C ALA A 358 6.18 3.47 -16.38
N GLY A 359 5.98 4.76 -16.13
CA GLY A 359 5.13 5.11 -15.02
C GLY A 359 5.87 5.94 -14.02
N VAL A 360 7.12 5.59 -13.74
CA VAL A 360 7.96 6.54 -13.04
C VAL A 360 8.73 7.38 -14.05
N ALA A 361 8.96 6.86 -15.26
CA ALA A 361 9.50 7.69 -16.33
C ALA A 361 8.53 8.79 -16.73
N GLY A 362 7.25 8.44 -16.90
CA GLY A 362 6.23 9.44 -17.15
C GLY A 362 5.98 10.37 -15.99
N LEU A 363 6.04 9.86 -14.75
CA LEU A 363 5.88 10.73 -13.59
C LEU A 363 7.07 11.65 -13.40
N ILE A 364 8.27 11.18 -13.74
CA ILE A 364 9.47 12.01 -13.68
C ILE A 364 9.41 13.12 -14.72
N LYS A 365 9.04 12.76 -15.96
CA LYS A 365 8.80 13.76 -17.02
C LYS A 365 7.75 14.77 -16.62
N THR A 366 6.67 14.30 -16.03
CA THR A 366 5.55 15.15 -15.71
C THR A 366 5.84 16.03 -14.50
N ALA A 367 6.59 15.52 -13.52
CA ALA A 367 6.97 16.32 -12.36
C ALA A 367 7.99 17.37 -12.73
N LEU A 368 8.91 17.03 -13.62
CA LEU A 368 9.82 18.01 -14.19
C LEU A 368 9.07 19.08 -14.97
N ALA A 369 8.10 18.66 -15.78
CA ALA A 369 7.30 19.60 -16.57
C ALA A 369 6.47 20.50 -15.67
N VAL A 370 5.94 19.97 -14.58
CA VAL A 370 5.16 20.75 -13.64
C VAL A 370 6.03 21.77 -12.92
N GLN A 371 7.23 21.35 -12.49
CA GLN A 371 8.12 22.25 -11.77
C GLN A 371 8.70 23.33 -12.67
N GLN A 372 9.18 22.93 -13.85
CA GLN A 372 9.83 23.86 -14.77
C GLN A 372 8.83 24.84 -15.38
N GLY A 373 7.71 24.32 -15.84
CA GLY A 373 6.76 25.11 -16.60
C GLY A 373 6.87 24.90 -18.08
N ILE A 374 7.40 23.77 -18.52
CA ILE A 374 7.64 23.49 -19.93
C ILE A 374 7.11 22.10 -20.21
N ILE A 375 6.22 21.98 -21.20
CA ILE A 375 5.74 20.68 -21.66
C ILE A 375 6.63 20.23 -22.82
N PRO A 376 7.33 19.12 -22.71
CA PRO A 376 8.14 18.64 -23.83
C PRO A 376 7.28 18.10 -24.96
N ALA A 377 7.90 17.95 -26.11
CA ALA A 377 7.21 17.51 -27.30
C ALA A 377 6.90 16.03 -27.26
N THR A 378 5.85 15.64 -27.96
CA THR A 378 5.54 14.25 -28.23
C THR A 378 6.03 13.93 -29.64
N LEU A 379 6.86 12.92 -29.76
CA LEU A 379 7.52 12.69 -31.03
C LEU A 379 6.61 11.96 -32.00
N HIS A 380 6.95 12.09 -33.29
CA HIS A 380 6.36 11.38 -34.43
C HIS A 380 4.88 11.67 -34.64
N PHE A 381 4.29 12.66 -33.95
CA PHE A 381 2.86 12.90 -34.08
C PHE A 381 2.61 13.93 -35.16
N GLU A 382 1.95 13.52 -36.24
CA GLU A 382 1.53 14.42 -37.29
C GLU A 382 0.02 14.54 -37.36
N ARG A 383 -0.67 13.42 -37.52
CA ARG A 383 -2.12 13.31 -37.59
C ARG A 383 -2.60 12.45 -36.44
N PRO A 384 -3.80 12.72 -35.91
CA PRO A 384 -4.37 11.85 -34.88
C PRO A 384 -4.70 10.46 -35.43
N ASN A 385 -5.02 9.56 -34.52
CA ASN A 385 -5.44 8.22 -34.89
C ASN A 385 -6.80 8.28 -35.58
N ALA A 386 -7.13 7.22 -36.32
CA ALA A 386 -8.43 7.17 -36.99
C ALA A 386 -9.57 7.11 -35.99
N GLN A 387 -9.36 6.46 -34.85
CA GLN A 387 -10.37 6.38 -33.81
C GLN A 387 -10.25 7.47 -32.77
N ILE A 388 -9.29 8.37 -32.89
CA ILE A 388 -9.07 9.46 -31.93
C ILE A 388 -9.38 10.78 -32.61
N ASP A 389 -10.28 11.56 -32.01
CA ASP A 389 -10.66 12.85 -32.57
C ASP A 389 -10.25 13.95 -31.60
N LEU A 390 -9.08 14.55 -31.85
CA LEU A 390 -8.51 15.55 -30.94
C LEU A 390 -9.32 16.84 -30.89
N THR A 391 -9.95 17.22 -32.01
CA THR A 391 -10.40 18.61 -32.16
C THR A 391 -11.62 18.92 -31.30
N ASN A 392 -12.49 17.94 -31.09
CA ASN A 392 -13.65 18.10 -30.22
C ASN A 392 -13.34 17.71 -28.79
N SER A 393 -12.29 16.93 -28.59
CA SER A 393 -11.84 16.46 -27.31
C SER A 393 -11.15 17.59 -26.56
N PRO A 394 -10.90 17.43 -25.27
CA PRO A 394 -10.07 18.40 -24.55
C PRO A 394 -8.57 18.34 -24.81
N PHE A 395 -8.07 17.45 -25.66
CA PHE A 395 -6.65 17.18 -25.73
C PHE A 395 -6.05 17.57 -27.07
N TYR A 396 -4.93 18.27 -27.02
CA TYR A 396 -4.00 18.40 -28.12
C TYR A 396 -2.73 17.65 -27.79
N ILE A 397 -2.01 17.23 -28.82
CA ILE A 397 -0.75 16.52 -28.66
C ILE A 397 0.36 17.39 -29.23
N ASN A 398 1.30 17.78 -28.37
CA ASN A 398 2.37 18.70 -28.73
C ASN A 398 3.33 18.04 -29.70
N THR A 399 3.58 18.71 -30.82
CA THR A 399 4.59 18.24 -31.75
C THR A 399 5.94 18.89 -31.49
N THR A 400 5.94 20.13 -31.01
CA THR A 400 7.16 20.82 -30.59
C THR A 400 7.04 21.18 -29.12
N CYS A 401 8.18 21.25 -28.46
CA CYS A 401 8.27 21.53 -27.03
C CYS A 401 7.82 22.95 -26.74
N GLN A 402 6.76 23.09 -25.94
CA GLN A 402 6.20 24.41 -25.68
C GLN A 402 6.26 24.73 -24.19
N PRO A 403 6.15 26.01 -23.82
CA PRO A 403 5.97 26.34 -22.40
C PRO A 403 4.62 25.94 -21.85
N TRP A 404 4.37 26.28 -20.60
CA TRP A 404 3.16 25.85 -19.91
C TRP A 404 2.69 27.02 -19.05
N GLN A 405 1.73 27.79 -19.58
CA GLN A 405 1.08 28.86 -18.82
C GLN A 405 -0.42 28.64 -18.90
N PRO A 406 -1.01 28.00 -17.89
CA PRO A 406 -2.46 27.78 -17.91
C PRO A 406 -3.22 29.07 -17.70
N GLU A 407 -4.54 28.99 -17.86
CA GLU A 407 -5.37 30.16 -17.60
C GLU A 407 -5.45 30.45 -16.12
N SER A 408 -5.34 29.43 -15.28
CA SER A 408 -5.07 29.64 -13.86
C SER A 408 -3.57 29.84 -13.68
N GLY A 409 -3.16 30.20 -12.47
CA GLY A 409 -1.74 30.34 -12.24
C GLY A 409 -1.01 29.03 -12.10
N ILE A 410 -1.73 27.94 -11.84
CA ILE A 410 -1.16 26.73 -11.26
C ILE A 410 -1.27 25.56 -12.23
N ARG A 411 -0.18 24.81 -12.35
CA ARG A 411 0.02 23.79 -13.38
C ARG A 411 -0.29 22.42 -12.81
N ARG A 412 -1.51 21.94 -13.02
CA ARG A 412 -1.89 20.60 -12.63
C ARG A 412 -1.72 19.66 -13.80
N ALA A 413 -1.35 18.42 -13.49
CA ALA A 413 -1.12 17.44 -14.53
C ALA A 413 -1.65 16.11 -14.08
N GLY A 414 -1.59 15.13 -14.98
CA GLY A 414 -2.05 13.80 -14.65
C GLY A 414 -1.17 12.76 -15.28
N VAL A 415 -0.77 11.74 -14.54
CA VAL A 415 0.09 10.69 -15.05
C VAL A 415 -0.67 9.39 -15.03
N THR A 416 -0.82 8.77 -16.18
CA THR A 416 -1.52 7.50 -16.32
C THR A 416 -0.53 6.41 -16.64
N SER A 417 -0.57 5.33 -15.88
CA SER A 417 0.18 4.13 -16.24
C SER A 417 -0.78 2.96 -16.19
N LEU A 418 -0.63 2.04 -17.13
CA LEU A 418 -1.56 0.94 -17.31
C LEU A 418 -0.80 -0.37 -17.36
N GLY A 419 -1.23 -1.32 -16.59
CA GLY A 419 -0.61 -2.61 -16.60
C GLY A 419 -1.19 -3.53 -17.64
N MET A 420 -0.43 -4.58 -17.95
CA MET A 420 -0.87 -5.58 -18.91
C MET A 420 -1.90 -6.53 -18.33
N GLY A 421 -2.05 -6.56 -17.02
CA GLY A 421 -3.04 -7.38 -16.38
C GLY A 421 -4.31 -6.66 -15.99
N GLY A 422 -4.49 -5.43 -16.42
CA GLY A 422 -5.70 -4.68 -16.14
C GLY A 422 -5.54 -3.56 -15.17
N THR A 423 -4.37 -3.39 -14.58
CA THR A 423 -4.19 -2.41 -13.50
C THR A 423 -3.98 -1.02 -14.08
N ASN A 424 -4.73 -0.06 -13.57
CA ASN A 424 -4.71 1.31 -14.06
C ASN A 424 -4.38 2.23 -12.89
N ALA A 425 -3.24 2.90 -12.96
CA ALA A 425 -2.91 3.92 -11.99
C ALA A 425 -2.97 5.29 -12.64
N HIS A 426 -3.56 6.24 -11.95
CA HIS A 426 -3.53 7.63 -12.36
C HIS A 426 -3.09 8.47 -11.20
N VAL A 427 -2.23 9.44 -11.45
CA VAL A 427 -1.70 10.32 -10.41
C VAL A 427 -1.93 11.75 -10.84
N VAL A 428 -2.60 12.51 -10.03
CA VAL A 428 -2.80 13.93 -10.28
C VAL A 428 -1.69 14.69 -9.57
N LEU A 429 -1.11 15.67 -10.25
CA LEU A 429 0.25 16.11 -9.95
C LEU A 429 0.30 17.63 -10.04
N GLU A 430 0.12 18.30 -8.92
CA GLU A 430 0.00 19.75 -8.87
C GLU A 430 1.37 20.43 -8.79
N GLN A 431 1.37 21.72 -9.11
CA GLN A 431 2.53 22.57 -8.89
C GLN A 431 2.80 22.71 -7.40
N ALA A 432 4.08 22.84 -7.07
CA ALA A 432 4.48 23.12 -5.71
C ALA A 432 4.02 24.53 -5.33
N PRO A 433 3.62 24.75 -4.08
CA PRO A 433 3.22 26.10 -3.66
C PRO A 433 4.40 27.06 -3.71
N ALA A 434 4.10 28.29 -4.07
CA ALA A 434 5.13 29.28 -4.31
C ALA A 434 5.71 29.76 -2.99
N VAL A 435 7.02 29.73 -2.88
CA VAL A 435 7.71 30.34 -1.76
C VAL A 435 7.94 31.81 -2.08
N ASP A 436 8.23 32.59 -1.04
CA ASP A 436 8.61 33.98 -1.22
C ASP A 436 10.14 34.03 -1.33
N LEU A 437 10.62 34.19 -2.57
CA LEU A 437 12.04 34.04 -2.86
C LEU A 437 12.87 35.21 -2.33
N GLN A 438 12.34 36.43 -2.36
CA GLN A 438 13.08 37.60 -1.92
C GLN A 438 13.03 37.80 -0.41
N ALA A 439 12.23 37.02 0.32
CA ALA A 439 12.03 37.26 1.73
C ALA A 439 13.17 36.78 2.60
N ARG A 440 14.04 35.91 2.09
CA ARG A 440 15.17 35.44 2.88
C ARG A 440 16.21 36.53 3.02
N ALA A 441 16.83 36.59 4.21
CA ALA A 441 18.02 37.37 4.42
C ALA A 441 19.12 36.86 3.49
N PRO A 442 19.99 37.74 2.96
CA PRO A 442 20.79 37.38 1.79
C PRO A 442 21.85 36.35 2.09
N VAL A 443 22.44 35.85 1.01
CA VAL A 443 23.43 34.77 1.08
C VAL A 443 24.69 35.28 1.78
N PRO A 444 25.34 34.47 2.61
CA PRO A 444 26.60 34.90 3.22
C PRO A 444 27.67 35.08 2.15
N ALA A 445 28.67 35.91 2.48
CA ALA A 445 29.60 36.41 1.49
C ALA A 445 30.47 35.31 0.91
N TYR A 446 30.78 34.28 1.68
CA TYR A 446 31.54 33.14 1.19
C TYR A 446 30.89 31.86 1.68
N SER A 447 31.08 30.78 0.95
CA SER A 447 30.50 29.50 1.28
C SER A 447 31.53 28.42 1.06
N ILE A 448 31.55 27.42 1.93
CA ILE A 448 32.34 26.22 1.70
C ILE A 448 31.51 25.30 0.84
N LEU A 449 32.12 24.72 -0.18
CA LEU A 449 31.47 23.74 -1.04
C LEU A 449 32.11 22.39 -0.79
N PRO A 450 31.59 21.60 0.13
CA PRO A 450 32.25 20.33 0.47
C PRO A 450 31.91 19.18 -0.46
N PHE A 451 32.93 18.58 -1.03
CA PHE A 451 32.79 17.39 -1.86
C PHE A 451 33.52 16.25 -1.19
N SER A 452 32.96 15.05 -1.26
CA SER A 452 33.57 13.91 -0.63
C SER A 452 33.16 12.65 -1.37
N ALA A 453 34.05 11.67 -1.41
CA ALA A 453 33.77 10.41 -2.06
C ALA A 453 34.61 9.30 -1.45
N LYS A 454 34.12 8.08 -1.59
CA LYS A 454 34.81 6.91 -1.04
C LYS A 454 36.10 6.58 -1.77
N THR A 455 36.31 7.15 -2.95
CA THR A 455 37.39 6.78 -3.83
C THR A 455 37.89 8.07 -4.46
N ASP A 456 39.18 8.11 -4.83
CA ASP A 456 39.68 9.29 -5.51
C ASP A 456 39.14 9.39 -6.93
N SER A 457 38.86 8.25 -7.56
CA SER A 457 38.21 8.24 -8.88
C SER A 457 36.84 8.90 -8.80
N ALA A 458 36.05 8.49 -7.81
CA ALA A 458 34.72 9.03 -7.62
C ALA A 458 34.73 10.50 -7.26
N LEU A 459 35.70 10.96 -6.47
CA LEU A 459 35.80 12.39 -6.19
C LEU A 459 36.26 13.18 -7.40
N SER A 460 37.16 12.63 -8.23
CA SER A 460 37.58 13.31 -9.46
C SER A 460 36.41 13.49 -10.42
N SER A 461 35.69 12.41 -10.71
CA SER A 461 34.55 12.50 -11.60
C SER A 461 33.37 13.25 -10.98
N GLY A 462 33.21 13.24 -9.66
CA GLY A 462 32.20 14.08 -9.05
C GLY A 462 32.55 15.54 -8.97
N LEU A 463 33.83 15.88 -9.02
CA LEU A 463 34.21 17.27 -9.20
C LEU A 463 33.99 17.70 -10.64
N ALA A 464 34.21 16.79 -11.58
CA ALA A 464 33.93 17.06 -12.99
C ALA A 464 32.44 17.32 -13.22
N ARG A 465 31.58 16.55 -12.55
CA ARG A 465 30.13 16.73 -12.71
C ARG A 465 29.65 18.06 -12.14
N PHE A 466 30.15 18.47 -10.99
CA PHE A 466 29.87 19.83 -10.52
C PHE A 466 30.54 20.91 -11.37
N ALA A 467 31.63 20.62 -12.06
CA ALA A 467 32.18 21.60 -12.99
C ALA A 467 31.23 21.85 -14.16
N ASP A 468 30.74 20.76 -14.76
CA ASP A 468 29.75 20.88 -15.85
C ASP A 468 28.42 21.44 -15.35
N PHE A 469 28.06 21.16 -14.09
CA PHE A 469 26.84 21.70 -13.52
C PHE A 469 26.94 23.21 -13.31
N LEU A 470 28.06 23.66 -12.73
CA LEU A 470 28.22 25.08 -12.45
C LEU A 470 28.63 25.86 -13.70
N GLN A 471 28.94 25.16 -14.80
CA GLN A 471 29.07 25.78 -16.11
C GLN A 471 27.73 25.90 -16.84
N HIS A 472 26.62 25.85 -16.12
CA HIS A 472 25.35 26.35 -16.62
C HIS A 472 25.21 27.80 -16.16
N GLU A 473 24.02 28.36 -16.32
CA GLU A 473 23.61 29.59 -15.67
C GLU A 473 22.24 29.35 -15.09
N SER A 474 21.69 30.40 -14.45
CA SER A 474 20.53 30.30 -13.55
C SER A 474 20.76 29.21 -12.51
N LEU A 475 21.91 29.30 -11.86
CA LEU A 475 22.36 28.33 -10.88
C LEU A 475 21.55 28.50 -9.59
N PRO A 476 21.57 27.51 -8.70
CA PRO A 476 20.89 27.68 -7.40
C PRO A 476 21.55 28.74 -6.55
N ASP A 477 20.83 29.12 -5.49
CA ASP A 477 21.39 29.97 -4.45
C ASP A 477 22.57 29.26 -3.83
N ARG A 478 23.66 30.02 -3.61
CA ARG A 478 24.90 29.42 -3.14
C ARG A 478 24.78 28.96 -1.70
N ARG A 479 23.94 29.65 -0.91
CA ARG A 479 23.56 29.17 0.41
C ARG A 479 22.92 27.80 0.33
N ASP A 480 22.08 27.60 -0.67
CA ASP A 480 21.35 26.35 -0.85
C ASP A 480 22.20 25.24 -1.42
N LEU A 481 23.11 25.54 -2.36
CA LEU A 481 24.05 24.54 -2.84
C LEU A 481 25.03 24.14 -1.75
N ALA A 482 25.46 25.10 -0.93
CA ALA A 482 26.34 24.81 0.20
C ALA A 482 25.64 23.96 1.26
N TRP A 483 24.40 24.31 1.60
CA TRP A 483 23.57 23.55 2.52
C TRP A 483 23.29 22.13 2.05
N THR A 484 23.02 21.94 0.76
CA THR A 484 22.77 20.59 0.28
C THR A 484 24.06 19.78 0.17
N LEU A 485 25.19 20.44 -0.09
CA LEU A 485 26.45 19.72 -0.11
C LEU A 485 26.93 19.34 1.27
N SER A 486 26.54 20.09 2.29
CA SER A 486 26.93 19.77 3.66
C SER A 486 25.92 18.85 4.34
N GLN A 487 24.68 19.31 4.53
CA GLN A 487 23.59 18.47 4.99
C GLN A 487 22.84 17.97 3.78
N GLY A 488 23.14 16.77 3.35
CA GLY A 488 22.50 16.27 2.15
C GLY A 488 23.45 15.39 1.39
N ARG A 489 24.72 15.48 1.74
CA ARG A 489 25.74 14.57 1.27
C ARG A 489 26.40 13.90 2.46
N LYS A 490 26.69 12.62 2.31
CA LYS A 490 27.47 11.91 3.31
C LYS A 490 28.93 12.32 3.20
N ALA A 491 29.55 12.62 4.34
CA ALA A 491 30.95 13.00 4.37
C ALA A 491 31.79 11.73 4.29
N PHE A 492 32.44 11.53 3.15
CA PHE A 492 33.21 10.33 2.87
C PHE A 492 34.70 10.60 3.05
N ALA A 493 35.53 9.62 2.67
CA ALA A 493 36.95 9.65 3.02
C ALA A 493 37.73 10.64 2.17
N HIS A 494 37.70 10.49 0.85
CA HIS A 494 38.43 11.40 -0.02
C HIS A 494 37.64 12.68 -0.19
N ARG A 495 38.17 13.79 0.29
CA ARG A 495 37.42 15.02 0.40
C ARG A 495 38.02 16.13 -0.45
N ALA A 496 37.24 17.18 -0.61
CA ALA A 496 37.61 18.41 -1.28
C ALA A 496 36.65 19.48 -0.80
N ALA A 497 37.11 20.73 -0.81
CA ALA A 497 36.25 21.82 -0.37
C ALA A 497 36.72 23.10 -1.02
N LEU A 498 35.78 23.99 -1.27
CA LEU A 498 36.03 25.21 -2.01
C LEU A 498 35.37 26.37 -1.30
N VAL A 499 36.14 27.42 -1.05
CA VAL A 499 35.59 28.66 -0.50
C VAL A 499 35.50 29.65 -1.64
N THR A 500 34.26 29.98 -2.03
CA THR A 500 34.00 30.80 -3.20
C THR A 500 32.89 31.79 -2.87
N ARG A 501 32.79 32.80 -3.72
CA ARG A 501 31.72 33.77 -3.67
C ARG A 501 30.98 33.91 -4.99
N ASP A 502 31.46 33.29 -6.07
CA ASP A 502 30.75 33.18 -7.32
C ASP A 502 30.72 31.71 -7.70
N LEU A 503 29.54 31.22 -8.05
CA LEU A 503 29.43 29.81 -8.42
C LEU A 503 30.01 29.53 -9.80
N HIS A 504 30.00 30.52 -10.68
CA HIS A 504 30.64 30.35 -11.98
C HIS A 504 32.16 30.32 -11.83
N ALA A 505 32.69 31.14 -10.92
CA ALA A 505 34.11 31.07 -10.57
C ALA A 505 34.46 29.73 -9.96
N ALA A 506 33.56 29.18 -9.14
CA ALA A 506 33.72 27.85 -8.59
C ALA A 506 33.71 26.77 -9.67
N GLY A 507 32.87 26.92 -10.69
CA GLY A 507 32.87 25.98 -11.79
C GLY A 507 34.11 26.03 -12.64
N THR A 508 34.62 27.24 -12.93
CA THR A 508 35.90 27.37 -13.61
C THR A 508 37.04 26.85 -12.76
N LEU A 509 36.90 26.94 -11.43
CA LEU A 509 37.90 26.39 -10.53
C LEU A 509 37.88 24.87 -10.53
N LEU A 510 36.69 24.28 -10.57
CA LEU A 510 36.52 22.84 -10.57
C LEU A 510 36.82 22.20 -11.92
N GLN A 511 36.77 22.98 -12.99
CA GLN A 511 37.19 22.48 -14.31
C GLN A 511 38.67 22.13 -14.35
N GLN A 512 39.50 22.89 -13.63
CA GLN A 512 40.93 22.59 -13.50
C GLN A 512 41.15 21.92 -12.15
N ALA A 513 40.79 20.64 -12.07
CA ALA A 513 40.94 19.88 -10.84
C ALA A 513 42.24 19.11 -10.78
N ALA A 514 42.96 18.97 -11.90
CA ALA A 514 44.29 18.38 -11.85
C ALA A 514 45.29 19.36 -11.26
N THR A 515 45.22 20.62 -11.67
CA THR A 515 46.06 21.70 -11.15
C THR A 515 45.32 22.52 -10.11
N ALA A 516 44.54 21.84 -9.27
CA ALA A 516 43.54 22.45 -8.40
C ALA A 516 44.16 23.26 -7.27
N PRO A 517 43.85 24.55 -7.17
CA PRO A 517 44.16 25.30 -5.95
C PRO A 517 43.02 25.40 -4.94
N PHE A 518 42.50 24.28 -4.47
CA PHE A 518 41.60 24.28 -3.32
C PHE A 518 42.00 23.13 -2.40
N ALA A 519 41.32 23.05 -1.26
CA ALA A 519 41.58 21.99 -0.29
C ALA A 519 41.16 20.65 -0.85
N ARG A 520 42.02 19.64 -0.69
CA ARG A 520 41.78 18.33 -1.27
C ARG A 520 42.65 17.31 -0.55
N GLY A 521 42.07 16.18 -0.18
CA GLY A 521 42.84 15.13 0.43
C GLY A 521 42.02 14.07 1.13
N VAL A 522 42.55 12.86 1.22
CA VAL A 522 41.85 11.78 1.90
C VAL A 522 41.85 12.04 3.40
N ALA A 523 40.70 11.85 4.03
CA ALA A 523 40.49 12.24 5.41
C ALA A 523 40.73 11.07 6.33
N GLN A 524 41.75 11.19 7.17
CA GLN A 524 41.90 10.35 8.34
C GLN A 524 40.96 10.88 9.43
N THR A 525 40.98 10.22 10.59
CA THR A 525 39.99 10.56 11.62
C THR A 525 40.24 11.93 12.23
N GLN A 526 41.49 12.22 12.64
CA GLN A 526 41.87 13.45 13.32
C GLN A 526 40.99 13.74 14.54
N LEU A 527 41.17 12.87 15.53
CA LEU A 527 40.54 13.06 16.83
C LEU A 527 41.03 14.33 17.53
N GLY A 528 42.28 14.73 17.29
CA GLY A 528 42.89 15.81 18.03
C GLY A 528 43.23 17.02 17.16
N LEU A 529 43.25 18.18 17.79
CA LEU A 529 43.67 19.42 17.16
C LEU A 529 44.37 20.29 18.17
N GLY A 530 45.55 20.76 17.83
CA GLY A 530 46.23 21.70 18.68
C GLY A 530 45.82 23.13 18.43
N LEU A 531 45.97 23.97 19.44
CA LEU A 531 45.57 25.37 19.36
C LEU A 531 46.75 26.25 19.77
N LEU A 532 47.48 26.74 18.78
CA LEU A 532 48.64 27.60 19.03
C LEU A 532 48.17 29.03 19.16
N PHE A 533 47.95 29.46 20.38
CA PHE A 533 47.55 30.85 20.60
C PHE A 533 48.77 31.74 20.36
N SER A 534 48.56 32.83 19.64
CA SER A 534 49.64 33.53 18.98
C SER A 534 50.45 34.38 19.96
N GLY A 535 51.44 35.08 19.42
CA GLY A 535 52.39 35.83 20.20
C GLY A 535 51.87 37.17 20.67
N GLN A 536 52.63 38.24 20.45
CA GLN A 536 52.13 39.58 20.74
C GLN A 536 52.40 40.54 19.60
N GLY A 537 53.50 40.35 18.88
CA GLY A 537 53.91 41.29 17.86
C GLY A 537 53.51 40.87 16.46
N SER A 538 52.29 40.36 16.32
CA SER A 538 51.83 39.81 15.06
C SER A 538 50.40 40.21 14.78
N GLN A 539 50.05 41.47 15.02
CA GLN A 539 48.68 41.92 14.84
C GLN A 539 48.59 42.99 13.77
N TYR A 540 47.37 43.24 13.35
CA TYR A 540 47.05 44.27 12.36
C TYR A 540 45.76 44.94 12.77
N GLN A 541 45.56 46.15 12.28
CA GLN A 541 44.36 46.89 12.63
C GLN A 541 43.16 46.45 11.80
N ARG A 542 41.97 46.61 12.39
CA ARG A 542 40.71 45.99 11.94
C ARG A 542 40.83 44.48 11.82
N MET A 543 41.49 43.86 12.80
CA MET A 543 41.50 42.41 12.93
C MET A 543 40.25 41.92 13.64
N GLY A 544 39.68 40.83 13.13
CA GLY A 544 38.44 40.32 13.65
C GLY A 544 37.20 41.05 13.20
N HIS A 545 37.34 42.08 12.35
CA HIS A 545 36.20 42.92 12.01
C HIS A 545 35.23 42.22 11.07
N GLN A 546 35.73 41.36 10.18
CA GLN A 546 34.85 40.50 9.39
C GLN A 546 34.06 39.55 10.30
N LEU A 547 34.77 38.85 11.18
CA LEU A 547 34.16 37.82 12.02
C LEU A 547 33.25 38.42 13.08
N TYR A 548 33.49 39.67 13.48
CA TYR A 548 32.66 40.32 14.47
C TYR A 548 31.25 40.52 13.98
N GLN A 549 31.11 40.99 12.74
CA GLN A 549 29.82 41.29 12.16
C GLN A 549 29.18 40.10 11.48
N VAL A 550 29.97 39.11 11.06
CA VAL A 550 29.39 37.94 10.42
C VAL A 550 28.89 36.93 11.46
N TRP A 551 29.71 36.64 12.46
CA TRP A 551 29.47 35.52 13.38
C TRP A 551 28.93 36.00 14.72
N PRO A 552 27.94 35.30 15.28
CA PRO A 552 27.41 35.73 16.59
C PRO A 552 28.25 35.29 17.77
N ALA A 553 28.94 34.13 17.67
CA ALA A 553 29.74 33.62 18.78
C ALA A 553 30.95 34.52 19.05
N TYR A 554 31.58 34.98 17.96
CA TYR A 554 32.64 35.98 18.07
C TYR A 554 32.13 37.26 18.69
N ALA A 555 30.96 37.72 18.26
CA ALA A 555 30.43 38.98 18.77
C ALA A 555 30.05 38.88 20.24
N ASP A 556 29.53 37.73 20.66
CA ASP A 556 29.19 37.51 22.07
C ASP A 556 30.44 37.53 22.94
N ALA A 557 31.46 36.74 22.56
CA ALA A 557 32.70 36.69 23.35
C ALA A 557 33.46 38.01 23.32
N PHE A 558 33.54 38.62 22.13
CA PHE A 558 34.24 39.90 21.99
C PHE A 558 33.49 41.00 22.73
N ASP A 559 32.16 40.92 22.79
CA ASP A 559 31.42 41.96 23.49
C ASP A 559 31.54 41.82 24.98
N ARG A 560 31.62 40.59 25.52
CA ARG A 560 31.83 40.49 26.96
C ARG A 560 33.25 40.91 27.35
N CYS A 561 34.24 40.58 26.51
CA CYS A 561 35.60 41.09 26.71
C CYS A 561 35.64 42.62 26.67
N ALA A 562 35.01 43.20 25.65
CA ALA A 562 35.08 44.62 25.45
C ALA A 562 34.25 45.38 26.47
N THR A 563 33.17 44.76 26.98
CA THR A 563 32.38 45.47 27.98
C THR A 563 33.07 45.41 29.32
N LEU A 564 33.92 44.39 29.56
CA LEU A 564 34.77 44.42 30.75
C LEU A 564 35.82 45.52 30.65
N LEU A 565 36.51 45.58 29.51
CA LEU A 565 37.60 46.54 29.36
C LEU A 565 37.10 47.98 29.33
N GLU A 566 35.91 48.20 28.75
CA GLU A 566 35.31 49.53 28.79
C GLU A 566 34.57 49.77 30.10
N ARG A 567 34.29 48.70 30.86
CA ARG A 567 33.63 48.86 32.14
C ARG A 567 34.58 49.45 33.17
N GLU A 568 35.80 48.93 33.26
CA GLU A 568 36.83 49.63 34.02
C GLU A 568 38.15 49.73 33.24
N TYR A 569 38.17 50.61 32.23
CA TYR A 569 39.38 51.15 31.62
C TYR A 569 39.05 52.42 30.84
N GLN A 570 40.05 53.26 30.57
CA GLN A 570 39.83 54.46 29.76
C GLN A 570 39.76 54.14 28.28
N LEU A 571 40.21 52.94 27.90
CA LEU A 571 40.21 52.50 26.51
C LEU A 571 38.82 52.03 26.08
N ASP A 572 38.71 51.71 24.79
CA ASP A 572 37.47 51.16 24.23
C ASP A 572 37.88 50.23 23.09
N ILE A 573 37.65 48.93 23.28
CA ILE A 573 38.17 47.92 22.35
C ILE A 573 37.46 48.00 21.01
N ARG A 574 36.13 48.18 21.03
CA ARG A 574 35.35 48.23 19.81
C ARG A 574 35.68 49.43 18.94
N HIS A 575 36.18 50.51 19.55
CA HIS A 575 36.58 51.70 18.80
C HIS A 575 37.88 51.48 18.04
N GLU A 576 38.88 50.86 18.68
CA GLU A 576 40.21 50.72 18.10
C GLU A 576 40.26 49.78 16.92
N LEU A 577 39.22 48.96 16.71
CA LEU A 577 39.22 47.97 15.65
C LEU A 577 38.14 48.24 14.61
N PHE A 578 36.91 48.42 15.05
CA PHE A 578 35.77 48.41 14.14
C PHE A 578 35.27 49.80 13.77
N ARG A 579 35.63 50.82 14.53
CA ARG A 579 35.12 52.17 14.29
C ARG A 579 36.18 53.11 13.73
N ALA A 580 37.36 53.16 14.34
CA ALA A 580 38.34 54.18 14.01
C ALA A 580 39.03 53.87 12.69
N GLU A 581 39.46 54.95 12.02
CA GLU A 581 39.88 54.90 10.62
C GLU A 581 41.27 54.28 10.46
N VAL A 582 41.47 53.65 9.29
CA VAL A 582 42.73 53.00 8.94
C VAL A 582 43.78 54.07 8.63
N SER A 583 44.84 54.10 9.43
CA SER A 583 45.96 55.01 9.19
C SER A 583 47.20 54.40 9.79
N LEU A 584 48.36 54.89 9.33
CA LEU A 584 49.63 54.42 9.87
C LEU A 584 49.84 54.88 11.30
N ALA A 585 49.22 56.00 11.69
CA ALA A 585 49.32 56.47 13.06
C ALA A 585 48.62 55.53 14.03
N GLN A 586 47.36 55.17 13.74
CA GLN A 586 46.68 54.21 14.59
C GLN A 586 47.23 52.81 14.40
N GLY A 587 47.83 52.51 13.23
CA GLY A 587 48.45 51.22 12.99
C GLY A 587 49.61 50.90 13.90
N GLU A 588 50.22 51.91 14.53
CA GLU A 588 51.10 51.68 15.65
C GLU A 588 50.50 52.12 16.98
N ARG A 589 49.42 52.92 16.97
CA ARG A 589 48.79 53.31 18.22
C ARG A 589 48.00 52.18 18.86
N LEU A 590 47.61 51.15 18.08
CA LEU A 590 47.09 49.96 18.74
C LEU A 590 48.23 49.03 19.15
N ALA A 591 49.44 49.30 18.68
CA ALA A 591 50.58 48.43 18.85
C ALA A 591 51.52 48.88 19.97
N GLN A 592 51.15 49.88 20.76
CA GLN A 592 51.88 50.00 22.01
C GLN A 592 51.45 48.91 22.98
N THR A 593 52.32 48.64 23.95
CA THR A 593 52.18 47.50 24.83
C THR A 593 50.98 47.64 25.76
N CYS A 594 50.56 48.87 26.08
CA CYS A 594 49.44 49.08 26.99
C CYS A 594 48.11 48.64 26.38
N LEU A 595 47.94 48.76 25.07
CA LEU A 595 46.69 48.43 24.40
C LEU A 595 46.91 47.40 23.30
N THR A 596 47.78 46.44 23.53
CA THR A 596 47.97 45.32 22.62
C THR A 596 47.72 43.98 23.29
N GLN A 597 48.18 43.82 24.53
CA GLN A 597 47.94 42.57 25.26
C GLN A 597 46.45 42.33 25.58
N PRO A 598 45.67 43.27 26.15
CA PRO A 598 44.23 42.98 26.27
C PRO A 598 43.50 42.96 24.95
N LEU A 599 43.96 43.73 23.97
CA LEU A 599 43.37 43.77 22.64
C LEU A 599 43.44 42.40 21.98
N LEU A 600 44.64 41.83 21.98
CA LEU A 600 44.91 40.52 21.45
C LEU A 600 44.32 39.40 22.30
N PHE A 601 44.22 39.60 23.61
CA PHE A 601 43.50 38.65 24.45
C PHE A 601 42.03 38.57 24.07
N SER A 602 41.39 39.72 23.86
CA SER A 602 39.99 39.76 23.46
C SER A 602 39.77 39.20 22.06
N VAL A 603 40.68 39.50 21.13
CA VAL A 603 40.59 38.96 19.77
C VAL A 603 40.76 37.45 19.77
N GLU A 604 41.73 36.94 20.52
CA GLU A 604 41.96 35.50 20.55
C GLU A 604 40.93 34.75 21.36
N TYR A 605 40.37 35.37 22.40
CA TYR A 605 39.28 34.73 23.13
C TYR A 605 38.01 34.65 22.27
N ALA A 606 37.70 35.72 21.55
CA ALA A 606 36.56 35.69 20.64
C ALA A 606 36.78 34.70 19.52
N LEU A 607 38.02 34.61 19.01
CA LEU A 607 38.34 33.70 17.95
C LEU A 607 38.28 32.24 18.40
N ALA A 608 38.67 31.97 19.65
CA ALA A 608 38.56 30.62 20.19
C ALA A 608 37.11 30.25 20.51
N GLN A 609 36.33 31.19 21.03
CA GLN A 609 34.91 30.92 21.23
C GLN A 609 34.13 30.84 19.93
N LEU A 610 34.67 31.40 18.85
CA LEU A 610 34.16 31.14 17.51
C LEU A 610 34.54 29.75 17.02
N TRP A 611 35.78 29.32 17.23
CA TRP A 611 36.21 28.02 16.72
C TRP A 611 35.55 26.86 17.48
N LEU A 612 35.38 26.99 18.80
CA LEU A 612 34.67 25.95 19.54
C LEU A 612 33.18 25.94 19.26
N SER A 613 32.64 27.06 18.76
CA SER A 613 31.26 27.08 18.27
C SER A 613 31.08 26.29 16.98
N TRP A 614 32.17 25.92 16.30
CA TRP A 614 32.14 25.23 15.02
C TRP A 614 32.49 23.75 15.15
N GLY A 615 32.42 23.19 16.34
CA GLY A 615 32.68 21.78 16.53
C GLY A 615 34.10 21.40 16.82
N ILE A 616 34.99 22.38 17.04
CA ILE A 616 36.37 22.09 17.37
C ILE A 616 36.50 21.65 18.81
N THR A 617 37.15 20.51 19.02
CA THR A 617 37.55 20.06 20.34
C THR A 617 39.05 20.29 20.50
N PRO A 618 39.49 21.24 21.33
CA PRO A 618 40.93 21.43 21.54
C PRO A 618 41.52 20.29 22.35
N THR A 619 42.56 19.68 21.83
CA THR A 619 43.23 18.59 22.52
C THR A 619 44.42 19.12 23.28
N VAL A 620 45.35 19.77 22.59
CA VAL A 620 46.37 20.55 23.25
C VAL A 620 46.23 22.00 22.80
N MET A 621 46.84 22.88 23.59
CA MET A 621 46.55 24.30 23.47
C MET A 621 47.64 25.09 24.20
N ILE A 622 48.60 25.59 23.41
CA ILE A 622 49.86 26.10 23.94
C ILE A 622 50.00 27.57 23.56
N GLY A 623 50.53 28.36 24.48
CA GLY A 623 50.64 29.78 24.29
C GLY A 623 51.87 30.17 23.50
N HIS A 624 52.06 31.47 23.37
CA HIS A 624 53.36 32.02 23.00
C HIS A 624 53.44 33.40 23.66
N SER A 625 53.90 33.41 24.92
CA SER A 625 54.25 34.56 25.75
C SER A 625 53.08 35.45 26.18
N LEU A 626 51.96 35.34 25.48
CA LEU A 626 50.70 35.98 25.85
C LEU A 626 49.50 35.09 25.58
N GLY A 627 49.61 34.14 24.66
CA GLY A 627 48.53 33.22 24.41
C GLY A 627 48.37 32.15 25.44
N GLU A 628 49.30 32.06 26.40
CA GLU A 628 49.14 31.12 27.50
C GLU A 628 48.07 31.60 28.48
N TRP A 629 47.85 32.92 28.56
CA TRP A 629 46.74 33.45 29.35
C TRP A 629 45.40 32.99 28.82
N VAL A 630 45.18 33.17 27.51
CA VAL A 630 43.94 32.74 26.90
C VAL A 630 43.88 31.23 26.76
N ALA A 631 45.03 30.54 26.74
CA ALA A 631 45.02 29.08 26.86
C ALA A 631 44.49 28.64 28.23
N ALA A 632 44.91 29.32 29.30
CA ALA A 632 44.37 29.06 30.63
C ALA A 632 42.89 29.44 30.72
N THR A 633 42.52 30.55 30.11
CA THR A 633 41.15 31.05 30.19
C THR A 633 40.17 30.13 29.44
N LEU A 634 40.60 29.54 28.32
CA LEU A 634 39.78 28.50 27.71
C LEU A 634 39.85 27.17 28.45
N ALA A 635 40.98 26.89 29.13
CA ALA A 635 41.05 25.69 29.95
C ALA A 635 40.07 25.77 31.12
N GLY A 636 40.09 26.87 31.86
CA GLY A 636 39.15 27.06 32.94
C GLY A 636 39.84 27.49 34.22
N VAL A 637 41.16 27.68 34.12
CA VAL A 637 41.95 28.18 35.24
C VAL A 637 41.47 29.56 35.63
N PHE A 638 41.26 30.41 34.66
CA PHE A 638 40.74 31.75 34.86
C PHE A 638 39.28 31.81 34.45
N SER A 639 38.52 32.60 35.17
CA SER A 639 37.36 33.20 34.54
C SER A 639 37.84 34.24 33.55
N LEU A 640 37.01 34.52 32.55
CA LEU A 640 37.35 35.55 31.55
C LEU A 640 37.52 36.91 32.20
N GLU A 641 36.59 37.26 33.10
CA GLU A 641 36.60 38.58 33.72
C GLU A 641 37.86 38.79 34.56
N ASP A 642 38.21 37.79 35.39
CA ASP A 642 39.37 37.94 36.25
C ASP A 642 40.67 37.87 35.49
N ALA A 643 40.72 37.11 34.39
CA ALA A 643 41.89 37.10 33.53
C ALA A 643 42.11 38.46 32.89
N LEU A 644 41.04 39.08 32.39
CA LEU A 644 41.19 40.30 31.62
C LEU A 644 41.17 41.54 32.50
N ARG A 645 40.87 41.40 33.80
CA ARG A 645 41.22 42.44 34.77
C ARG A 645 42.72 42.70 34.78
N LEU A 646 43.51 41.63 34.66
CA LEU A 646 44.93 41.67 34.97
C LEU A 646 45.84 41.47 33.78
N VAL A 647 45.33 41.00 32.63
CA VAL A 647 46.13 41.02 31.40
C VAL A 647 46.48 42.46 31.03
N ALA A 648 45.50 43.36 31.12
CA ALA A 648 45.77 44.75 30.81
C ALA A 648 46.55 45.45 31.91
N ARG A 649 46.48 44.95 33.15
CA ARG A 649 47.37 45.45 34.20
C ARG A 649 48.82 45.08 33.91
N ARG A 650 49.05 43.83 33.47
CA ARG A 650 50.36 43.40 33.02
C ARG A 650 50.82 44.21 31.82
N ALA A 651 49.89 44.55 30.93
CA ALA A 651 50.19 45.43 29.80
C ALA A 651 50.60 46.83 30.25
N GLU A 652 49.89 47.36 31.27
CA GLU A 652 50.23 48.67 31.83
C GLU A 652 51.62 48.66 32.43
N LEU A 653 51.97 47.60 33.16
CA LEU A 653 53.28 47.52 33.78
C LEU A 653 54.39 47.30 32.77
N MET A 654 54.15 46.52 31.70
CA MET A 654 55.14 46.40 30.65
C MET A 654 55.34 47.69 29.87
N HIS A 655 54.26 48.43 29.61
CA HIS A 655 54.44 49.72 28.97
C HIS A 655 55.02 50.77 29.91
N GLN A 656 54.93 50.55 31.22
CA GLN A 656 55.57 51.42 32.20
C GLN A 656 57.03 51.09 32.42
N ALA A 657 57.45 49.85 32.14
CA ALA A 657 58.88 49.57 32.04
C ALA A 657 59.47 50.34 30.86
N PRO A 658 60.62 51.02 31.06
CA PRO A 658 61.01 52.10 30.14
C PRO A 658 61.31 51.72 28.68
N SER A 659 62.25 50.83 28.43
CA SER A 659 62.70 50.63 27.06
C SER A 659 63.31 49.26 26.89
N GLY A 660 63.54 48.91 25.63
CA GLY A 660 64.13 47.62 25.29
C GLY A 660 64.11 47.42 23.80
N ALA A 661 64.50 46.21 23.40
CA ALA A 661 64.51 45.83 21.99
C ALA A 661 64.50 44.31 21.88
N MET A 662 64.19 43.82 20.68
CA MET A 662 64.32 42.41 20.33
C MET A 662 64.85 42.25 18.93
N LEU A 663 65.92 41.48 18.79
CA LEU A 663 66.49 41.13 17.50
C LEU A 663 66.41 39.62 17.34
N MET A 664 65.97 39.17 16.17
CA MET A 664 65.79 37.74 15.92
C MET A 664 67.06 37.18 15.31
N VAL A 665 67.63 36.17 15.96
CA VAL A 665 68.84 35.51 15.49
C VAL A 665 68.48 34.10 15.05
N ALA A 666 68.78 33.78 13.79
CA ALA A 666 68.45 32.47 13.21
C ALA A 666 69.58 31.48 13.49
N LEU A 667 69.65 31.07 14.75
CA LEU A 667 70.74 30.23 15.23
C LEU A 667 70.24 29.39 16.40
N PRO A 668 70.76 28.18 16.58
CA PRO A 668 70.34 27.35 17.72
C PRO A 668 70.75 27.93 19.07
N GLU A 669 69.95 27.61 20.09
CA GLU A 669 70.05 28.25 21.40
C GLU A 669 71.38 27.97 22.11
N ALA A 670 71.93 26.76 21.92
CA ALA A 670 73.25 26.46 22.44
C ALA A 670 74.32 27.31 21.76
N GLN A 671 74.17 27.57 20.46
CA GLN A 671 75.06 28.49 19.77
C GLN A 671 74.73 29.95 20.09
N ILE A 672 73.49 30.24 20.50
CA ILE A 672 73.16 31.55 21.05
C ILE A 672 73.88 31.79 22.37
N ARG A 673 74.08 30.73 23.16
CA ARG A 673 74.72 30.83 24.48
C ARG A 673 76.17 31.31 24.42
N ALA A 674 76.82 31.24 23.25
CA ALA A 674 78.18 31.76 23.12
C ALA A 674 78.22 33.29 23.21
N LEU A 675 77.29 33.96 22.54
CA LEU A 675 77.41 35.40 22.29
C LEU A 675 76.39 36.23 23.04
N ILE A 676 75.77 35.68 24.10
CA ILE A 676 74.80 36.43 24.89
C ILE A 676 75.43 36.82 26.22
N THR A 677 75.22 38.08 26.60
CA THR A 677 75.84 38.67 27.76
C THR A 677 74.89 38.63 28.96
N ALA A 678 75.35 39.21 30.08
CA ALA A 678 74.55 39.20 31.30
C ALA A 678 73.26 40.03 31.24
N PRO A 679 73.24 41.33 30.75
CA PRO A 679 71.97 42.06 30.78
C PRO A 679 70.91 41.54 29.81
N LEU A 680 71.28 41.35 28.55
CA LEU A 680 70.35 40.82 27.57
C LEU A 680 70.09 39.34 27.82
N ALA A 681 68.85 38.92 27.55
CA ALA A 681 68.41 37.56 27.78
C ALA A 681 67.63 37.06 26.58
N ILE A 682 67.54 35.73 26.47
CA ILE A 682 66.70 35.12 25.45
C ILE A 682 65.23 35.38 25.79
N ALA A 683 64.42 35.62 24.77
CA ALA A 683 62.99 35.82 24.99
C ALA A 683 62.14 34.68 24.47
N ALA A 684 62.44 34.14 23.29
CA ALA A 684 61.60 33.12 22.69
C ALA A 684 62.47 32.12 21.94
N VAL A 685 62.38 30.86 22.32
CA VAL A 685 63.05 29.77 21.61
C VAL A 685 61.97 29.12 20.75
N ASN A 686 61.78 29.68 19.56
CA ASN A 686 60.66 29.31 18.71
C ASN A 686 60.99 28.17 17.76
N ALA A 687 62.25 28.05 17.39
CA ALA A 687 62.71 27.03 16.45
C ALA A 687 64.20 26.85 16.67
N PRO A 688 64.79 25.74 16.20
CA PRO A 688 66.26 25.66 16.20
C PRO A 688 66.95 26.61 15.24
N ASP A 689 66.23 27.34 14.39
CA ASP A 689 66.79 28.36 13.52
C ASP A 689 66.08 29.70 13.72
N TYR A 690 65.66 29.98 14.95
CA TYR A 690 64.87 31.17 15.23
C TYR A 690 64.99 31.44 16.73
N SER A 691 65.66 32.52 17.11
CA SER A 691 65.85 32.85 18.52
C SER A 691 65.70 34.35 18.70
N VAL A 692 64.97 34.73 19.73
CA VAL A 692 64.64 36.13 19.99
C VAL A 692 65.36 36.58 21.25
N ILE A 693 66.18 37.62 21.12
CA ILE A 693 67.04 38.11 22.19
C ILE A 693 66.54 39.47 22.63
N ALA A 694 66.22 39.60 23.92
CA ALA A 694 65.66 40.82 24.47
C ALA A 694 66.61 41.43 25.48
N GLY A 695 66.61 42.76 25.54
CA GLY A 695 67.58 43.53 26.31
C GLY A 695 67.50 44.99 25.94
N PRO A 696 68.45 45.80 26.43
CA PRO A 696 68.47 47.23 26.09
C PRO A 696 68.81 47.48 24.63
N THR A 697 68.42 48.67 24.16
CA THR A 697 68.48 49.02 22.74
C THR A 697 69.92 49.09 22.24
N SER A 698 70.77 49.82 22.95
CA SER A 698 72.16 50.02 22.53
C SER A 698 72.98 48.75 22.63
N GLU A 699 72.61 47.81 23.50
CA GLU A 699 73.37 46.59 23.65
C GLU A 699 73.05 45.58 22.54
N ILE A 700 71.75 45.39 22.24
CA ILE A 700 71.41 44.49 21.14
C ILE A 700 71.75 45.13 19.80
N LEU A 701 71.81 46.46 19.73
CA LEU A 701 72.34 47.11 18.54
C LEU A 701 73.81 46.76 18.32
N ALA A 702 74.61 46.71 19.39
CA ALA A 702 75.99 46.26 19.27
C ALA A 702 76.08 44.79 18.91
N VAL A 703 75.20 43.95 19.47
CA VAL A 703 75.21 42.52 19.14
C VAL A 703 74.78 42.30 17.69
N SER A 704 73.84 43.10 17.19
CA SER A 704 73.45 43.04 15.79
C SER A 704 74.57 43.53 14.87
N GLN A 705 75.35 44.52 15.32
CA GLN A 705 76.53 44.92 14.56
C GLN A 705 77.63 43.87 14.62
N ARG A 706 77.69 43.07 15.68
CA ARG A 706 78.54 41.89 15.69
C ARG A 706 78.03 40.80 14.75
N LEU A 707 76.71 40.69 14.60
CA LEU A 707 76.06 39.81 13.64
C LEU A 707 76.07 40.35 12.22
N THR A 708 76.51 41.59 12.02
CA THR A 708 76.56 42.17 10.69
C THR A 708 77.63 41.50 9.83
N GLU A 709 78.81 41.30 10.40
CA GLU A 709 79.93 40.68 9.70
C GLU A 709 79.87 39.15 9.73
N GLN A 710 78.88 38.58 10.40
CA GLN A 710 78.68 37.13 10.38
C GLN A 710 77.85 36.67 9.19
N ASN A 711 77.21 37.60 8.48
CA ASN A 711 76.35 37.33 7.31
C ASN A 711 75.20 36.38 7.63
N ILE A 712 74.60 36.56 8.80
CA ILE A 712 73.48 35.73 9.27
C ILE A 712 72.24 36.62 9.34
N ILE A 713 71.09 36.02 9.01
CA ILE A 713 69.85 36.78 8.86
C ILE A 713 69.34 37.25 10.22
N ASN A 714 69.01 38.54 10.32
CA ASN A 714 68.74 39.19 11.60
C ASN A 714 67.94 40.46 11.36
N LYS A 715 66.76 40.56 11.96
CA LYS A 715 66.00 41.81 11.98
C LYS A 715 65.51 42.10 13.39
N ARG A 716 64.97 43.32 13.55
CA ARG A 716 64.34 43.78 14.77
C ARG A 716 62.88 43.32 14.78
N LEU A 717 62.29 43.24 15.98
CA LEU A 717 60.91 42.82 16.15
C LEU A 717 59.94 44.00 16.29
N HIS A 718 60.39 45.21 15.97
CA HIS A 718 59.57 46.42 15.84
C HIS A 718 58.88 46.83 17.15
N THR A 719 59.33 46.33 18.29
CA THR A 719 58.75 46.70 19.57
C THR A 719 59.83 47.33 20.46
N SER A 720 59.39 48.16 21.39
CA SER A 720 60.28 49.00 22.17
C SER A 720 60.48 48.54 23.60
N HIS A 721 59.79 47.48 24.03
CA HIS A 721 59.91 46.96 25.39
C HIS A 721 60.39 45.52 25.32
N ALA A 722 61.43 45.21 26.08
CA ALA A 722 62.10 43.91 25.99
C ALA A 722 61.42 42.94 26.96
N PHE A 723 60.47 42.17 26.45
CA PHE A 723 59.79 41.17 27.26
C PHE A 723 60.67 39.93 27.43
N HIS A 724 60.51 39.28 28.58
CA HIS A 724 61.35 38.16 29.04
C HIS A 724 62.83 38.53 29.07
N SER A 725 63.12 39.76 29.47
CA SER A 725 64.47 40.25 29.63
C SER A 725 64.68 40.64 31.08
N SER A 726 65.81 41.28 31.35
CA SER A 726 66.18 41.67 32.70
C SER A 726 65.55 42.99 33.15
N MET A 727 64.56 43.52 32.43
CA MET A 727 63.89 44.75 32.81
C MET A 727 62.45 44.52 33.23
N MET A 728 62.12 43.30 33.66
CA MET A 728 60.73 42.92 33.89
C MET A 728 60.39 42.62 35.34
N GLN A 729 61.34 42.78 36.26
CA GLN A 729 61.04 42.48 37.65
C GLN A 729 60.17 43.56 38.29
N ASP A 730 60.45 44.82 37.98
CA ASP A 730 59.59 45.90 38.48
C ASP A 730 58.22 45.88 37.82
N ALA A 731 58.14 45.39 36.58
CA ALA A 731 56.85 45.26 35.92
C ALA A 731 56.07 44.07 36.46
N ALA A 732 56.76 43.00 36.85
CA ALA A 732 56.07 41.87 37.46
C ALA A 732 55.77 42.08 38.93
N GLN A 733 56.42 43.07 39.57
CA GLN A 733 56.26 43.27 41.01
C GLN A 733 54.86 43.76 41.37
N ALA A 734 54.27 44.62 40.53
CA ALA A 734 52.93 45.10 40.81
C ALA A 734 51.85 44.05 40.55
N LEU A 735 52.13 43.04 39.72
CA LEU A 735 51.17 41.94 39.57
C LEU A 735 51.06 41.11 40.83
N ARG A 736 52.10 41.07 41.66
CA ARG A 736 52.00 40.38 42.93
C ARG A 736 51.10 41.15 43.90
N GLN A 737 51.14 42.49 43.84
CA GLN A 737 50.13 43.31 44.53
C GLN A 737 48.75 43.06 43.95
N ALA A 738 48.68 42.81 42.65
CA ALA A 738 47.46 42.38 41.99
C ALA A 738 47.20 40.90 42.27
N PHE A 739 46.30 40.33 41.44
CA PHE A 739 45.69 39.00 41.48
C PHE A 739 44.62 38.86 42.56
N GLU A 740 44.51 39.87 43.46
CA GLU A 740 43.31 40.24 44.25
C GLU A 740 42.51 39.08 44.83
N ASN A 741 43.21 37.98 45.13
CA ASN A 741 42.61 36.67 45.48
C ASN A 741 41.53 36.26 44.49
N VAL A 742 41.94 36.09 43.23
CA VAL A 742 41.00 35.69 42.18
C VAL A 742 40.59 34.24 42.37
N ARG A 743 39.40 33.89 41.90
CA ARG A 743 38.88 32.54 42.04
C ARG A 743 39.59 31.61 41.05
N LEU A 744 40.77 31.13 41.43
CA LEU A 744 41.58 30.30 40.56
C LEU A 744 41.06 28.87 40.55
N ASN A 745 41.63 28.04 39.67
CA ASN A 745 41.06 26.74 39.37
C ASN A 745 42.17 25.90 38.75
N PRO A 746 42.28 24.61 39.07
CA PRO A 746 43.12 23.73 38.25
C PRO A 746 42.56 23.60 36.84
N PRO A 747 43.41 23.29 35.86
CA PRO A 747 42.96 23.26 34.47
C PRO A 747 42.01 22.13 34.15
N THR A 748 41.36 22.26 32.99
CA THR A 748 40.61 21.16 32.38
C THR A 748 41.34 20.62 31.16
N LEU A 749 41.65 21.49 30.20
CA LEU A 749 42.26 21.07 28.95
C LEU A 749 43.77 21.01 29.08
N THR A 750 44.38 20.15 28.28
CA THR A 750 45.81 19.88 28.36
C THR A 750 46.59 21.05 27.77
N ILE A 751 47.07 21.91 28.63
CA ILE A 751 48.02 22.96 28.24
C ILE A 751 49.41 22.39 28.39
N ILE A 752 50.24 22.62 27.38
CA ILE A 752 51.67 22.37 27.45
C ILE A 752 52.32 23.73 27.55
N SER A 753 52.94 24.01 28.70
CA SER A 753 53.43 25.35 28.97
C SER A 753 54.71 25.62 28.20
N THR A 754 54.86 26.87 27.79
CA THR A 754 56.00 27.29 26.98
C THR A 754 57.13 27.85 27.82
N VAL A 755 56.99 27.89 29.15
CA VAL A 755 58.12 28.23 30.00
C VAL A 755 58.86 26.97 30.46
N THR A 756 58.14 25.90 30.78
CA THR A 756 58.79 24.63 31.09
C THR A 756 59.17 23.89 29.81
N GLY A 757 58.38 24.06 28.75
CA GLY A 757 58.55 23.32 27.54
C GLY A 757 57.81 22.00 27.50
N ALA A 758 57.17 21.62 28.61
CA ALA A 758 56.44 20.37 28.69
C ALA A 758 55.06 20.64 29.26
N HIS A 759 54.33 19.59 29.64
CA HIS A 759 52.97 19.72 30.16
C HIS A 759 52.99 20.44 31.51
N VAL A 760 51.80 20.89 31.92
CA VAL A 760 51.68 21.65 33.15
C VAL A 760 50.68 20.95 34.05
N SER A 761 50.85 21.11 35.37
CA SER A 761 50.06 20.40 36.37
C SER A 761 48.95 21.29 36.93
N ALA A 762 48.24 20.76 37.92
CA ALA A 762 47.08 21.44 38.47
C ALA A 762 47.47 22.67 39.30
N ASP A 763 48.60 22.59 40.01
CA ASP A 763 49.06 23.72 40.81
C ASP A 763 50.16 24.52 40.13
N THR A 764 50.90 23.92 39.20
CA THR A 764 52.03 24.62 38.59
C THR A 764 51.60 25.67 37.59
N LEU A 765 50.33 25.68 37.18
CA LEU A 765 49.83 26.74 36.32
C LEU A 765 49.13 27.83 37.11
N THR A 766 48.63 27.53 38.31
CA THR A 766 47.70 28.40 39.01
C THR A 766 48.32 29.16 40.18
N THR A 767 49.61 28.98 40.44
CA THR A 767 50.20 29.81 41.49
C THR A 767 50.39 31.24 40.98
N PRO A 768 50.19 32.24 41.84
CA PRO A 768 50.29 33.64 41.37
C PRO A 768 51.70 34.09 41.06
N ASP A 769 52.72 33.33 41.43
CA ASP A 769 54.08 33.62 40.99
C ASP A 769 54.47 32.84 39.75
N TYR A 770 53.64 31.89 39.31
CA TYR A 770 53.92 31.21 38.04
C TYR A 770 53.77 32.15 36.86
N TRP A 771 52.76 33.02 36.90
CA TRP A 771 52.63 34.02 35.85
C TRP A 771 53.73 35.07 35.94
N ILE A 772 54.28 35.27 37.14
CA ILE A 772 55.45 36.13 37.30
C ILE A 772 56.67 35.51 36.63
N GLU A 773 56.90 34.22 36.83
CA GLU A 773 58.00 33.54 36.17
C GLU A 773 57.66 33.11 34.74
N GLN A 774 56.44 33.39 34.29
CA GLN A 774 56.07 33.33 32.88
C GLN A 774 56.40 34.64 32.18
N MET A 775 56.30 35.75 32.92
CA MET A 775 56.63 37.08 32.42
C MET A 775 58.12 37.25 32.19
N LEU A 776 58.94 36.37 32.77
CA LEU A 776 60.39 36.51 32.78
C LEU A 776 61.10 35.42 31.99
N MET A 777 60.72 34.15 32.18
CA MET A 777 61.48 33.04 31.62
C MET A 777 61.29 32.98 30.10
N PRO A 778 62.34 32.64 29.35
CA PRO A 778 62.22 32.55 27.88
C PRO A 778 61.20 31.52 27.44
N VAL A 779 60.52 31.84 26.35
CA VAL A 779 59.47 30.99 25.81
C VAL A 779 60.10 29.83 25.07
N GLN A 780 59.75 28.61 25.47
CA GLN A 780 60.33 27.38 24.94
C GLN A 780 59.42 26.74 23.91
N PHE A 781 58.85 27.58 23.04
CA PHE A 781 57.81 27.18 22.09
C PHE A 781 58.24 26.05 21.16
N SER A 782 59.52 25.99 20.80
CA SER A 782 60.00 24.85 20.02
C SER A 782 60.03 23.55 20.81
N ALA A 783 60.01 23.62 22.15
CA ALA A 783 59.89 22.42 22.95
C ALA A 783 58.44 22.07 23.25
N ALA A 784 57.58 23.08 23.40
CA ALA A 784 56.15 22.82 23.57
C ALA A 784 55.54 22.22 22.31
N LEU A 785 55.92 22.71 21.13
CA LEU A 785 55.48 22.10 19.87
C LEU A 785 55.97 20.68 19.75
N GLN A 786 57.23 20.43 20.12
CA GLN A 786 57.78 19.11 19.88
C GLN A 786 57.24 18.10 20.88
N GLU A 787 56.94 18.54 22.11
CA GLU A 787 56.27 17.68 23.07
C GLU A 787 54.82 17.39 22.67
N ALA A 788 54.10 18.40 22.16
CA ALA A 788 52.75 18.17 21.64
C ALA A 788 52.75 17.26 20.43
N GLN A 789 53.72 17.43 19.53
CA GLN A 789 53.88 16.57 18.37
C GLN A 789 54.18 15.14 18.76
N ALA A 790 55.02 14.94 19.77
CA ALA A 790 55.35 13.59 20.21
C ALA A 790 54.17 12.94 20.91
N THR A 791 53.53 13.65 21.83
CA THR A 791 52.53 13.00 22.67
C THR A 791 51.16 12.92 22.04
N PHE A 792 50.88 13.68 20.96
CA PHE A 792 49.51 13.72 20.45
C PHE A 792 49.47 13.52 18.94
N ASP A 793 50.45 14.03 18.19
CA ASP A 793 50.49 14.03 16.71
C ASP A 793 49.22 14.63 16.11
N VAL A 794 48.99 15.91 16.34
CA VAL A 794 47.76 16.56 15.92
C VAL A 794 48.08 17.64 14.90
N ASP A 795 47.09 17.95 14.06
CA ASP A 795 47.13 19.20 13.32
C ASP A 795 47.00 20.35 14.29
N PHE A 796 47.65 21.45 13.98
CA PHE A 796 47.60 22.61 14.86
C PHE A 796 46.81 23.72 14.19
N LEU A 797 46.15 24.51 15.00
CA LEU A 797 45.36 25.62 14.49
C LEU A 797 45.78 26.86 15.26
N GLU A 798 46.44 27.78 14.58
CA GLU A 798 46.84 29.01 15.23
C GLU A 798 45.62 29.88 15.49
N ILE A 799 45.53 30.44 16.68
CA ILE A 799 44.51 31.41 17.03
C ILE A 799 45.22 32.73 17.27
N GLY A 800 45.03 33.66 16.35
CA GLY A 800 45.71 34.92 16.40
C GLY A 800 45.82 35.54 15.02
N PRO A 801 46.22 36.79 14.97
CA PRO A 801 46.06 37.61 13.75
C PRO A 801 47.23 37.52 12.78
N GLY A 802 47.64 36.31 12.43
CA GLY A 802 48.71 36.17 11.48
C GLY A 802 49.08 34.71 11.33
N ALA A 803 50.15 34.48 10.58
CA ALA A 803 50.67 33.16 10.35
C ALA A 803 52.05 32.95 10.94
N THR A 804 52.42 33.78 11.94
CA THR A 804 53.77 33.72 12.49
C THR A 804 54.05 32.41 13.21
N LEU A 805 53.09 31.90 13.97
CA LEU A 805 53.22 30.59 14.59
C LEU A 805 52.81 29.46 13.67
N THR A 806 52.73 29.67 12.35
CA THR A 806 52.35 28.61 11.42
C THR A 806 53.53 28.06 10.63
N GLN A 807 54.32 28.93 9.98
CA GLN A 807 55.52 28.42 9.30
C GLN A 807 56.58 27.96 10.28
N LEU A 808 56.60 28.52 11.49
CA LEU A 808 57.42 27.97 12.56
C LEU A 808 56.97 26.56 12.92
N THR A 809 55.66 26.34 12.97
CA THR A 809 55.12 25.06 13.42
C THR A 809 55.27 23.97 12.37
N ASN A 810 55.01 24.27 11.10
CA ASN A 810 55.22 23.23 10.09
C ASN A 810 56.59 23.32 9.45
N GLY A 811 57.47 24.18 9.97
CA GLY A 811 58.91 23.99 9.82
C GLY A 811 59.45 23.24 11.01
N HIS A 812 58.91 22.06 11.25
CA HIS A 812 59.27 21.20 12.38
C HIS A 812 59.14 19.75 11.92
N ALA A 813 59.02 18.83 12.87
CA ALA A 813 59.00 17.40 12.61
C ALA A 813 57.59 16.83 12.53
N LEU A 814 56.64 17.59 11.99
CA LEU A 814 55.24 17.17 11.95
C LEU A 814 55.06 16.02 10.96
N GLY A 815 54.66 14.86 11.47
CA GLY A 815 54.56 13.70 10.61
C GLY A 815 53.22 13.57 9.90
N ASP A 816 53.18 14.07 8.66
CA ASP A 816 51.96 14.24 7.85
C ASP A 816 50.94 15.06 8.66
N ARG A 817 51.41 16.16 9.23
CA ARG A 817 50.57 17.07 9.99
C ARG A 817 50.91 18.50 9.61
N LEU A 818 49.93 19.38 9.71
CA LEU A 818 50.10 20.76 9.30
C LEU A 818 49.55 21.69 10.38
N ALA A 819 50.01 22.92 10.34
CA ALA A 819 49.45 23.99 11.13
C ALA A 819 48.60 24.89 10.24
N PHE A 820 47.63 25.55 10.84
CA PHE A 820 46.70 26.38 10.08
C PHE A 820 46.47 27.69 10.80
N SER A 821 46.41 28.76 10.04
CA SER A 821 46.16 30.08 10.59
C SER A 821 44.68 30.40 10.50
N SER A 822 44.15 30.99 11.56
CA SER A 822 42.75 31.40 11.56
C SER A 822 42.56 32.81 11.04
N LEU A 823 43.61 33.62 10.97
CA LEU A 823 43.50 34.97 10.47
C LEU A 823 44.63 35.24 9.49
N PRO A 824 44.41 36.11 8.50
CA PRO A 824 45.43 36.34 7.48
C PRO A 824 46.60 37.16 7.99
N ALA A 825 47.70 37.11 7.24
CA ALA A 825 48.95 37.73 7.66
C ALA A 825 48.96 39.22 7.31
N GLY A 826 48.14 39.98 8.04
CA GLY A 826 48.30 41.42 8.10
C GLY A 826 47.88 42.20 6.88
N ALA A 827 48.65 42.07 5.80
CA ALA A 827 48.35 42.82 4.57
C ALA A 827 47.10 42.30 3.88
N ARG A 828 46.66 41.09 4.20
CA ARG A 828 45.43 40.51 3.65
C ARG A 828 44.26 40.68 4.59
N SER A 829 44.23 41.83 5.29
CA SER A 829 43.29 42.11 6.36
C SER A 829 41.82 42.08 5.92
N SER A 830 41.54 42.31 4.65
CA SER A 830 40.17 42.23 4.16
C SER A 830 39.72 40.79 3.95
N ASP A 831 40.65 39.84 3.89
CA ASP A 831 40.36 38.46 3.50
C ASP A 831 40.09 37.55 4.70
N GLU A 832 39.58 38.08 5.82
CA GLU A 832 39.42 37.26 7.02
C GLU A 832 38.32 36.22 6.84
N HIS A 833 37.20 36.61 6.26
CA HIS A 833 36.11 35.68 5.98
C HIS A 833 36.52 34.63 4.96
N LYS A 834 37.37 34.99 4.00
CA LYS A 834 37.86 34.01 3.06
C LYS A 834 38.90 33.09 3.70
N HIS A 835 39.81 33.66 4.50
CA HIS A 835 40.92 32.90 5.06
C HIS A 835 40.45 31.91 6.11
N ILE A 836 39.62 32.35 7.04
CA ILE A 836 39.18 31.45 8.10
C ILE A 836 38.27 30.37 7.56
N LEU A 837 37.55 30.64 6.48
CA LEU A 837 36.75 29.62 5.84
C LEU A 837 37.60 28.66 5.03
N ASP A 838 38.72 29.14 4.48
CA ASP A 838 39.64 28.24 3.81
C ASP A 838 40.38 27.35 4.80
N THR A 839 40.63 27.88 6.00
CA THR A 839 41.17 27.05 7.08
C THR A 839 40.14 26.01 7.53
N VAL A 840 38.87 26.40 7.66
CA VAL A 840 37.77 25.46 7.92
C VAL A 840 37.70 24.39 6.83
N ALA A 841 37.85 24.80 5.58
CA ALA A 841 37.80 23.88 4.45
C ALA A 841 38.94 22.89 4.49
N ALA A 842 40.17 23.35 4.74
CA ALA A 842 41.32 22.46 4.85
C ALA A 842 41.23 21.54 6.06
N LEU A 843 40.71 22.06 7.17
CA LEU A 843 40.51 21.23 8.37
C LEU A 843 39.48 20.15 8.13
N TRP A 844 38.35 20.49 7.50
CA TRP A 844 37.32 19.50 7.18
C TRP A 844 37.84 18.47 6.18
N VAL A 845 38.64 18.90 5.21
CA VAL A 845 39.20 17.99 4.23
C VAL A 845 40.15 17.00 4.87
N ARG A 846 40.97 17.47 5.83
CA ARG A 846 41.90 16.58 6.51
C ARG A 846 41.17 15.57 7.37
N GLY A 847 40.00 15.92 7.89
CA GLY A 847 39.16 14.95 8.55
C GLY A 847 38.59 15.45 9.85
N HIS A 848 38.82 16.72 10.17
CA HIS A 848 38.40 17.24 11.45
C HIS A 848 36.90 17.43 11.49
N ASN A 849 36.33 17.28 12.67
CA ASN A 849 34.88 17.32 12.81
C ASN A 849 34.40 18.76 12.90
N ILE A 850 34.50 19.44 11.79
CA ILE A 850 33.78 20.69 11.58
C ILE A 850 32.34 20.35 11.23
N ASP A 851 31.39 21.04 11.84
CA ASP A 851 30.02 20.99 11.33
C ASP A 851 29.88 22.13 10.33
N LEU A 852 29.54 21.79 9.09
CA LEU A 852 29.57 22.76 8.02
C LEU A 852 28.27 23.52 7.90
N SER A 853 27.34 23.31 8.83
CA SER A 853 26.00 23.85 8.79
C SER A 853 25.87 25.14 9.58
N ALA A 854 26.91 25.54 10.29
CA ALA A 854 26.97 26.90 10.82
C ALA A 854 27.44 27.88 9.78
N PHE A 855 27.91 27.39 8.63
CA PHE A 855 28.46 28.23 7.57
C PHE A 855 27.48 28.45 6.43
N ALA A 856 26.34 27.78 6.44
CA ALA A 856 25.29 28.06 5.48
C ALA A 856 24.43 29.21 5.98
N GLY A 857 23.61 29.75 5.09
CA GLY A 857 22.88 30.96 5.39
C GLY A 857 21.72 30.81 6.34
N GLU A 858 20.81 31.78 6.31
CA GLU A 858 19.82 31.93 7.38
C GLU A 858 18.75 30.85 7.30
N GLN A 859 18.01 30.80 6.19
CA GLN A 859 16.93 29.84 6.01
C GLN A 859 17.21 29.02 4.75
N PRO A 860 18.15 28.09 4.82
CA PRO A 860 18.60 27.40 3.63
C PRO A 860 17.66 26.28 3.22
N ARG A 861 17.59 26.07 1.92
CA ARG A 861 16.68 25.11 1.33
C ARG A 861 17.47 24.12 0.51
N ARG A 862 16.93 22.91 0.38
CA ARG A 862 17.62 21.90 -0.41
C ARG A 862 17.37 22.15 -1.89
N VAL A 863 18.34 21.74 -2.70
CA VAL A 863 18.32 21.93 -4.14
C VAL A 863 18.77 20.64 -4.80
N SER A 864 18.65 20.61 -6.11
CA SER A 864 19.05 19.46 -6.91
C SER A 864 20.45 19.73 -7.47
N LEU A 865 21.38 18.87 -7.13
CA LEU A 865 22.79 18.97 -7.47
C LEU A 865 23.18 17.64 -8.09
N PRO A 866 24.33 17.57 -8.77
CA PRO A 866 24.83 16.27 -9.22
C PRO A 866 25.06 15.32 -8.05
N THR A 867 24.79 14.06 -8.31
CA THR A 867 24.82 13.06 -7.27
C THR A 867 26.16 12.35 -7.32
N TYR A 868 26.27 11.26 -6.56
CA TYR A 868 27.52 10.53 -6.46
C TYR A 868 27.91 9.93 -7.80
N ALA A 869 29.19 10.01 -8.11
CA ALA A 869 29.73 9.51 -9.36
C ALA A 869 30.34 8.15 -9.10
N PHE A 870 29.49 7.12 -9.17
CA PHE A 870 29.92 5.75 -8.97
C PHE A 870 30.85 5.33 -10.10
N ASP A 871 31.96 4.70 -9.76
CA ASP A 871 32.86 4.27 -10.82
C ASP A 871 32.39 2.93 -11.37
N LYS A 872 32.64 2.73 -12.65
CA LYS A 872 32.03 1.67 -13.43
C LYS A 872 32.92 0.44 -13.38
N ILE A 873 32.60 -0.49 -12.48
CA ILE A 873 33.31 -1.75 -12.38
C ILE A 873 32.40 -2.84 -12.91
N ARG A 874 32.89 -3.61 -13.87
CA ARG A 874 32.06 -4.46 -14.71
C ARG A 874 31.89 -5.82 -14.03
N TYR A 875 30.71 -6.06 -13.48
CA TYR A 875 30.37 -7.31 -12.79
C TYR A 875 29.37 -8.07 -13.62
N TRP A 876 29.72 -9.29 -14.03
CA TRP A 876 28.92 -10.02 -15.00
C TRP A 876 29.23 -11.51 -14.89
N VAL A 877 28.21 -12.32 -14.69
CA VAL A 877 28.42 -13.77 -14.54
C VAL A 877 28.86 -14.38 -15.87
N ASP A 878 28.16 -14.05 -16.96
CA ASP A 878 28.49 -14.62 -18.26
C ASP A 878 29.77 -14.00 -18.82
N PHE B 6 -12.53 3.12 14.84
CA PHE B 6 -12.58 2.39 13.58
C PHE B 6 -11.75 1.09 13.64
N GLY B 7 -11.16 0.69 12.53
CA GLY B 7 -10.50 -0.60 12.40
C GLY B 7 -10.96 -1.31 11.14
N ILE B 8 -10.21 -2.34 10.77
CA ILE B 8 -10.49 -3.12 9.57
C ILE B 8 -10.98 -4.49 10.01
N ALA B 9 -12.24 -4.77 9.73
CA ALA B 9 -12.83 -6.04 10.11
C ALA B 9 -12.33 -7.15 9.19
N ILE B 10 -12.12 -8.33 9.77
CA ILE B 10 -11.83 -9.53 9.00
C ILE B 10 -13.15 -10.26 8.85
N ILE B 11 -13.81 -10.07 7.70
CA ILE B 11 -15.16 -10.57 7.52
C ILE B 11 -15.20 -11.88 6.79
N GLY B 12 -14.08 -12.40 6.33
CA GLY B 12 -14.08 -13.66 5.63
C GLY B 12 -12.69 -14.18 5.43
N MET B 13 -12.50 -15.49 5.50
CA MET B 13 -11.18 -16.08 5.43
C MET B 13 -11.26 -17.39 4.67
N ALA B 14 -10.20 -17.72 3.93
CA ALA B 14 -10.09 -19.04 3.36
C ALA B 14 -8.62 -19.41 3.28
N GLY B 15 -8.36 -20.61 2.85
CA GLY B 15 -6.99 -21.04 2.69
C GLY B 15 -6.89 -22.53 2.64
N ARG B 16 -5.92 -23.05 1.90
CA ARG B 16 -5.53 -24.44 1.99
C ARG B 16 -4.25 -24.50 2.80
N PHE B 17 -4.22 -25.41 3.75
CA PHE B 17 -3.15 -25.53 4.72
C PHE B 17 -2.69 -26.97 4.71
N PRO B 18 -1.54 -27.28 5.32
CA PRO B 18 -1.16 -28.68 5.44
C PRO B 18 -2.18 -29.47 6.25
N GLN B 19 -2.60 -30.62 5.69
CA GLN B 19 -3.65 -31.50 6.23
C GLN B 19 -4.96 -30.76 6.49
N ALA B 20 -5.26 -29.77 5.67
CA ALA B 20 -6.48 -29.00 5.78
C ALA B 20 -6.83 -28.48 4.39
N ASP B 21 -8.09 -28.11 4.23
CA ASP B 21 -8.55 -27.51 3.00
C ASP B 21 -9.44 -26.30 3.26
N THR B 22 -9.73 -26.02 4.51
CA THR B 22 -10.64 -24.98 4.90
C THR B 22 -9.97 -24.25 6.05
N VAL B 23 -10.43 -23.07 6.43
CA VAL B 23 -10.02 -22.47 7.70
C VAL B 23 -10.89 -22.97 8.84
N GLN B 24 -11.70 -24.00 8.60
CA GLN B 24 -12.30 -24.79 9.65
C GLN B 24 -11.66 -26.16 9.82
N ALA B 25 -11.16 -26.79 8.76
CA ALA B 25 -10.33 -27.97 8.97
C ALA B 25 -8.99 -27.58 9.59
N PHE B 26 -8.48 -26.41 9.23
CA PHE B 26 -7.35 -25.78 9.89
C PHE B 26 -7.61 -25.60 11.39
N TRP B 27 -8.73 -24.99 11.73
CA TRP B 27 -9.07 -24.74 13.13
C TRP B 27 -9.35 -26.03 13.88
N GLU B 28 -9.94 -27.02 13.23
CA GLU B 28 -10.13 -28.33 13.84
C GLU B 28 -8.81 -29.07 14.06
N ASN B 29 -7.79 -28.82 13.25
CA ASN B 29 -6.46 -29.33 13.51
C ASN B 29 -5.73 -28.57 14.62
N LEU B 30 -5.96 -27.27 14.74
CA LEU B 30 -5.31 -26.51 15.80
C LEU B 30 -5.96 -26.72 17.15
N LEU B 31 -7.26 -26.95 17.20
CA LEU B 31 -7.90 -27.31 18.47
C LEU B 31 -7.64 -28.76 18.86
N ALA B 32 -7.20 -29.59 17.91
CA ALA B 32 -6.81 -30.94 18.22
C ALA B 32 -5.34 -31.05 18.60
N SER B 33 -4.61 -29.93 18.55
CA SER B 33 -3.16 -29.85 18.74
C SER B 33 -2.45 -30.85 17.85
N ARG B 34 -2.81 -30.82 16.57
CA ARG B 34 -2.31 -31.76 15.59
C ARG B 34 -1.03 -31.24 14.95
N GLU B 35 -0.13 -32.16 14.65
CA GLU B 35 1.04 -31.85 13.86
C GLU B 35 0.72 -32.16 12.41
N CYS B 36 0.58 -31.10 11.62
CA CYS B 36 0.19 -31.21 10.22
C CYS B 36 1.39 -31.35 9.29
N ILE B 37 2.49 -31.90 9.78
CA ILE B 37 3.69 -32.10 8.98
C ILE B 37 3.66 -33.50 8.42
N SER B 38 3.78 -33.62 7.11
CA SER B 38 3.68 -34.91 6.44
C SER B 38 5.06 -35.52 6.37
N PHE B 39 5.27 -36.60 7.11
CA PHE B 39 6.54 -37.31 7.13
C PHE B 39 6.49 -38.41 6.09
N TYR B 40 7.43 -38.38 5.16
CA TYR B 40 7.42 -39.32 4.06
C TYR B 40 8.30 -40.53 4.38
N SER B 41 7.97 -41.64 3.73
CA SER B 41 8.87 -42.76 3.73
C SER B 41 9.97 -42.54 2.71
N ASP B 42 11.02 -43.35 2.79
CA ASP B 42 12.07 -43.30 1.78
C ASP B 42 11.56 -43.85 0.45
N GLU B 43 10.74 -44.89 0.51
CA GLU B 43 10.18 -45.53 -0.68
C GLU B 43 9.23 -44.63 -1.47
N GLU B 44 8.63 -43.63 -0.82
CA GLU B 44 7.70 -42.74 -1.51
C GLU B 44 8.41 -41.88 -2.53
N LEU B 45 9.57 -41.33 -2.17
CA LEU B 45 10.23 -40.38 -3.05
C LEU B 45 10.96 -41.05 -4.20
N LEU B 46 11.08 -42.38 -4.21
CA LEU B 46 11.43 -43.08 -5.45
C LEU B 46 10.20 -43.39 -6.30
N ALA B 47 9.34 -42.38 -6.44
CA ALA B 47 8.30 -42.29 -7.45
C ALA B 47 8.14 -40.91 -8.01
N MET B 48 8.71 -39.88 -7.38
CA MET B 48 8.39 -38.49 -7.63
C MET B 48 9.60 -37.71 -8.11
N GLY B 49 10.42 -38.35 -8.95
CA GLY B 49 11.40 -37.65 -9.77
C GLY B 49 12.60 -37.07 -9.07
N ILE B 50 12.81 -37.41 -7.81
CA ILE B 50 13.90 -36.83 -7.05
C ILE B 50 15.05 -37.84 -7.09
N SER B 51 16.27 -37.36 -6.87
CA SER B 51 17.46 -38.18 -7.06
C SER B 51 17.54 -39.30 -6.03
N PRO B 52 18.16 -40.43 -6.38
CA PRO B 52 18.30 -41.52 -5.41
C PRO B 52 19.37 -41.30 -4.35
N GLU B 53 20.06 -40.15 -4.37
CA GLU B 53 21.07 -39.82 -3.38
C GLU B 53 20.56 -38.92 -2.27
N PHE B 54 19.57 -38.06 -2.56
CA PHE B 54 18.90 -37.30 -1.50
C PHE B 54 18.23 -38.24 -0.52
N VAL B 55 17.53 -39.25 -1.03
CA VAL B 55 17.10 -40.36 -0.19
C VAL B 55 18.32 -41.22 0.12
N GLN B 56 18.32 -41.82 1.32
CA GLN B 56 19.51 -42.42 1.96
C GLN B 56 20.65 -41.41 2.02
N HIS B 57 20.39 -40.37 2.81
CA HIS B 57 21.34 -39.33 3.17
C HIS B 57 21.12 -39.02 4.64
N PRO B 58 22.16 -38.60 5.37
CA PRO B 58 21.94 -38.22 6.78
C PRO B 58 21.47 -36.79 6.93
N ASP B 59 21.85 -35.93 5.98
CA ASP B 59 21.49 -34.53 6.06
C ASP B 59 20.07 -34.25 5.57
N TYR B 60 19.38 -35.25 5.02
CA TYR B 60 18.08 -35.06 4.38
C TYR B 60 16.96 -35.40 5.35
N VAL B 61 16.07 -34.44 5.56
CA VAL B 61 14.85 -34.68 6.31
C VAL B 61 13.80 -35.11 5.29
N LYS B 62 12.79 -35.85 5.74
CA LYS B 62 11.73 -36.27 4.84
C LYS B 62 10.38 -35.73 5.31
N ALA B 63 10.33 -34.44 5.61
CA ALA B 63 9.12 -33.84 6.13
C ALA B 63 8.84 -32.53 5.41
N LYS B 64 7.56 -32.23 5.24
CA LYS B 64 7.09 -30.91 4.83
C LYS B 64 5.62 -30.81 5.21
N GLY B 65 5.16 -29.58 5.36
CA GLY B 65 3.73 -29.38 5.49
C GLY B 65 3.10 -29.18 4.13
N GLU B 66 2.53 -30.24 3.55
CA GLU B 66 2.05 -30.22 2.18
C GLU B 66 0.55 -29.95 2.12
N VAL B 67 0.16 -29.01 1.26
CA VAL B 67 -1.24 -28.92 0.88
C VAL B 67 -1.60 -30.04 -0.09
N ALA B 68 -2.90 -30.32 -0.17
CA ALA B 68 -3.37 -31.62 -0.64
C ALA B 68 -3.29 -31.75 -2.14
N ASP B 69 -4.04 -30.93 -2.86
CA ASP B 69 -4.27 -31.12 -4.29
C ASP B 69 -3.82 -29.86 -5.00
N ILE B 70 -2.58 -29.85 -5.47
CA ILE B 70 -2.05 -28.67 -6.15
C ILE B 70 -2.15 -28.80 -7.67
N ASP B 71 -2.19 -30.02 -8.20
CA ASP B 71 -2.41 -30.21 -9.63
C ASP B 71 -3.87 -29.99 -9.99
N LYS B 72 -4.78 -30.25 -9.06
CA LYS B 72 -6.20 -30.17 -9.32
C LYS B 72 -6.68 -28.71 -9.39
N PHE B 73 -7.56 -28.44 -10.35
CA PHE B 73 -8.12 -27.11 -10.54
C PHE B 73 -9.45 -27.25 -11.27
N ASP B 74 -10.41 -26.39 -10.91
CA ASP B 74 -11.68 -26.29 -11.63
C ASP B 74 -11.56 -25.11 -12.58
N ALA B 75 -10.96 -25.37 -13.75
CA ALA B 75 -10.76 -24.34 -14.75
C ALA B 75 -12.08 -23.93 -15.39
N ALA B 76 -12.98 -24.90 -15.59
CA ALA B 76 -14.27 -24.64 -16.22
C ALA B 76 -15.16 -23.73 -15.39
N PHE B 77 -14.94 -23.65 -14.08
CA PHE B 77 -15.67 -22.69 -13.26
C PHE B 77 -15.32 -21.26 -13.66
N PHE B 78 -14.05 -21.00 -13.94
CA PHE B 78 -13.60 -19.65 -14.22
C PHE B 78 -13.54 -19.37 -15.71
N GLY B 79 -13.88 -20.34 -16.55
CA GLY B 79 -13.83 -20.15 -17.97
C GLY B 79 -12.47 -20.40 -18.58
N ILE B 80 -11.51 -20.86 -17.80
CA ILE B 80 -10.18 -21.13 -18.30
C ILE B 80 -10.22 -22.40 -19.12
N ALA B 81 -9.71 -22.33 -20.35
CA ALA B 81 -9.65 -23.49 -21.21
C ALA B 81 -8.65 -24.49 -20.63
N PRO B 82 -8.80 -25.80 -20.91
CA PRO B 82 -7.87 -26.75 -20.29
C PRO B 82 -6.53 -26.87 -21.00
N ARG B 83 -6.03 -25.75 -21.51
CA ARG B 83 -4.67 -25.59 -22.01
C ARG B 83 -4.03 -24.33 -21.48
N GLU B 84 -4.82 -23.30 -21.17
CA GLU B 84 -4.32 -22.18 -20.39
C GLU B 84 -4.15 -22.56 -18.93
N ALA B 85 -4.93 -23.54 -18.46
CA ALA B 85 -4.86 -23.97 -17.07
C ALA B 85 -3.58 -24.74 -16.78
N GLU B 86 -3.12 -25.55 -17.74
CA GLU B 86 -1.87 -26.27 -17.55
C GLU B 86 -0.66 -25.36 -17.62
N LEU B 87 -0.81 -24.16 -18.17
CA LEU B 87 0.24 -23.17 -18.20
C LEU B 87 0.08 -22.14 -17.09
N MET B 88 -0.75 -22.43 -16.10
CA MET B 88 -0.87 -21.62 -14.90
C MET B 88 -0.03 -22.22 -13.79
N ASP B 89 0.60 -21.35 -13.02
CA ASP B 89 1.15 -21.69 -11.72
C ASP B 89 0.05 -22.28 -10.84
N PRO B 90 0.30 -23.42 -10.17
CA PRO B 90 -0.70 -23.94 -9.22
C PRO B 90 -0.97 -23.01 -8.06
N GLN B 91 -0.07 -22.08 -7.77
CA GLN B 91 -0.36 -21.00 -6.85
C GLN B 91 -1.47 -20.10 -7.36
N HIS B 92 -1.50 -19.81 -8.67
CA HIS B 92 -2.56 -19.01 -9.25
C HIS B 92 -3.91 -19.72 -9.17
N ARG B 93 -3.91 -21.01 -9.45
CA ARG B 93 -5.12 -21.82 -9.40
C ARG B 93 -5.65 -21.95 -7.97
N VAL B 94 -4.77 -22.27 -7.03
CA VAL B 94 -5.16 -22.47 -5.65
C VAL B 94 -5.57 -21.15 -5.02
N LEU B 95 -4.96 -20.04 -5.43
CA LEU B 95 -5.43 -18.77 -4.88
C LEU B 95 -6.67 -18.24 -5.60
N LEU B 96 -6.97 -18.69 -6.84
CA LEU B 96 -8.29 -18.44 -7.43
C LEU B 96 -9.40 -19.09 -6.62
N GLU B 97 -9.24 -20.39 -6.36
CA GLU B 97 -10.24 -21.09 -5.57
C GLU B 97 -10.29 -20.59 -4.14
N THR B 98 -9.14 -20.21 -3.57
CA THR B 98 -9.09 -19.64 -2.23
C THR B 98 -9.73 -18.26 -2.17
N ALA B 99 -9.66 -17.48 -3.25
CA ALA B 99 -10.30 -16.18 -3.23
C ALA B 99 -11.80 -16.26 -3.43
N TRP B 100 -12.27 -17.18 -4.30
CA TRP B 100 -13.69 -17.46 -4.37
C TRP B 100 -14.22 -17.97 -3.04
N ALA B 101 -13.49 -18.86 -2.38
CA ALA B 101 -13.90 -19.37 -1.09
C ALA B 101 -13.87 -18.30 0.00
N ALA B 102 -12.91 -17.38 -0.03
CA ALA B 102 -12.85 -16.34 0.99
C ALA B 102 -13.96 -15.33 0.81
N PHE B 103 -14.37 -15.07 -0.43
CA PHE B 103 -15.52 -14.21 -0.64
C PHE B 103 -16.82 -14.89 -0.28
N GLU B 104 -16.93 -16.20 -0.50
CA GLU B 104 -18.10 -16.92 -0.06
C GLU B 104 -18.15 -17.02 1.45
N ASP B 105 -17.00 -17.18 2.10
CA ASP B 105 -16.93 -17.14 3.56
C ASP B 105 -17.23 -15.76 4.11
N ALA B 106 -16.98 -14.71 3.34
CA ALA B 106 -17.45 -13.39 3.74
C ALA B 106 -18.94 -13.23 3.57
N GLY B 107 -19.58 -14.11 2.80
CA GLY B 107 -20.98 -13.97 2.49
C GLY B 107 -21.23 -13.01 1.35
N TYR B 108 -20.34 -13.01 0.36
CA TYR B 108 -20.39 -12.04 -0.73
C TYR B 108 -20.05 -12.74 -2.04
N VAL B 109 -20.57 -12.21 -3.13
CA VAL B 109 -19.97 -12.41 -4.43
C VAL B 109 -19.36 -11.07 -4.81
N ALA B 110 -18.04 -11.06 -4.96
CA ALA B 110 -17.35 -9.79 -5.11
C ALA B 110 -17.43 -9.24 -6.52
N ALA B 111 -17.84 -10.06 -7.49
CA ALA B 111 -18.10 -9.59 -8.84
C ALA B 111 -19.22 -8.55 -8.87
N ASP B 112 -20.15 -8.63 -7.94
CA ASP B 112 -21.27 -7.70 -7.89
C ASP B 112 -21.48 -7.16 -6.48
N TYR B 113 -20.39 -6.85 -5.81
CA TYR B 113 -20.43 -6.03 -4.61
C TYR B 113 -20.66 -4.57 -5.01
N PRO B 114 -21.41 -3.80 -4.19
CA PRO B 114 -21.66 -2.38 -4.50
C PRO B 114 -20.41 -1.53 -4.66
N GLY B 115 -19.61 -1.45 -3.60
CA GLY B 115 -18.39 -0.68 -3.63
C GLY B 115 -17.27 -1.34 -4.41
N ASP B 116 -16.05 -1.02 -4.04
CA ASP B 116 -14.90 -1.25 -4.88
C ASP B 116 -14.02 -2.29 -4.17
N VAL B 117 -13.55 -3.32 -4.87
CA VAL B 117 -12.95 -4.48 -4.22
C VAL B 117 -11.52 -4.72 -4.72
N GLY B 118 -10.56 -4.70 -3.80
CA GLY B 118 -9.17 -4.94 -4.12
C GLY B 118 -8.63 -6.30 -3.71
N ILE B 119 -7.68 -6.79 -4.49
CA ILE B 119 -6.82 -7.94 -4.21
C ILE B 119 -5.38 -7.51 -3.98
N PHE B 120 -4.82 -7.95 -2.86
CA PHE B 120 -3.46 -7.59 -2.43
C PHE B 120 -2.83 -8.89 -1.97
N ALA B 121 -2.14 -9.58 -2.83
CA ALA B 121 -1.65 -10.89 -2.47
C ALA B 121 -0.19 -10.99 -2.83
N GLY B 122 0.42 -12.09 -2.45
CA GLY B 122 1.78 -12.37 -2.83
C GLY B 122 1.92 -13.83 -3.21
N LYS B 123 3.11 -14.17 -3.66
CA LYS B 123 3.38 -15.46 -4.25
C LYS B 123 4.81 -15.85 -3.90
N SER B 124 5.05 -17.15 -3.77
CA SER B 124 6.42 -17.61 -3.57
C SER B 124 7.09 -17.77 -4.93
N MET B 125 8.20 -18.49 -4.95
CA MET B 125 8.93 -18.73 -6.19
C MET B 125 8.08 -19.57 -7.13
N ASP B 126 7.87 -19.06 -8.35
CA ASP B 126 7.16 -19.78 -9.39
C ASP B 126 8.07 -20.92 -9.87
N SER B 127 8.06 -22.00 -9.12
CA SER B 127 8.80 -23.18 -9.48
C SER B 127 8.03 -24.13 -10.38
N TYR B 128 6.84 -23.70 -10.82
CA TYR B 128 6.12 -24.52 -11.84
C TYR B 128 6.75 -24.17 -13.18
N LEU B 129 7.34 -22.97 -13.26
CA LEU B 129 8.03 -22.53 -14.50
C LEU B 129 9.23 -23.45 -14.75
N MET B 130 9.74 -24.10 -13.71
CA MET B 130 10.93 -24.99 -13.86
C MET B 130 10.62 -26.11 -14.86
N LEU B 131 9.49 -26.79 -14.69
CA LEU B 131 9.10 -27.88 -15.63
C LEU B 131 8.32 -27.28 -16.80
N ASN B 132 7.65 -26.14 -16.60
CA ASN B 132 6.99 -25.48 -17.74
C ASN B 132 8.10 -25.17 -18.76
N LEU B 133 9.35 -25.12 -18.29
CA LEU B 133 10.47 -24.94 -19.21
C LEU B 133 11.06 -26.28 -19.65
N MET B 134 11.51 -27.07 -18.69
CA MET B 134 11.98 -28.43 -18.99
C MET B 134 11.16 -29.46 -18.25
N ASN B 152 8.07 -19.45 -21.64
CA ASN B 152 9.25 -19.07 -20.87
C ASN B 152 8.90 -18.17 -19.68
N ASP B 153 7.68 -17.65 -19.65
CA ASP B 153 7.25 -16.71 -18.61
C ASP B 153 5.80 -16.96 -18.25
N LYS B 154 5.24 -16.12 -17.39
CA LYS B 154 3.89 -16.35 -16.86
C LYS B 154 3.24 -15.04 -16.45
N ASP B 155 2.06 -15.16 -15.84
CA ASP B 155 1.11 -14.11 -15.51
C ASP B 155 1.33 -13.61 -14.08
N SER B 156 0.63 -12.52 -13.74
CA SER B 156 0.58 -12.02 -12.37
C SER B 156 -0.61 -12.63 -11.66
N ILE B 157 -0.37 -13.13 -10.45
CA ILE B 157 -1.38 -13.86 -9.69
C ILE B 157 -2.55 -12.97 -9.31
N THR B 158 -2.27 -11.75 -8.87
CA THR B 158 -3.26 -10.87 -8.30
C THR B 158 -4.19 -10.31 -9.37
N THR B 159 -3.70 -10.15 -10.59
CA THR B 159 -4.57 -9.77 -11.70
C THR B 159 -5.32 -10.96 -12.32
N THR B 160 -4.84 -12.19 -12.20
CA THR B 160 -5.69 -13.33 -12.54
C THR B 160 -6.88 -13.41 -11.59
N ILE B 161 -6.65 -13.17 -10.30
CA ILE B 161 -7.76 -13.13 -9.35
C ILE B 161 -8.71 -11.99 -9.70
N ALA B 162 -8.18 -10.79 -9.95
CA ALA B 162 -9.04 -9.64 -10.23
C ALA B 162 -9.77 -9.77 -11.55
N TYR B 163 -9.18 -10.46 -12.52
CA TYR B 163 -9.89 -10.74 -13.76
C TYR B 163 -11.00 -11.75 -13.53
N HIS B 164 -10.63 -12.95 -13.09
CA HIS B 164 -11.59 -14.03 -13.00
C HIS B 164 -12.61 -13.87 -11.89
N LEU B 165 -12.48 -12.88 -11.01
CA LEU B 165 -13.52 -12.67 -10.02
C LEU B 165 -14.13 -11.29 -10.12
N ASN B 166 -13.76 -10.51 -11.14
CA ASN B 166 -14.29 -9.18 -11.41
C ASN B 166 -14.06 -8.24 -10.23
N LEU B 167 -12.83 -8.22 -9.75
CA LEU B 167 -12.44 -7.30 -8.70
C LEU B 167 -11.95 -6.03 -9.36
N ARG B 168 -12.61 -4.93 -9.10
CA ARG B 168 -12.34 -3.69 -9.83
C ARG B 168 -11.63 -2.67 -8.96
N GLY B 169 -10.93 -3.10 -7.93
CA GLY B 169 -10.07 -2.26 -7.16
C GLY B 169 -8.63 -2.60 -7.42
N PRO B 170 -7.72 -2.09 -6.59
CA PRO B 170 -6.28 -2.26 -6.83
C PRO B 170 -5.86 -3.71 -6.72
N ALA B 171 -5.35 -4.25 -7.81
CA ALA B 171 -4.81 -5.61 -7.84
C ALA B 171 -3.29 -5.52 -7.74
N ILE B 172 -2.80 -5.41 -6.50
CA ILE B 172 -1.39 -5.12 -6.23
C ILE B 172 -0.73 -6.36 -5.67
N THR B 173 0.23 -6.92 -6.40
CA THR B 173 1.07 -7.97 -5.86
C THR B 173 2.16 -7.35 -4.98
N VAL B 174 2.25 -7.80 -3.73
CA VAL B 174 3.33 -7.40 -2.84
C VAL B 174 4.27 -8.58 -2.70
N GLN B 175 5.56 -8.31 -2.55
CA GLN B 175 6.54 -9.38 -2.61
C GLN B 175 7.65 -9.21 -1.59
N THR B 176 7.31 -9.02 -0.31
CA THR B 176 8.35 -9.20 0.71
C THR B 176 8.59 -10.71 0.89
N SER B 177 9.53 -11.11 1.73
CA SER B 177 9.97 -12.51 1.62
C SER B 177 9.04 -13.48 2.34
N SER B 178 8.99 -13.41 3.66
CA SER B 178 8.18 -14.30 4.46
C SER B 178 7.17 -13.56 5.30
N SER B 179 7.14 -12.24 5.21
CA SER B 179 6.05 -11.44 5.73
C SER B 179 5.13 -10.98 4.64
N THR B 180 5.09 -11.71 3.52
CA THR B 180 4.43 -11.24 2.31
C THR B 180 2.93 -11.10 2.56
N SER B 181 2.35 -12.09 3.22
CA SER B 181 0.93 -12.16 3.45
C SER B 181 0.45 -11.18 4.48
N LEU B 182 1.19 -10.99 5.57
CA LEU B 182 0.82 -9.98 6.53
C LEU B 182 1.06 -8.57 6.04
N VAL B 183 2.11 -8.36 5.23
CA VAL B 183 2.33 -7.08 4.59
C VAL B 183 1.25 -6.78 3.57
N ALA B 184 0.79 -7.82 2.87
CA ALA B 184 -0.35 -7.74 1.96
C ALA B 184 -1.61 -7.32 2.69
N VAL B 185 -1.83 -7.89 3.87
CA VAL B 185 -2.95 -7.49 4.73
C VAL B 185 -2.80 -6.04 5.18
N CYS B 186 -1.58 -5.61 5.50
CA CYS B 186 -1.35 -4.23 5.93
C CYS B 186 -1.55 -3.24 4.78
N VAL B 187 -1.09 -3.59 3.59
CA VAL B 187 -1.29 -2.77 2.39
C VAL B 187 -2.77 -2.68 2.05
N ALA B 188 -3.50 -3.79 2.18
CA ALA B 188 -4.95 -3.81 2.02
C ALA B 188 -5.65 -2.93 3.01
N CYS B 189 -5.22 -2.95 4.27
CA CYS B 189 -5.79 -2.07 5.27
C CYS B 189 -5.50 -0.61 5.00
N GLN B 190 -4.33 -0.29 4.45
CA GLN B 190 -4.08 1.09 4.01
C GLN B 190 -5.00 1.49 2.86
N SER B 191 -5.20 0.59 1.89
CA SER B 191 -6.12 0.88 0.79
C SER B 191 -7.55 1.07 1.27
N LEU B 192 -7.98 0.29 2.25
CA LEU B 192 -9.30 0.48 2.82
C LEU B 192 -9.40 1.81 3.58
N LEU B 193 -8.37 2.19 4.32
CA LEU B 193 -8.44 3.40 5.14
C LEU B 193 -8.13 4.69 4.39
N THR B 194 -7.51 4.60 3.22
CA THR B 194 -7.44 5.73 2.29
C THR B 194 -8.59 5.74 1.31
N TRP B 195 -9.53 4.79 1.45
CA TRP B 195 -10.70 4.63 0.59
C TRP B 195 -10.29 4.39 -0.86
N GLN B 196 -9.25 3.59 -1.07
CA GLN B 196 -8.95 3.09 -2.41
C GLN B 196 -9.87 1.96 -2.81
N CYS B 197 -10.54 1.33 -1.86
CA CYS B 197 -11.47 0.25 -2.10
C CYS B 197 -12.43 0.21 -0.93
N ASP B 198 -13.54 -0.48 -1.13
CA ASP B 198 -14.54 -0.61 -0.07
C ASP B 198 -14.47 -1.96 0.63
N MET B 199 -13.88 -2.96 0.00
CA MET B 199 -13.66 -4.25 0.60
C MET B 199 -12.40 -4.78 -0.05
N ALA B 200 -11.62 -5.53 0.69
CA ALA B 200 -10.34 -5.97 0.17
C ALA B 200 -10.11 -7.42 0.55
N ILE B 201 -9.36 -8.12 -0.27
CA ILE B 201 -8.97 -9.48 0.03
C ILE B 201 -7.45 -9.59 -0.06
N ALA B 202 -6.84 -10.13 0.98
CA ALA B 202 -5.40 -10.07 1.13
C ALA B 202 -4.85 -11.36 1.68
N GLY B 203 -3.71 -11.77 1.15
CA GLY B 203 -3.08 -12.96 1.64
C GLY B 203 -1.90 -13.35 0.80
N GLY B 204 -1.70 -14.63 0.58
CA GLY B 204 -0.54 -15.07 -0.17
C GLY B 204 -0.56 -16.57 -0.31
N VAL B 205 0.39 -17.09 -1.10
CA VAL B 205 0.39 -18.55 -1.39
C VAL B 205 1.83 -19.08 -1.54
N THR B 206 2.14 -20.18 -0.87
CA THR B 206 3.46 -20.84 -1.03
C THR B 206 3.17 -22.21 -1.64
N LEU B 207 3.50 -22.41 -2.91
CA LEU B 207 3.14 -23.71 -3.56
C LEU B 207 4.21 -24.04 -4.60
N GLY B 208 4.37 -25.33 -4.92
CA GLY B 208 5.44 -25.72 -5.86
C GLY B 208 5.35 -27.17 -6.29
N PRO B 209 5.61 -27.50 -7.57
CA PRO B 209 5.62 -28.88 -8.06
C PRO B 209 6.20 -29.98 -7.16
N PRO B 210 7.38 -29.85 -6.50
CA PRO B 210 7.84 -30.87 -5.56
C PRO B 210 6.90 -30.76 -4.34
N ALA B 211 5.68 -31.24 -4.46
CA ALA B 211 4.73 -31.24 -3.36
C ALA B 211 5.03 -32.33 -2.35
N LYS B 212 5.84 -33.31 -2.74
CA LYS B 212 6.28 -34.40 -1.87
C LYS B 212 7.80 -34.40 -1.88
N THR B 213 8.41 -33.63 -0.97
CA THR B 213 9.86 -33.52 -0.94
C THR B 213 10.34 -33.20 0.47
N GLY B 214 11.59 -33.57 0.73
CA GLY B 214 12.31 -33.08 1.90
C GLY B 214 13.13 -31.86 1.54
N TYR B 215 14.01 -31.48 2.46
CA TYR B 215 14.63 -30.16 2.32
C TYR B 215 16.12 -30.07 2.65
N LEU B 216 16.77 -31.14 3.10
CA LEU B 216 18.21 -31.18 3.41
C LEU B 216 18.59 -30.13 4.46
N SER B 217 18.14 -30.39 5.69
CA SER B 217 18.41 -29.49 6.80
C SER B 217 19.88 -29.56 7.17
N GLN B 218 20.61 -28.51 6.82
CA GLN B 218 22.05 -28.46 6.98
C GLN B 218 22.45 -27.95 8.37
N GLU B 219 23.65 -28.35 8.79
CA GLU B 219 24.13 -28.01 10.12
C GLU B 219 24.43 -26.51 10.20
N GLY B 220 23.92 -25.88 11.25
CA GLY B 220 23.93 -24.43 11.32
C GLY B 220 22.92 -23.77 10.43
N GLY B 221 22.03 -24.54 9.80
CA GLY B 221 21.02 -23.99 8.92
C GLY B 221 19.76 -23.61 9.67
N ILE B 222 18.92 -22.87 8.97
CA ILE B 222 17.71 -22.33 9.57
C ILE B 222 16.53 -23.30 9.51
N THR B 223 16.72 -24.50 8.97
CA THR B 223 15.64 -25.47 8.87
C THR B 223 15.91 -26.67 9.76
N ALA B 224 14.84 -27.23 10.32
CA ALA B 224 14.94 -28.21 11.40
C ALA B 224 15.35 -29.58 10.88
N ALA B 225 16.36 -30.16 11.50
CA ALA B 225 16.73 -31.54 11.21
C ALA B 225 15.83 -32.55 11.89
N ASP B 226 15.00 -32.09 12.83
CA ASP B 226 14.07 -32.97 13.54
C ASP B 226 12.89 -33.36 12.66
N GLY B 227 12.55 -32.52 11.69
CA GLY B 227 11.26 -32.60 11.03
C GLY B 227 10.14 -31.91 11.77
N HIS B 228 10.43 -31.25 12.89
CA HIS B 228 9.42 -30.64 13.75
C HIS B 228 9.86 -29.22 14.07
N CYS B 229 9.02 -28.25 13.76
CA CYS B 229 9.29 -26.87 14.15
C CYS B 229 8.92 -26.69 15.61
N ARG B 230 9.92 -26.50 16.45
CA ARG B 230 9.74 -26.32 17.88
C ARG B 230 10.08 -24.88 18.18
N ALA B 231 9.07 -24.03 18.07
CA ALA B 231 9.26 -22.61 18.31
C ALA B 231 9.43 -22.35 19.80
N PHE B 232 10.43 -21.53 20.13
CA PHE B 232 10.77 -21.07 21.48
C PHE B 232 11.15 -22.21 22.40
N SER B 233 11.61 -23.33 21.86
CA SER B 233 11.99 -24.49 22.64
C SER B 233 13.50 -24.62 22.69
N ASP B 234 13.99 -25.36 23.68
CA ASP B 234 15.42 -25.67 23.76
C ASP B 234 15.85 -26.77 22.80
N ASN B 235 14.90 -27.47 22.18
CA ASN B 235 15.19 -28.51 21.21
C ASN B 235 15.08 -28.00 19.78
N SER B 236 15.14 -26.68 19.59
CA SER B 236 14.83 -26.06 18.32
C SER B 236 15.98 -26.27 17.33
N SER B 237 15.68 -26.93 16.21
CA SER B 237 16.68 -27.12 15.17
C SER B 237 16.50 -26.20 13.98
N GLY B 238 15.36 -25.53 13.86
CA GLY B 238 15.03 -24.73 12.70
C GLY B 238 13.53 -24.74 12.46
N PHE B 239 13.13 -24.45 11.23
CA PHE B 239 11.75 -24.65 10.81
C PHE B 239 11.63 -25.88 9.95
N VAL B 240 10.40 -26.20 9.58
CA VAL B 240 10.11 -27.18 8.55
C VAL B 240 9.29 -26.48 7.46
N PRO B 241 9.63 -26.65 6.19
CA PRO B 241 8.96 -25.91 5.13
C PRO B 241 7.54 -26.41 4.89
N GLY B 242 6.59 -25.52 5.05
CA GLY B 242 5.22 -25.81 4.71
C GLY B 242 4.83 -25.12 3.42
N THR B 243 3.83 -25.70 2.76
CA THR B 243 3.20 -25.10 1.60
C THR B 243 1.75 -24.77 1.95
N GLY B 244 1.23 -23.69 1.39
CA GLY B 244 -0.12 -23.28 1.78
C GLY B 244 -0.56 -22.02 1.07
N ALA B 245 -1.86 -21.81 1.10
CA ALA B 245 -2.50 -20.59 0.61
C ALA B 245 -3.37 -20.03 1.71
N GLY B 246 -3.78 -18.78 1.56
CA GLY B 246 -4.61 -18.21 2.57
C GLY B 246 -4.95 -16.78 2.23
N LEU B 247 -6.20 -16.39 2.40
CA LEU B 247 -6.63 -15.03 2.11
C LEU B 247 -7.63 -14.62 3.17
N VAL B 248 -7.60 -13.38 3.55
CA VAL B 248 -8.61 -12.83 4.43
C VAL B 248 -9.35 -11.76 3.66
N VAL B 249 -10.65 -11.63 3.90
CA VAL B 249 -11.45 -10.60 3.29
C VAL B 249 -11.64 -9.50 4.29
N LEU B 250 -11.28 -8.30 3.91
CA LEU B 250 -11.18 -7.19 4.83
C LEU B 250 -12.17 -6.11 4.44
N LYS B 251 -12.73 -5.46 5.45
CA LYS B 251 -13.66 -4.37 5.26
C LYS B 251 -13.50 -3.45 6.46
N ARG B 252 -13.86 -2.18 6.28
CA ARG B 252 -13.88 -1.27 7.41
C ARG B 252 -14.94 -1.67 8.39
N VAL B 253 -14.72 -1.34 9.67
CA VAL B 253 -15.53 -1.95 10.72
C VAL B 253 -16.92 -1.32 10.83
N ASP B 254 -17.11 -0.06 10.47
CA ASP B 254 -18.45 0.51 10.54
C ASP B 254 -19.33 0.01 9.40
N GLU B 255 -18.75 -0.15 8.22
CA GLU B 255 -19.45 -0.76 7.10
C GLU B 255 -19.74 -2.23 7.36
N ALA B 256 -18.78 -2.96 7.93
CA ALA B 256 -19.01 -4.36 8.25
C ALA B 256 -20.01 -4.54 9.37
N LEU B 257 -20.18 -3.55 10.24
CA LEU B 257 -21.19 -3.63 11.28
C LEU B 257 -22.58 -3.26 10.75
N ARG B 258 -22.68 -2.22 9.92
CA ARG B 258 -23.98 -1.89 9.35
C ARG B 258 -24.44 -2.90 8.31
N ASP B 259 -23.53 -3.64 7.69
CA ASP B 259 -23.93 -4.66 6.73
C ASP B 259 -24.24 -6.01 7.37
N GLY B 260 -23.98 -6.16 8.66
CA GLY B 260 -24.20 -7.45 9.30
C GLY B 260 -23.27 -8.54 8.82
N ASP B 261 -21.99 -8.25 8.71
CA ASP B 261 -21.02 -9.25 8.31
C ASP B 261 -20.61 -10.11 9.50
N ASN B 262 -20.01 -11.26 9.22
CA ASN B 262 -19.39 -12.06 10.27
C ASN B 262 -17.97 -11.56 10.50
N ILE B 263 -17.80 -10.67 11.46
CA ILE B 263 -16.49 -10.14 11.81
C ILE B 263 -15.79 -11.18 12.67
N TYR B 264 -14.67 -11.70 12.18
CA TYR B 264 -13.82 -12.56 13.00
C TYR B 264 -13.09 -11.72 14.03
N ALA B 265 -12.23 -10.82 13.56
CA ALA B 265 -11.50 -9.90 14.40
C ALA B 265 -11.39 -8.58 13.66
N VAL B 266 -11.11 -7.53 14.42
CA VAL B 266 -10.93 -6.19 13.86
C VAL B 266 -9.45 -5.82 13.95
N ILE B 267 -8.84 -5.57 12.81
CA ILE B 267 -7.46 -5.09 12.76
C ILE B 267 -7.45 -3.65 13.23
N LYS B 268 -7.08 -3.43 14.48
CA LYS B 268 -7.09 -2.08 15.04
C LYS B 268 -5.83 -1.30 14.73
N GLY B 269 -4.72 -1.97 14.49
CA GLY B 269 -3.50 -1.28 14.13
C GLY B 269 -2.53 -2.23 13.48
N PHE B 270 -1.67 -1.66 12.66
CA PHE B 270 -0.73 -2.43 11.87
C PHE B 270 0.54 -1.62 11.73
N ALA B 271 1.65 -2.32 11.48
CA ALA B 271 2.90 -1.64 11.24
C ALA B 271 3.81 -2.53 10.44
N VAL B 272 4.39 -1.97 9.38
CA VAL B 272 5.47 -2.58 8.62
C VAL B 272 6.67 -1.67 8.72
N ASN B 273 7.84 -2.25 8.93
CA ASN B 273 9.08 -1.53 8.74
C ASN B 273 10.11 -2.50 8.20
N ASN B 274 11.34 -2.02 8.13
CA ASN B 274 12.48 -2.83 7.74
C ASN B 274 13.54 -2.74 8.83
N ASP B 275 14.37 -3.77 8.89
CA ASP B 275 15.56 -3.77 9.71
C ASP B 275 16.49 -2.65 9.28
N GLY B 276 17.02 -2.78 8.06
CA GLY B 276 17.76 -1.73 7.42
C GLY B 276 19.16 -1.55 7.98
N SER B 277 19.99 -2.59 7.88
CA SER B 277 21.44 -2.56 8.18
C SER B 277 21.81 -1.99 9.55
N GLU B 278 20.88 -2.03 10.51
CA GLU B 278 21.19 -1.86 11.91
C GLU B 278 21.27 -3.22 12.58
N LYS B 279 21.82 -4.17 11.82
CA LYS B 279 21.96 -5.56 12.20
C LYS B 279 23.31 -6.02 11.68
N ILE B 280 23.64 -7.27 11.98
CA ILE B 280 24.99 -7.77 11.68
C ILE B 280 25.18 -7.99 10.19
N SER B 281 24.23 -8.66 9.56
CA SER B 281 24.33 -8.99 8.14
C SER B 281 23.01 -8.67 7.48
N TYR B 282 22.87 -9.04 6.21
CA TYR B 282 21.58 -8.92 5.54
C TYR B 282 20.62 -9.99 6.02
N THR B 283 21.10 -11.22 6.16
CA THR B 283 20.31 -12.33 6.70
C THR B 283 20.47 -12.39 8.21
N ALA B 284 20.01 -11.33 8.87
CA ALA B 284 20.01 -11.20 10.30
C ALA B 284 18.69 -10.60 10.72
N PRO B 285 18.19 -10.94 11.90
CA PRO B 285 17.01 -10.25 12.44
C PRO B 285 17.38 -9.16 13.44
N SER B 286 16.53 -8.15 13.58
CA SER B 286 16.83 -6.99 14.40
C SER B 286 15.79 -6.82 15.50
N VAL B 287 16.27 -6.83 16.74
CA VAL B 287 15.41 -6.70 17.92
C VAL B 287 14.70 -5.36 17.91
N ASP B 288 15.44 -4.28 17.64
CA ASP B 288 14.85 -2.95 17.69
C ASP B 288 13.89 -2.69 16.53
N ALA B 289 14.11 -3.34 15.39
CA ALA B 289 13.18 -3.19 14.28
C ALA B 289 11.87 -3.92 14.52
N GLN B 290 11.96 -5.17 14.99
CA GLN B 290 10.72 -5.89 15.33
C GLN B 290 10.00 -5.24 16.49
N ALA B 291 10.73 -4.73 17.48
CA ALA B 291 10.11 -4.01 18.58
C ALA B 291 9.48 -2.71 18.11
N ARG B 292 10.08 -2.04 17.13
CA ARG B 292 9.49 -0.86 16.51
C ARG B 292 8.17 -1.20 15.84
N ALA B 293 8.12 -2.32 15.11
CA ALA B 293 6.89 -2.75 14.46
C ALA B 293 5.80 -3.07 15.48
N ILE B 294 6.14 -3.79 16.55
CA ILE B 294 5.14 -4.17 17.54
C ILE B 294 4.63 -2.94 18.30
N ALA B 295 5.52 -2.04 18.70
CA ALA B 295 5.09 -0.85 19.42
C ALA B 295 4.36 0.14 18.52
N GLN B 296 4.70 0.19 17.24
CA GLN B 296 4.01 1.08 16.30
C GLN B 296 2.61 0.58 16.01
N ALA B 297 2.46 -0.73 15.80
CA ALA B 297 1.14 -1.32 15.61
C ALA B 297 0.27 -1.17 16.84
N GLN B 298 0.84 -1.32 18.04
CA GLN B 298 0.04 -1.12 19.24
C GLN B 298 -0.25 0.36 19.52
N ARG B 299 0.57 1.27 19.03
CA ARG B 299 0.23 2.68 19.16
C ARG B 299 -0.89 3.08 18.21
N LEU B 300 -0.83 2.58 16.97
CA LEU B 300 -1.90 2.83 16.00
C LEU B 300 -3.18 2.12 16.39
N ALA B 301 -3.07 0.99 17.09
CA ALA B 301 -4.23 0.26 17.57
C ALA B 301 -4.93 0.94 18.74
N GLY B 302 -4.38 2.03 19.25
CA GLY B 302 -4.94 2.71 20.40
C GLY B 302 -4.78 1.95 21.69
N LEU B 303 -3.78 1.09 21.76
CA LEU B 303 -3.64 0.13 22.84
C LEU B 303 -2.28 0.27 23.52
N THR B 304 -2.09 -0.54 24.55
CA THR B 304 -0.88 -0.65 25.34
C THR B 304 -0.49 -2.11 25.36
N PRO B 305 0.77 -2.42 25.68
CA PRO B 305 1.16 -3.84 25.81
C PRO B 305 0.42 -4.60 26.91
N GLN B 306 -0.16 -3.90 27.88
CA GLN B 306 -0.99 -4.54 28.89
C GLN B 306 -2.21 -5.21 28.27
N ASP B 307 -2.73 -4.64 27.18
CA ASP B 307 -4.01 -5.04 26.63
C ASP B 307 -3.93 -6.27 25.73
N ILE B 308 -2.75 -6.67 25.29
CA ILE B 308 -2.59 -7.80 24.37
C ILE B 308 -2.37 -9.06 25.21
N THR B 309 -3.20 -10.07 24.97
CA THR B 309 -3.21 -11.27 25.80
C THR B 309 -2.88 -12.50 24.96
N TYR B 310 -2.78 -12.36 23.66
CA TYR B 310 -2.17 -13.40 22.84
C TYR B 310 -1.32 -12.73 21.77
N VAL B 311 -0.13 -13.27 21.53
CA VAL B 311 0.70 -12.80 20.44
C VAL B 311 1.05 -14.00 19.59
N GLU B 312 0.65 -13.95 18.33
CA GLU B 312 1.13 -14.91 17.35
C GLU B 312 2.46 -14.40 16.85
N ALA B 313 3.54 -15.00 17.32
CA ALA B 313 4.84 -14.58 16.88
C ALA B 313 5.14 -15.21 15.53
N HIS B 314 6.18 -14.70 14.87
CA HIS B 314 6.64 -15.35 13.66
C HIS B 314 7.16 -16.75 13.97
N GLY B 315 7.84 -16.92 15.10
CA GLY B 315 8.02 -18.22 15.75
C GLY B 315 8.68 -19.29 14.94
N THR B 316 9.85 -18.98 14.39
CA THR B 316 10.38 -19.76 13.29
C THR B 316 11.01 -21.05 13.78
N GLY B 317 11.45 -21.09 15.03
CA GLY B 317 12.11 -22.28 15.50
C GLY B 317 13.59 -22.33 15.21
N THR B 318 14.16 -21.26 14.67
CA THR B 318 15.56 -21.24 14.29
C THR B 318 16.47 -21.11 15.49
N ARG B 319 17.75 -21.43 15.27
CA ARG B 319 18.76 -21.35 16.31
C ARG B 319 19.02 -19.91 16.72
N LEU B 320 18.84 -18.96 15.80
CA LEU B 320 19.27 -17.60 16.01
C LEU B 320 18.14 -16.59 15.99
N GLY B 321 17.04 -16.86 15.32
CA GLY B 321 15.95 -15.91 15.26
C GLY B 321 14.90 -16.09 16.33
N ASP B 322 14.91 -17.25 17.00
CA ASP B 322 14.03 -17.48 18.13
C ASP B 322 14.24 -16.51 19.29
N PRO B 323 15.46 -16.22 19.78
CA PRO B 323 15.56 -15.24 20.87
C PRO B 323 15.54 -13.81 20.42
N VAL B 324 15.75 -13.54 19.14
CA VAL B 324 15.65 -12.18 18.63
C VAL B 324 14.20 -11.72 18.66
N GLU B 325 13.29 -12.60 18.24
CA GLU B 325 11.87 -12.29 18.28
C GLU B 325 11.36 -12.14 19.70
N PHE B 326 11.82 -13.00 20.60
CA PHE B 326 11.42 -12.89 22.00
C PHE B 326 11.98 -11.65 22.66
N SER B 327 13.22 -11.29 22.33
CA SER B 327 13.84 -10.08 22.85
C SER B 327 13.10 -8.85 22.38
N ALA B 328 12.69 -8.84 21.12
CA ALA B 328 11.90 -7.74 20.57
C ALA B 328 10.52 -7.67 21.21
N LEU B 329 9.90 -8.82 21.42
CA LEU B 329 8.60 -8.88 22.08
C LEU B 329 8.68 -8.39 23.51
N SER B 330 9.73 -8.79 24.24
CA SER B 330 9.93 -8.33 25.60
C SER B 330 10.18 -6.83 25.66
N GLN B 331 10.95 -6.32 24.69
CA GLN B 331 11.23 -4.88 24.64
C GLN B 331 9.98 -4.08 24.33
N ALA B 332 9.15 -4.58 23.41
CA ALA B 332 7.90 -3.92 23.07
C ALA B 332 6.87 -4.02 24.19
N PHE B 333 6.88 -5.12 24.94
CA PHE B 333 5.95 -5.36 26.03
C PHE B 333 6.51 -4.95 27.38
N ALA B 334 7.66 -4.28 27.39
CA ALA B 334 8.35 -3.94 28.63
C ALA B 334 7.62 -2.87 29.44
N GLY B 335 6.73 -2.10 28.81
CA GLY B 335 6.00 -1.08 29.53
C GLY B 335 4.90 -1.61 30.43
N ALA B 336 4.56 -2.89 30.32
CA ALA B 336 3.51 -3.49 31.13
C ALA B 336 4.16 -4.30 32.24
N SER B 337 3.95 -3.87 33.48
CA SER B 337 4.53 -4.56 34.64
C SER B 337 3.58 -5.61 35.21
N GLN B 338 3.10 -6.49 34.34
CA GLN B 338 2.40 -7.71 34.74
C GLN B 338 3.17 -8.89 34.18
N LYS B 339 3.04 -10.03 34.84
CA LYS B 339 3.90 -11.17 34.59
C LYS B 339 3.09 -12.31 33.98
N GLN B 340 3.56 -12.80 32.83
CA GLN B 340 3.06 -14.00 32.17
C GLN B 340 1.55 -13.95 31.90
N TYR B 341 1.08 -12.79 31.45
CA TYR B 341 -0.33 -12.58 31.18
C TYR B 341 -0.71 -12.78 29.72
N CYS B 342 0.26 -12.78 28.81
CA CYS B 342 0.02 -12.78 27.38
C CYS B 342 0.48 -14.10 26.80
N ALA B 343 -0.40 -14.82 26.11
CA ALA B 343 0.02 -16.08 25.52
C ALA B 343 0.87 -15.82 24.28
N LEU B 344 1.77 -16.74 23.99
CA LEU B 344 2.64 -16.61 22.85
C LEU B 344 2.61 -17.91 22.08
N GLY B 345 2.40 -17.83 20.77
CA GLY B 345 2.20 -19.03 19.98
C GLY B 345 2.83 -18.90 18.61
N SER B 346 2.76 -20.00 17.89
CA SER B 346 3.29 -20.07 16.54
C SER B 346 2.56 -21.17 15.80
N VAL B 347 2.03 -20.87 14.61
CA VAL B 347 1.32 -21.88 13.84
C VAL B 347 2.33 -22.84 13.21
N LYS B 348 3.58 -22.41 13.08
CA LYS B 348 4.60 -23.18 12.40
C LYS B 348 4.93 -24.48 13.11
N THR B 349 4.63 -24.57 14.40
CA THR B 349 4.67 -25.83 15.11
C THR B 349 3.67 -26.83 14.53
N ASN B 350 2.50 -26.34 14.14
CA ASN B 350 1.50 -27.21 13.54
C ASN B 350 1.77 -27.45 12.06
N ILE B 351 1.73 -26.39 11.25
CA ILE B 351 1.68 -26.56 9.80
C ILE B 351 3.03 -26.39 9.13
N GLY B 352 3.99 -25.73 9.80
CA GLY B 352 5.32 -25.50 9.21
C GLY B 352 5.47 -24.08 8.73
N HIS B 353 6.71 -23.62 8.54
CA HIS B 353 6.95 -22.26 7.99
C HIS B 353 6.28 -22.16 6.62
N LEU B 354 5.19 -21.41 6.52
CA LEU B 354 4.44 -21.30 5.24
C LEU B 354 5.10 -20.22 4.38
N ASP B 355 6.42 -20.06 4.44
CA ASP B 355 7.16 -19.03 3.65
C ASP B 355 6.33 -17.76 3.47
N THR B 356 5.82 -17.51 2.26
CA THR B 356 5.06 -16.27 1.99
C THR B 356 3.74 -16.28 2.77
N ALA B 357 2.98 -17.39 2.68
CA ALA B 357 1.64 -17.46 3.33
C ALA B 357 1.74 -17.59 4.85
N ALA B 358 2.90 -17.28 5.45
CA ALA B 358 3.07 -17.48 6.91
C ALA B 358 2.29 -16.43 7.69
N GLY B 359 2.21 -15.19 7.18
CA GLY B 359 1.57 -14.15 7.93
C GLY B 359 0.07 -14.16 7.85
N VAL B 360 -0.48 -14.84 6.86
CA VAL B 360 -1.92 -15.02 6.79
C VAL B 360 -2.35 -16.32 7.45
N ALA B 361 -1.48 -17.31 7.57
CA ALA B 361 -1.79 -18.46 8.42
C ALA B 361 -1.85 -18.07 9.88
N GLY B 362 -0.90 -17.25 10.34
CA GLY B 362 -0.93 -16.72 11.68
C GLY B 362 -2.06 -15.76 11.93
N LEU B 363 -2.38 -14.90 10.98
CA LEU B 363 -3.52 -13.99 11.13
C LEU B 363 -4.85 -14.71 11.06
N ILE B 364 -4.95 -15.75 10.22
CA ILE B 364 -6.16 -16.57 10.20
C ILE B 364 -6.34 -17.31 11.52
N LYS B 365 -5.26 -17.89 12.06
CA LYS B 365 -5.35 -18.56 13.36
C LYS B 365 -5.71 -17.59 14.47
N THR B 366 -5.13 -16.40 14.43
CA THR B 366 -5.33 -15.44 15.49
C THR B 366 -6.69 -14.78 15.41
N ALA B 367 -7.22 -14.55 14.20
CA ALA B 367 -8.57 -14.03 14.07
C ALA B 367 -9.60 -15.08 14.45
N LEU B 368 -9.32 -16.35 14.14
CA LEU B 368 -10.15 -17.44 14.64
C LEU B 368 -10.11 -17.51 16.16
N ALA B 369 -8.94 -17.31 16.75
CA ALA B 369 -8.80 -17.36 18.20
C ALA B 369 -9.46 -16.16 18.87
N VAL B 370 -9.43 -15.01 18.23
CA VAL B 370 -10.10 -13.83 18.78
C VAL B 370 -11.61 -13.99 18.69
N GLN B 371 -12.11 -14.50 17.56
CA GLN B 371 -13.54 -14.70 17.38
C GLN B 371 -14.08 -15.80 18.30
N GLN B 372 -13.43 -16.96 18.28
CA GLN B 372 -13.91 -18.10 19.04
C GLN B 372 -13.69 -17.92 20.54
N GLY B 373 -12.56 -17.34 20.91
CA GLY B 373 -12.23 -17.17 22.30
C GLY B 373 -11.43 -18.30 22.90
N ILE B 374 -10.69 -19.04 22.09
CA ILE B 374 -9.86 -20.14 22.56
C ILE B 374 -8.51 -20.03 21.89
N ILE B 375 -7.43 -20.13 22.68
CA ILE B 375 -6.07 -20.08 22.18
C ILE B 375 -5.61 -21.51 21.94
N PRO B 376 -5.28 -21.90 20.72
CA PRO B 376 -4.83 -23.27 20.47
C PRO B 376 -3.45 -23.52 21.06
N ALA B 377 -3.06 -24.79 21.02
CA ALA B 377 -1.79 -25.18 21.57
C ALA B 377 -0.65 -24.76 20.66
N THR B 378 0.51 -24.59 21.26
CA THR B 378 1.76 -24.47 20.52
C THR B 378 2.51 -25.78 20.72
N LEU B 379 2.72 -26.50 19.65
CA LEU B 379 3.23 -27.85 19.77
C LEU B 379 4.73 -27.86 20.06
N HIS B 380 5.19 -29.00 20.57
CA HIS B 380 6.60 -29.31 20.85
C HIS B 380 7.23 -28.27 21.79
N PHE B 381 6.69 -28.22 23.00
CA PHE B 381 7.21 -27.29 23.99
C PHE B 381 7.20 -28.00 25.33
N GLU B 382 8.37 -28.12 25.96
CA GLU B 382 8.46 -28.50 27.35
C GLU B 382 9.17 -27.43 28.16
N ARG B 383 10.31 -26.96 27.69
CA ARG B 383 11.13 -25.98 28.37
C ARG B 383 11.41 -24.81 27.42
N PRO B 384 11.66 -23.62 27.95
CA PRO B 384 12.05 -22.49 27.10
C PRO B 384 13.39 -22.65 26.39
N ASN B 385 13.74 -21.68 25.56
CA ASN B 385 15.09 -21.61 25.02
C ASN B 385 16.06 -21.22 26.14
N ALA B 386 17.36 -21.43 25.89
CA ALA B 386 18.34 -20.97 26.86
C ALA B 386 18.36 -19.45 26.94
N GLN B 387 18.27 -18.78 25.80
CA GLN B 387 18.32 -17.33 25.73
C GLN B 387 16.96 -16.67 25.92
N ILE B 388 15.91 -17.47 26.13
CA ILE B 388 14.55 -16.99 26.31
C ILE B 388 14.08 -17.43 27.68
N ASP B 389 13.77 -16.48 28.55
CA ASP B 389 13.17 -16.83 29.82
C ASP B 389 11.70 -16.42 29.78
N LEU B 390 10.82 -17.34 30.14
CA LEU B 390 9.41 -16.98 30.10
C LEU B 390 8.90 -16.49 31.44
N THR B 391 9.52 -16.91 32.54
CA THR B 391 8.93 -16.73 33.86
C THR B 391 8.97 -15.26 34.29
N ASN B 392 9.99 -14.51 33.89
CA ASN B 392 10.01 -13.09 34.20
C ASN B 392 9.52 -12.22 33.04
N SER B 393 9.29 -12.84 31.89
CA SER B 393 8.73 -12.19 30.72
C SER B 393 7.23 -12.05 30.87
N PRO B 394 6.57 -11.23 30.04
CA PRO B 394 5.11 -11.21 30.02
C PRO B 394 4.45 -12.36 29.27
N PHE B 395 5.16 -13.41 28.91
CA PHE B 395 4.62 -14.42 28.01
C PHE B 395 4.67 -15.81 28.62
N TYR B 396 3.81 -16.67 28.11
CA TYR B 396 3.85 -18.09 28.35
C TYR B 396 3.55 -18.79 27.04
N ILE B 397 3.88 -20.07 26.95
CA ILE B 397 3.63 -20.86 25.76
C ILE B 397 2.68 -21.98 26.14
N ASN B 398 1.53 -22.01 25.49
CA ASN B 398 0.55 -23.07 25.73
C ASN B 398 1.01 -24.37 25.11
N THR B 399 0.85 -25.45 25.85
CA THR B 399 1.14 -26.76 25.31
C THR B 399 -0.12 -27.51 24.93
N THR B 400 -1.23 -27.19 25.57
CA THR B 400 -2.54 -27.71 25.24
C THR B 400 -3.46 -26.53 24.94
N CYS B 401 -4.61 -26.84 24.36
CA CYS B 401 -5.56 -25.82 23.96
C CYS B 401 -6.16 -25.14 25.17
N GLN B 402 -6.30 -23.82 25.08
CA GLN B 402 -6.54 -23.03 26.27
C GLN B 402 -7.61 -21.97 26.00
N PRO B 403 -8.67 -21.94 26.81
CA PRO B 403 -9.69 -20.90 26.65
C PRO B 403 -9.13 -19.52 26.92
N TRP B 404 -9.69 -18.53 26.23
CA TRP B 404 -9.15 -17.19 26.24
C TRP B 404 -10.22 -16.26 26.80
N GLN B 405 -10.15 -16.02 28.10
CA GLN B 405 -10.95 -14.99 28.74
C GLN B 405 -10.00 -14.03 29.46
N PRO B 406 -9.93 -12.78 29.05
CA PRO B 406 -9.00 -11.85 29.68
C PRO B 406 -9.65 -11.04 30.79
N GLU B 407 -8.78 -10.47 31.63
CA GLU B 407 -9.21 -9.53 32.66
C GLU B 407 -9.78 -8.27 32.03
N SER B 408 -9.33 -7.92 30.83
CA SER B 408 -9.87 -6.77 30.10
C SER B 408 -11.33 -6.99 29.70
N GLY B 409 -11.66 -8.21 29.29
CA GLY B 409 -12.93 -8.52 28.67
C GLY B 409 -12.89 -8.56 27.16
N ILE B 410 -11.86 -7.98 26.54
CA ILE B 410 -11.72 -7.90 25.10
C ILE B 410 -10.47 -8.67 24.72
N ARG B 411 -10.59 -9.58 23.75
CA ARG B 411 -9.48 -10.42 23.35
C ARG B 411 -8.68 -9.74 22.24
N ARG B 412 -7.89 -8.75 22.63
CA ARG B 412 -6.94 -8.14 21.73
C ARG B 412 -5.74 -9.07 21.54
N ALA B 413 -5.16 -9.02 20.34
CA ALA B 413 -4.11 -9.95 20.00
C ALA B 413 -3.09 -9.26 19.10
N GLY B 414 -2.10 -10.03 18.67
CA GLY B 414 -1.02 -9.49 17.88
C GLY B 414 -0.40 -10.53 16.97
N VAL B 415 -0.26 -10.24 15.69
CA VAL B 415 0.29 -11.19 14.73
C VAL B 415 1.57 -10.59 14.19
N THR B 416 2.69 -11.30 14.30
CA THR B 416 3.96 -10.84 13.78
C THR B 416 4.42 -11.75 12.66
N SER B 417 4.82 -11.17 11.55
CA SER B 417 5.45 -11.90 10.46
C SER B 417 6.73 -11.17 10.07
N LEU B 418 7.75 -11.94 9.70
CA LEU B 418 9.08 -11.39 9.46
C LEU B 418 9.66 -11.99 8.19
N GLY B 419 10.10 -11.13 7.29
CA GLY B 419 10.73 -11.58 6.07
C GLY B 419 12.22 -11.78 6.24
N MET B 420 12.81 -12.45 5.26
CA MET B 420 14.24 -12.71 5.29
C MET B 420 15.07 -11.48 4.97
N GLY B 421 14.52 -10.55 4.20
CA GLY B 421 15.23 -9.33 3.92
C GLY B 421 15.04 -8.24 4.94
N GLY B 422 14.43 -8.54 6.08
CA GLY B 422 14.32 -7.59 7.14
C GLY B 422 12.97 -6.95 7.29
N THR B 423 11.97 -7.38 6.54
CA THR B 423 10.66 -6.75 6.61
C THR B 423 9.89 -7.32 7.78
N ASN B 424 9.37 -6.45 8.64
CA ASN B 424 8.71 -6.86 9.86
C ASN B 424 7.30 -6.29 9.86
N ALA B 425 6.31 -7.16 9.72
CA ALA B 425 4.93 -6.76 9.84
C ALA B 425 4.40 -7.15 11.20
N HIS B 426 3.55 -6.31 11.78
CA HIS B 426 2.86 -6.63 13.01
C HIS B 426 1.45 -6.09 12.93
N VAL B 427 0.47 -6.93 13.21
CA VAL B 427 -0.95 -6.59 13.15
C VAL B 427 -1.56 -6.82 14.52
N VAL B 428 -2.33 -5.87 15.01
CA VAL B 428 -3.06 -6.00 16.27
C VAL B 428 -4.53 -6.28 15.96
N LEU B 429 -5.06 -7.38 16.51
CA LEU B 429 -6.43 -7.85 16.28
C LEU B 429 -7.27 -7.74 17.55
N GLU B 430 -8.00 -6.65 17.70
CA GLU B 430 -8.97 -6.54 18.79
C GLU B 430 -10.20 -7.38 18.43
N GLN B 431 -11.00 -7.67 19.44
CA GLN B 431 -12.23 -8.45 19.30
C GLN B 431 -13.25 -7.71 18.43
N ALA B 432 -14.09 -8.49 17.76
CA ALA B 432 -15.27 -7.94 17.11
C ALA B 432 -16.21 -7.36 18.17
N PRO B 433 -16.90 -6.27 17.87
CA PRO B 433 -17.79 -5.67 18.87
C PRO B 433 -18.99 -6.55 19.18
N ALA B 434 -19.59 -6.29 20.34
CA ALA B 434 -20.77 -7.03 20.75
C ALA B 434 -21.96 -6.62 19.89
N VAL B 435 -22.44 -7.55 19.07
CA VAL B 435 -23.66 -7.35 18.30
C VAL B 435 -24.81 -7.97 19.07
N ASP B 436 -25.93 -7.25 19.11
CA ASP B 436 -27.02 -7.56 20.03
C ASP B 436 -28.13 -8.23 19.22
N LEU B 437 -28.15 -9.55 19.24
CA LEU B 437 -29.05 -10.32 18.40
C LEU B 437 -30.19 -11.01 19.16
N GLN B 438 -30.17 -11.00 20.49
CA GLN B 438 -31.35 -11.49 21.20
C GLN B 438 -32.47 -10.46 21.19
N ALA B 439 -32.15 -9.20 20.90
CA ALA B 439 -33.15 -8.16 20.71
C ALA B 439 -33.80 -8.23 19.33
N ARG B 440 -33.29 -9.07 18.44
CA ARG B 440 -33.81 -9.19 17.09
C ARG B 440 -35.21 -9.81 17.09
N ALA B 441 -35.96 -9.49 16.03
CA ALA B 441 -37.25 -10.11 15.81
C ALA B 441 -37.07 -11.60 15.53
N PRO B 442 -38.07 -12.44 15.81
CA PRO B 442 -37.89 -13.89 15.68
C PRO B 442 -37.69 -14.34 14.24
N VAL B 443 -37.07 -15.51 14.14
CA VAL B 443 -36.80 -16.16 12.85
C VAL B 443 -38.13 -16.55 12.22
N PRO B 444 -38.32 -16.40 10.91
CA PRO B 444 -39.53 -16.92 10.28
C PRO B 444 -39.58 -18.44 10.34
N ALA B 445 -40.81 -18.96 10.23
CA ALA B 445 -41.09 -20.36 10.52
C ALA B 445 -40.44 -21.30 9.51
N TYR B 446 -40.22 -20.84 8.29
CA TYR B 446 -39.57 -21.64 7.27
C TYR B 446 -38.61 -20.75 6.50
N SER B 447 -37.64 -21.39 5.84
CA SER B 447 -36.60 -20.69 5.09
C SER B 447 -36.20 -21.55 3.90
N ILE B 448 -36.09 -20.96 2.72
CA ILE B 448 -35.51 -21.70 1.60
C ILE B 448 -34.01 -21.74 1.82
N LEU B 449 -33.41 -22.91 1.72
CA LEU B 449 -31.96 -23.00 1.68
C LEU B 449 -31.53 -23.25 0.24
N PRO B 450 -31.12 -22.23 -0.51
CA PRO B 450 -30.76 -22.46 -1.91
C PRO B 450 -29.31 -22.85 -2.12
N PHE B 451 -29.10 -23.89 -2.91
CA PHE B 451 -27.78 -24.42 -3.18
C PHE B 451 -27.63 -24.51 -4.68
N SER B 452 -26.66 -23.79 -5.24
CA SER B 452 -26.46 -23.73 -6.68
C SER B 452 -24.99 -23.92 -7.01
N ALA B 453 -24.73 -24.55 -8.15
CA ALA B 453 -23.38 -24.87 -8.56
C ALA B 453 -23.31 -24.95 -10.07
N LYS B 454 -22.13 -24.65 -10.61
CA LYS B 454 -21.95 -24.59 -12.06
C LYS B 454 -22.05 -25.96 -12.73
N THR B 455 -21.79 -27.03 -11.99
CA THR B 455 -21.94 -28.35 -12.53
C THR B 455 -22.67 -29.20 -11.52
N ASP B 456 -23.05 -30.41 -11.94
CA ASP B 456 -23.82 -31.27 -11.05
C ASP B 456 -22.95 -31.89 -9.97
N SER B 457 -21.70 -32.21 -10.30
CA SER B 457 -20.78 -32.78 -9.33
C SER B 457 -20.49 -31.80 -8.20
N ALA B 458 -20.33 -30.52 -8.53
CA ALA B 458 -20.13 -29.50 -7.52
C ALA B 458 -21.35 -29.30 -6.65
N LEU B 459 -22.56 -29.51 -7.19
CA LEU B 459 -23.74 -29.40 -6.33
C LEU B 459 -23.87 -30.60 -5.41
N SER B 460 -23.54 -31.80 -5.89
CA SER B 460 -23.54 -32.97 -5.02
C SER B 460 -22.53 -32.82 -3.90
N SER B 461 -21.32 -32.36 -4.22
CA SER B 461 -20.30 -32.19 -3.19
C SER B 461 -20.60 -31.01 -2.27
N GLY B 462 -21.22 -29.94 -2.77
CA GLY B 462 -21.64 -28.83 -1.93
C GLY B 462 -22.76 -29.17 -0.99
N LEU B 463 -23.71 -29.97 -1.46
CA LEU B 463 -24.76 -30.49 -0.59
C LEU B 463 -24.20 -31.43 0.46
N ALA B 464 -23.18 -32.22 0.10
CA ALA B 464 -22.47 -33.02 1.10
C ALA B 464 -21.76 -32.13 2.12
N ARG B 465 -21.18 -31.02 1.68
CA ARG B 465 -20.47 -30.11 2.57
C ARG B 465 -21.41 -29.47 3.59
N PHE B 466 -22.54 -28.91 3.15
CA PHE B 466 -23.57 -28.49 4.10
C PHE B 466 -24.19 -29.63 4.89
N ALA B 467 -24.20 -30.87 4.40
CA ALA B 467 -24.67 -31.97 5.24
C ALA B 467 -23.76 -32.18 6.44
N ASP B 468 -22.43 -32.21 6.19
CA ASP B 468 -21.44 -32.27 7.26
C ASP B 468 -21.49 -31.04 8.15
N PHE B 469 -21.71 -29.87 7.56
CA PHE B 469 -21.78 -28.62 8.31
C PHE B 469 -22.99 -28.57 9.22
N LEU B 470 -24.13 -29.09 8.76
CA LEU B 470 -25.36 -29.01 9.52
C LEU B 470 -25.53 -30.16 10.49
N GLN B 471 -24.74 -31.23 10.39
CA GLN B 471 -24.72 -32.24 11.43
C GLN B 471 -23.74 -31.91 12.57
N HIS B 472 -23.41 -30.64 12.77
CA HIS B 472 -22.68 -30.20 13.94
C HIS B 472 -23.65 -29.60 14.96
N GLU B 473 -23.24 -29.66 16.23
CA GLU B 473 -23.99 -29.02 17.30
C GLU B 473 -23.86 -27.50 17.29
N SER B 474 -22.80 -26.96 16.68
CA SER B 474 -22.68 -25.52 16.46
C SER B 474 -23.02 -25.24 15.01
N LEU B 475 -24.07 -24.44 14.80
CA LEU B 475 -24.63 -24.22 13.47
C LEU B 475 -25.47 -22.95 13.54
N PRO B 476 -25.52 -22.15 12.47
CA PRO B 476 -26.00 -20.76 12.60
C PRO B 476 -27.51 -20.62 12.71
N ASP B 477 -27.95 -19.36 12.69
CA ASP B 477 -29.35 -19.03 12.62
C ASP B 477 -29.92 -19.41 11.26
N ARG B 478 -31.23 -19.60 11.19
CA ARG B 478 -31.84 -19.87 9.89
C ARG B 478 -32.11 -18.62 9.08
N ARG B 479 -32.03 -17.46 9.74
CA ARG B 479 -32.21 -16.16 9.06
C ARG B 479 -30.81 -15.65 8.71
N ASP B 480 -29.81 -16.03 9.52
CA ASP B 480 -28.41 -15.69 9.18
C ASP B 480 -27.99 -16.63 8.05
N LEU B 481 -28.33 -17.92 8.16
CA LEU B 481 -28.11 -18.87 7.03
C LEU B 481 -29.27 -18.56 6.08
N ALA B 482 -29.31 -19.17 4.89
CA ALA B 482 -30.37 -18.87 3.89
C ALA B 482 -30.17 -17.44 3.36
N TRP B 483 -29.85 -16.47 4.22
CA TRP B 483 -29.57 -15.17 3.64
C TRP B 483 -28.15 -15.09 3.13
N THR B 484 -27.22 -15.78 3.76
CA THR B 484 -25.91 -16.00 3.17
C THR B 484 -25.99 -16.97 2.00
N LEU B 485 -26.91 -17.92 2.04
CA LEU B 485 -27.01 -18.90 0.97
C LEU B 485 -27.63 -18.33 -0.30
N SER B 486 -28.36 -17.23 -0.19
CA SER B 486 -28.95 -16.58 -1.34
C SER B 486 -28.23 -15.29 -1.69
N GLN B 487 -28.14 -14.38 -0.73
CA GLN B 487 -27.53 -13.07 -0.89
C GLN B 487 -26.01 -13.14 -0.94
N GLY B 488 -25.42 -14.26 -0.53
CA GLY B 488 -23.98 -14.35 -0.53
C GLY B 488 -23.38 -15.40 -1.44
N ARG B 489 -24.19 -16.20 -2.11
CA ARG B 489 -23.70 -17.05 -3.18
C ARG B 489 -24.32 -16.66 -4.50
N LYS B 490 -23.55 -16.84 -5.57
CA LYS B 490 -24.03 -16.58 -6.91
C LYS B 490 -24.86 -17.76 -7.35
N ALA B 491 -25.98 -17.48 -8.00
CA ALA B 491 -26.92 -18.50 -8.42
C ALA B 491 -26.45 -19.05 -9.76
N PHE B 492 -26.03 -20.30 -9.77
CA PHE B 492 -25.60 -20.98 -10.98
C PHE B 492 -26.70 -21.90 -11.49
N ALA B 493 -26.39 -22.70 -12.51
CA ALA B 493 -27.41 -23.42 -13.25
C ALA B 493 -27.90 -24.65 -12.49
N HIS B 494 -27.01 -25.59 -12.19
CA HIS B 494 -27.38 -26.76 -11.40
C HIS B 494 -27.67 -26.33 -9.98
N ARG B 495 -28.95 -26.34 -9.61
CA ARG B 495 -29.33 -25.78 -8.33
C ARG B 495 -30.33 -26.67 -7.61
N ALA B 496 -30.39 -26.49 -6.30
CA ALA B 496 -31.27 -27.22 -5.40
C ALA B 496 -31.73 -26.28 -4.30
N ALA B 497 -32.84 -26.63 -3.66
CA ALA B 497 -33.35 -25.79 -2.59
C ALA B 497 -34.07 -26.65 -1.57
N LEU B 498 -34.13 -26.17 -0.34
CA LEU B 498 -34.84 -26.84 0.74
C LEU B 498 -35.59 -25.85 1.60
N VAL B 499 -36.82 -26.19 1.95
CA VAL B 499 -37.61 -25.44 2.89
C VAL B 499 -37.60 -26.21 4.21
N THR B 500 -37.11 -25.58 5.27
CA THR B 500 -36.92 -26.24 6.54
C THR B 500 -37.33 -25.31 7.67
N ARG B 501 -37.67 -25.91 8.82
CA ARG B 501 -37.95 -25.11 10.03
C ARG B 501 -36.88 -25.49 11.05
N ASP B 502 -36.07 -26.49 10.71
CA ASP B 502 -34.99 -26.97 11.61
C ASP B 502 -33.75 -27.26 10.77
N LEU B 503 -32.57 -26.76 11.19
CA LEU B 503 -31.34 -26.94 10.40
C LEU B 503 -30.75 -28.34 10.63
N HIS B 504 -31.17 -29.02 11.70
CA HIS B 504 -30.71 -30.43 11.90
C HIS B 504 -31.40 -31.33 10.89
N ALA B 505 -32.73 -31.20 10.73
CA ALA B 505 -33.43 -31.95 9.70
C ALA B 505 -32.93 -31.60 8.31
N ALA B 506 -32.48 -30.36 8.11
CA ALA B 506 -31.86 -29.98 6.83
C ALA B 506 -30.58 -30.77 6.57
N GLY B 507 -29.76 -30.93 7.60
CA GLY B 507 -28.61 -31.81 7.50
C GLY B 507 -28.98 -33.26 7.28
N THR B 508 -30.04 -33.74 7.94
CA THR B 508 -30.52 -35.11 7.75
C THR B 508 -30.98 -35.35 6.31
N LEU B 509 -31.68 -34.37 5.73
CA LEU B 509 -32.13 -34.45 4.35
C LEU B 509 -30.96 -34.41 3.37
N LEU B 510 -29.98 -33.55 3.65
CA LEU B 510 -28.83 -33.44 2.76
C LEU B 510 -27.88 -34.63 2.83
N GLN B 511 -27.89 -35.39 3.92
CA GLN B 511 -27.03 -36.57 3.99
C GLN B 511 -27.53 -37.73 3.14
N GLN B 512 -28.77 -37.68 2.67
CA GLN B 512 -29.40 -38.87 2.09
C GLN B 512 -28.98 -39.16 0.65
N ALA B 513 -28.11 -38.34 0.06
CA ALA B 513 -27.36 -38.63 -1.18
C ALA B 513 -28.29 -38.84 -2.38
N ALA B 514 -28.99 -37.75 -2.72
CA ALA B 514 -29.86 -37.65 -3.90
C ALA B 514 -30.99 -38.69 -3.86
N THR B 515 -31.54 -38.88 -2.67
CA THR B 515 -32.71 -39.72 -2.47
C THR B 515 -33.81 -38.99 -1.71
N ALA B 516 -33.67 -37.69 -1.50
CA ALA B 516 -34.53 -36.88 -0.66
C ALA B 516 -35.45 -36.01 -1.50
N PRO B 517 -36.67 -35.70 -1.03
CA PRO B 517 -37.62 -34.98 -1.88
C PRO B 517 -37.47 -33.47 -1.85
N PHE B 518 -36.26 -32.95 -1.93
CA PHE B 518 -36.13 -31.50 -2.08
C PHE B 518 -36.09 -31.14 -3.55
N ALA B 519 -36.29 -29.85 -3.83
CA ALA B 519 -36.24 -29.35 -5.19
C ALA B 519 -34.83 -29.45 -5.75
N ARG B 520 -34.72 -29.91 -6.99
CA ARG B 520 -33.43 -30.20 -7.58
C ARG B 520 -33.59 -30.16 -9.09
N GLY B 521 -32.61 -29.59 -9.77
CA GLY B 521 -32.60 -29.62 -11.23
C GLY B 521 -31.89 -28.42 -11.81
N VAL B 522 -31.49 -28.57 -13.07
CA VAL B 522 -30.80 -27.52 -13.79
C VAL B 522 -31.76 -26.39 -14.11
N ALA B 523 -31.29 -25.16 -13.95
CA ALA B 523 -32.12 -23.99 -14.20
C ALA B 523 -31.97 -23.52 -15.63
N GLN B 524 -33.09 -23.40 -16.34
CA GLN B 524 -33.11 -22.77 -17.64
C GLN B 524 -33.27 -21.27 -17.45
N THR B 525 -33.51 -20.54 -18.54
CA THR B 525 -33.75 -19.11 -18.38
C THR B 525 -35.11 -18.83 -17.76
N GLN B 526 -36.19 -19.39 -18.34
CA GLN B 526 -37.57 -19.05 -17.98
C GLN B 526 -37.81 -17.54 -17.95
N LEU B 527 -37.85 -17.00 -19.16
CA LEU B 527 -38.35 -15.66 -19.41
C LEU B 527 -39.88 -15.68 -19.48
N GLY B 528 -40.53 -16.26 -18.48
CA GLY B 528 -41.97 -16.37 -18.44
C GLY B 528 -42.53 -17.46 -17.54
N LEU B 529 -43.57 -17.10 -16.78
CA LEU B 529 -44.33 -18.03 -15.96
C LEU B 529 -45.81 -17.75 -16.17
N GLY B 530 -46.58 -18.80 -16.44
CA GLY B 530 -48.01 -18.66 -16.59
C GLY B 530 -48.74 -18.75 -15.27
N LEU B 531 -49.82 -17.99 -15.14
CA LEU B 531 -50.58 -17.90 -13.91
C LEU B 531 -52.00 -18.41 -14.13
N LEU B 532 -52.25 -19.63 -13.68
CA LEU B 532 -53.58 -20.25 -13.78
C LEU B 532 -54.39 -19.82 -12.59
N PHE B 533 -55.15 -18.75 -12.74
CA PHE B 533 -56.06 -18.31 -11.70
C PHE B 533 -57.23 -19.27 -11.66
N SER B 534 -57.36 -20.04 -10.58
CA SER B 534 -58.35 -21.10 -10.52
C SER B 534 -59.73 -20.54 -10.20
N GLY B 535 -60.67 -21.42 -9.87
CA GLY B 535 -62.01 -20.98 -9.58
C GLY B 535 -62.64 -21.69 -8.41
N GLN B 536 -63.97 -21.68 -8.35
CA GLN B 536 -64.71 -22.34 -7.24
C GLN B 536 -64.46 -23.85 -7.30
N GLY B 537 -63.94 -24.44 -6.23
CA GLY B 537 -63.69 -25.89 -6.20
C GLY B 537 -63.15 -26.35 -4.86
N SER B 538 -61.94 -25.91 -4.49
CA SER B 538 -61.31 -26.40 -3.24
C SER B 538 -61.22 -25.27 -2.21
N GLN B 539 -62.26 -24.45 -2.06
CA GLN B 539 -62.26 -23.40 -0.99
C GLN B 539 -62.35 -24.08 0.38
N TYR B 540 -61.77 -23.48 1.43
CA TYR B 540 -61.75 -24.16 2.77
C TYR B 540 -61.78 -23.16 3.93
N GLN B 541 -61.53 -23.64 5.16
CA GLN B 541 -61.64 -22.80 6.38
C GLN B 541 -60.54 -21.73 6.48
N ARG B 542 -59.31 -22.10 6.84
CA ARG B 542 -58.25 -21.08 7.06
C ARG B 542 -57.52 -20.80 5.74
N MET B 543 -58.24 -20.26 4.75
CA MET B 543 -57.64 -19.97 3.43
C MET B 543 -56.81 -18.70 3.53
N GLY B 544 -55.48 -18.81 3.44
CA GLY B 544 -54.68 -17.60 3.43
C GLY B 544 -54.43 -16.98 4.78
N HIS B 545 -54.79 -17.64 5.87
CA HIS B 545 -54.61 -17.05 7.19
C HIS B 545 -53.14 -17.04 7.59
N GLN B 546 -52.40 -18.08 7.22
CA GLN B 546 -50.97 -18.12 7.53
C GLN B 546 -50.21 -17.07 6.76
N LEU B 547 -50.53 -16.87 5.48
CA LEU B 547 -49.84 -15.88 4.68
C LEU B 547 -50.25 -14.47 5.04
N TYR B 548 -51.40 -14.31 5.69
CA TYR B 548 -51.87 -12.99 6.10
C TYR B 548 -50.96 -12.39 7.16
N GLN B 549 -50.55 -13.20 8.14
CA GLN B 549 -49.78 -12.69 9.25
C GLN B 549 -48.32 -12.46 8.89
N VAL B 550 -47.73 -13.35 8.09
CA VAL B 550 -46.30 -13.24 7.81
C VAL B 550 -45.98 -12.27 6.68
N TRP B 551 -46.82 -12.16 5.65
CA TRP B 551 -46.47 -11.34 4.51
C TRP B 551 -47.25 -10.03 4.53
N PRO B 552 -46.57 -8.88 4.50
CA PRO B 552 -47.29 -7.60 4.49
C PRO B 552 -47.97 -7.30 3.16
N ALA B 553 -47.48 -7.85 2.05
CA ALA B 553 -48.11 -7.62 0.75
C ALA B 553 -49.44 -8.36 0.66
N TYR B 554 -49.47 -9.62 1.11
CA TYR B 554 -50.69 -10.40 1.12
C TYR B 554 -51.72 -9.78 2.03
N ALA B 555 -51.27 -9.33 3.21
CA ALA B 555 -52.17 -8.71 4.19
C ALA B 555 -52.71 -7.39 3.67
N ASP B 556 -51.87 -6.59 3.02
CA ASP B 556 -52.31 -5.31 2.50
C ASP B 556 -53.28 -5.48 1.33
N ALA B 557 -53.06 -6.46 0.46
CA ALA B 557 -54.00 -6.68 -0.64
C ALA B 557 -55.32 -7.24 -0.15
N PHE B 558 -55.28 -8.18 0.79
CA PHE B 558 -56.52 -8.78 1.26
C PHE B 558 -57.27 -7.81 2.17
N ASP B 559 -56.53 -6.90 2.83
CA ASP B 559 -57.13 -5.79 3.56
C ASP B 559 -57.74 -4.77 2.61
N ARG B 560 -57.12 -4.55 1.44
CA ARG B 560 -57.71 -3.69 0.41
C ARG B 560 -59.04 -4.25 -0.07
N CYS B 561 -59.12 -5.57 -0.21
CA CYS B 561 -60.41 -6.18 -0.56
C CYS B 561 -61.41 -6.06 0.59
N ALA B 562 -60.99 -6.41 1.80
CA ALA B 562 -61.91 -6.53 2.93
C ALA B 562 -62.40 -5.18 3.45
N THR B 563 -61.60 -4.12 3.34
CA THR B 563 -62.06 -2.80 3.77
C THR B 563 -63.21 -2.31 2.92
N LEU B 564 -63.07 -2.43 1.59
CA LEU B 564 -64.14 -2.08 0.67
C LEU B 564 -65.37 -2.96 0.88
N LEU B 565 -65.15 -4.27 1.07
CA LEU B 565 -66.27 -5.19 1.21
C LEU B 565 -67.04 -4.98 2.52
N GLU B 566 -66.34 -4.69 3.63
CA GLU B 566 -67.00 -4.34 4.88
C GLU B 566 -67.70 -2.99 4.80
N ARG B 567 -67.10 -2.02 4.09
CA ARG B 567 -67.73 -0.71 3.96
C ARG B 567 -69.01 -0.78 3.16
N GLU B 568 -69.01 -1.55 2.08
CA GLU B 568 -70.15 -1.55 1.18
C GLU B 568 -71.21 -2.58 1.58
N TYR B 569 -70.82 -3.83 1.77
CA TYR B 569 -71.76 -4.91 1.96
C TYR B 569 -71.75 -5.41 3.39
N GLN B 570 -72.91 -5.91 3.83
CA GLN B 570 -73.08 -6.39 5.20
C GLN B 570 -72.27 -7.64 5.50
N LEU B 571 -71.91 -8.41 4.47
CA LEU B 571 -71.22 -9.68 4.67
C LEU B 571 -69.76 -9.44 5.01
N ASP B 572 -69.24 -10.28 5.92
CA ASP B 572 -68.02 -9.98 6.65
C ASP B 572 -66.83 -10.75 6.09
N ILE B 573 -65.74 -10.04 5.88
CA ILE B 573 -64.50 -10.61 5.34
C ILE B 573 -63.36 -10.21 6.28
N ARG B 574 -62.45 -11.17 6.52
CA ARG B 574 -61.43 -11.35 7.57
C ARG B 574 -62.06 -11.94 8.82
N HIS B 575 -63.36 -12.20 8.84
CA HIS B 575 -64.02 -12.86 9.97
C HIS B 575 -64.39 -14.30 9.65
N GLU B 576 -64.81 -14.58 8.42
CA GLU B 576 -65.17 -15.96 8.05
C GLU B 576 -63.94 -16.83 7.87
N LEU B 577 -62.91 -16.30 7.22
CA LEU B 577 -61.74 -17.10 6.92
C LEU B 577 -60.81 -17.25 8.12
N PHE B 578 -60.65 -16.18 8.90
CA PHE B 578 -59.59 -16.13 9.89
C PHE B 578 -60.04 -16.59 11.28
N ARG B 579 -60.99 -15.88 11.88
CA ARG B 579 -61.25 -16.05 13.29
C ARG B 579 -62.41 -16.98 13.60
N ALA B 580 -63.25 -17.28 12.62
CA ALA B 580 -64.34 -18.22 12.84
C ALA B 580 -63.79 -19.64 12.96
N GLU B 581 -64.51 -20.47 13.71
CA GLU B 581 -64.01 -21.77 14.13
C GLU B 581 -63.92 -22.75 12.98
N VAL B 582 -63.14 -23.80 13.18
CA VAL B 582 -62.94 -24.84 12.19
C VAL B 582 -64.03 -25.88 12.42
N SER B 583 -65.08 -25.82 11.60
CA SER B 583 -66.24 -26.69 11.77
C SER B 583 -66.96 -26.80 10.44
N LEU B 584 -67.88 -27.76 10.37
CA LEU B 584 -68.77 -27.85 9.22
C LEU B 584 -69.75 -26.69 9.17
N ALA B 585 -70.09 -26.10 10.32
CA ALA B 585 -71.03 -24.98 10.35
C ALA B 585 -70.43 -23.72 9.72
N GLN B 586 -69.10 -23.63 9.67
CA GLN B 586 -68.42 -22.55 8.96
C GLN B 586 -67.87 -22.99 7.62
N GLY B 587 -67.44 -24.25 7.50
CA GLY B 587 -66.94 -24.80 6.26
C GLY B 587 -68.01 -25.06 5.22
N GLU B 588 -69.28 -25.03 5.62
CA GLU B 588 -70.39 -25.03 4.67
C GLU B 588 -71.17 -23.73 4.67
N ARG B 589 -70.85 -22.82 5.59
CA ARG B 589 -71.27 -21.42 5.44
C ARG B 589 -70.40 -20.72 4.40
N LEU B 590 -69.17 -21.19 4.21
CA LEU B 590 -68.33 -20.74 3.11
C LEU B 590 -68.67 -21.40 1.78
N ALA B 591 -69.43 -22.50 1.80
CA ALA B 591 -69.71 -23.23 0.57
C ALA B 591 -70.74 -22.52 -0.30
N GLN B 592 -71.63 -21.74 0.30
CA GLN B 592 -72.66 -21.06 -0.46
C GLN B 592 -72.07 -19.90 -1.26
N THR B 593 -72.75 -19.58 -2.38
CA THR B 593 -72.14 -18.84 -3.47
C THR B 593 -71.89 -17.38 -3.13
N CYS B 594 -72.74 -16.79 -2.28
CA CYS B 594 -72.69 -15.35 -1.99
C CYS B 594 -71.40 -14.93 -1.30
N LEU B 595 -70.75 -15.84 -0.57
CA LEU B 595 -69.41 -15.59 -0.08
C LEU B 595 -68.38 -16.60 -0.57
N THR B 596 -68.74 -17.52 -1.45
CA THR B 596 -67.72 -18.34 -2.09
C THR B 596 -66.97 -17.53 -3.13
N GLN B 597 -67.69 -16.72 -3.91
CA GLN B 597 -67.08 -16.00 -5.02
C GLN B 597 -66.19 -14.84 -4.56
N PRO B 598 -66.65 -13.83 -3.73
CA PRO B 598 -65.77 -12.68 -3.49
C PRO B 598 -64.64 -13.00 -2.52
N LEU B 599 -64.84 -13.94 -1.60
CA LEU B 599 -63.76 -14.36 -0.73
C LEU B 599 -62.66 -15.07 -1.51
N LEU B 600 -63.03 -15.91 -2.47
CA LEU B 600 -62.03 -16.54 -3.33
C LEU B 600 -61.39 -15.54 -4.28
N PHE B 601 -62.13 -14.51 -4.70
CA PHE B 601 -61.52 -13.43 -5.47
C PHE B 601 -60.47 -12.70 -4.64
N SER B 602 -60.79 -12.41 -3.38
CA SER B 602 -59.86 -11.69 -2.51
C SER B 602 -58.63 -12.54 -2.20
N VAL B 603 -58.83 -13.85 -2.02
CA VAL B 603 -57.71 -14.76 -1.77
C VAL B 603 -56.81 -14.87 -3.00
N GLU B 604 -57.41 -15.04 -4.19
CA GLU B 604 -56.60 -15.15 -5.40
C GLU B 604 -55.93 -13.83 -5.74
N TYR B 605 -56.60 -12.71 -5.48
CA TYR B 605 -56.01 -11.40 -5.71
C TYR B 605 -54.84 -11.15 -4.77
N ALA B 606 -54.98 -11.54 -3.51
CA ALA B 606 -53.92 -11.32 -2.55
C ALA B 606 -52.74 -12.26 -2.78
N LEU B 607 -52.98 -13.52 -3.17
CA LEU B 607 -51.90 -14.39 -3.62
C LEU B 607 -51.19 -13.81 -4.83
N ALA B 608 -51.95 -13.23 -5.75
CA ALA B 608 -51.37 -12.62 -6.93
C ALA B 608 -50.49 -11.44 -6.58
N GLN B 609 -50.95 -10.56 -5.69
CA GLN B 609 -50.14 -9.44 -5.24
C GLN B 609 -48.92 -9.90 -4.45
N LEU B 610 -49.04 -11.02 -3.73
CA LEU B 610 -47.90 -11.62 -3.05
C LEU B 610 -46.83 -12.09 -4.04
N TRP B 611 -47.24 -12.85 -5.05
CA TRP B 611 -46.28 -13.35 -6.04
C TRP B 611 -45.68 -12.23 -6.87
N LEU B 612 -46.48 -11.23 -7.23
CA LEU B 612 -45.94 -10.02 -7.86
C LEU B 612 -45.01 -9.23 -6.96
N SER B 613 -45.15 -9.31 -5.63
CA SER B 613 -44.15 -8.74 -4.75
C SER B 613 -42.92 -9.61 -4.60
N TRP B 614 -43.01 -10.90 -4.94
CA TRP B 614 -41.87 -11.80 -4.88
C TRP B 614 -41.04 -11.80 -6.16
N GLY B 615 -41.39 -10.98 -7.14
CA GLY B 615 -40.62 -10.91 -8.36
C GLY B 615 -41.06 -11.91 -9.40
N ILE B 616 -42.35 -11.93 -9.72
CA ILE B 616 -42.91 -12.86 -10.69
C ILE B 616 -43.56 -12.05 -11.80
N THR B 617 -43.21 -12.37 -13.04
CA THR B 617 -43.84 -11.73 -14.19
C THR B 617 -44.84 -12.69 -14.80
N PRO B 618 -46.14 -12.43 -14.69
CA PRO B 618 -47.11 -13.29 -15.40
C PRO B 618 -47.17 -12.99 -16.87
N THR B 619 -46.60 -13.87 -17.70
CA THR B 619 -46.74 -13.68 -19.14
C THR B 619 -48.16 -13.97 -19.58
N VAL B 620 -48.64 -15.18 -19.31
CA VAL B 620 -50.00 -15.57 -19.63
C VAL B 620 -50.77 -15.79 -18.33
N MET B 621 -51.99 -15.24 -18.27
CA MET B 621 -52.90 -15.46 -17.16
C MET B 621 -54.19 -16.03 -17.74
N ILE B 622 -54.64 -17.17 -17.23
CA ILE B 622 -55.92 -17.72 -17.64
C ILE B 622 -56.79 -17.86 -16.40
N GLY B 623 -58.08 -18.08 -16.63
CA GLY B 623 -59.03 -18.18 -15.53
C GLY B 623 -59.83 -19.47 -15.62
N HIS B 624 -60.60 -19.73 -14.56
CA HIS B 624 -61.56 -20.82 -14.55
C HIS B 624 -62.83 -20.32 -13.84
N SER B 625 -63.70 -19.64 -14.59
CA SER B 625 -65.05 -19.21 -14.24
C SER B 625 -65.14 -18.13 -13.15
N LEU B 626 -64.04 -17.90 -12.45
CA LEU B 626 -63.83 -16.73 -11.60
C LEU B 626 -62.42 -16.20 -11.68
N GLY B 627 -61.45 -17.02 -12.08
CA GLY B 627 -60.09 -16.54 -12.16
C GLY B 627 -59.87 -15.59 -13.32
N GLU B 628 -60.80 -15.57 -14.27
CA GLU B 628 -60.79 -14.53 -15.29
C GLU B 628 -61.10 -13.17 -14.69
N TRP B 629 -61.98 -13.12 -13.69
CA TRP B 629 -62.37 -11.86 -13.08
C TRP B 629 -61.21 -11.18 -12.36
N VAL B 630 -60.27 -11.95 -11.87
CA VAL B 630 -59.15 -11.44 -11.10
C VAL B 630 -57.88 -11.38 -11.96
N ALA B 631 -57.76 -12.28 -12.95
CA ALA B 631 -56.73 -12.12 -13.98
C ALA B 631 -56.96 -10.86 -14.79
N ALA B 632 -58.22 -10.48 -14.95
CA ALA B 632 -58.62 -9.24 -15.59
C ALA B 632 -58.06 -8.04 -14.86
N THR B 633 -58.20 -8.00 -13.54
CA THR B 633 -57.75 -6.84 -12.78
C THR B 633 -56.27 -6.89 -12.41
N LEU B 634 -55.58 -8.02 -12.61
CA LEU B 634 -54.12 -7.91 -12.76
C LEU B 634 -53.72 -7.36 -14.12
N ALA B 635 -54.50 -7.65 -15.17
CA ALA B 635 -54.27 -6.87 -16.38
C ALA B 635 -54.86 -5.47 -16.28
N GLY B 636 -55.71 -5.23 -15.28
CA GLY B 636 -56.27 -3.92 -15.04
C GLY B 636 -57.24 -3.48 -16.11
N VAL B 637 -58.07 -4.40 -16.63
CA VAL B 637 -59.06 -3.97 -17.60
C VAL B 637 -60.18 -3.24 -16.89
N PHE B 638 -60.40 -3.54 -15.62
CA PHE B 638 -61.21 -2.73 -14.72
C PHE B 638 -60.71 -2.98 -13.30
N SER B 639 -60.78 -1.93 -12.49
CA SER B 639 -59.99 -1.81 -11.28
C SER B 639 -60.50 -2.74 -10.19
N LEU B 640 -59.76 -2.76 -9.07
CA LEU B 640 -59.99 -3.74 -8.01
C LEU B 640 -61.34 -3.53 -7.33
N GLU B 641 -61.68 -2.28 -7.01
CA GLU B 641 -62.93 -2.00 -6.30
C GLU B 641 -64.14 -2.29 -7.19
N ASP B 642 -64.06 -1.91 -8.47
CA ASP B 642 -65.10 -2.24 -9.43
C ASP B 642 -65.20 -3.73 -9.66
N ALA B 643 -64.07 -4.44 -9.65
CA ALA B 643 -64.12 -5.90 -9.77
C ALA B 643 -64.72 -6.56 -8.54
N LEU B 644 -64.46 -6.03 -7.35
CA LEU B 644 -65.06 -6.55 -6.13
C LEU B 644 -66.57 -6.34 -6.14
N ARG B 645 -67.03 -5.18 -6.60
CA ARG B 645 -68.46 -4.95 -6.75
C ARG B 645 -69.08 -5.86 -7.80
N LEU B 646 -68.44 -6.01 -8.96
CA LEU B 646 -69.02 -6.82 -10.01
C LEU B 646 -68.77 -8.31 -9.82
N VAL B 647 -68.03 -8.71 -8.79
CA VAL B 647 -67.99 -10.10 -8.35
C VAL B 647 -68.99 -10.34 -7.22
N ALA B 648 -69.20 -9.36 -6.34
CA ALA B 648 -70.15 -9.56 -5.24
C ALA B 648 -71.60 -9.49 -5.70
N ARG B 649 -71.92 -8.55 -6.60
CA ARG B 649 -73.25 -8.53 -7.21
C ARG B 649 -73.49 -9.80 -8.03
N ARG B 650 -72.45 -10.25 -8.73
CA ARG B 650 -72.50 -11.50 -9.48
C ARG B 650 -72.74 -12.69 -8.57
N ALA B 651 -72.12 -12.68 -7.38
CA ALA B 651 -72.28 -13.77 -6.42
C ALA B 651 -73.68 -13.79 -5.84
N GLU B 652 -74.20 -12.62 -5.48
CA GLU B 652 -75.53 -12.55 -4.89
C GLU B 652 -76.61 -12.87 -5.92
N LEU B 653 -76.44 -12.38 -7.15
CA LEU B 653 -77.51 -12.50 -8.14
C LEU B 653 -77.64 -13.90 -8.72
N MET B 654 -76.68 -14.79 -8.50
CA MET B 654 -76.86 -16.20 -8.81
C MET B 654 -77.10 -17.04 -7.56
N HIS B 655 -77.23 -16.41 -6.39
CA HIS B 655 -77.59 -17.18 -5.21
C HIS B 655 -79.09 -17.46 -5.15
N GLN B 656 -79.90 -16.58 -5.73
CA GLN B 656 -81.34 -16.81 -5.79
C GLN B 656 -81.76 -17.50 -7.09
N ALA B 657 -80.80 -17.89 -7.91
CA ALA B 657 -81.10 -18.76 -9.04
C ALA B 657 -81.49 -20.15 -8.52
N PRO B 658 -82.33 -20.88 -9.25
CA PRO B 658 -82.76 -22.21 -8.79
C PRO B 658 -81.61 -23.19 -8.70
N SER B 659 -81.77 -24.17 -7.80
CA SER B 659 -80.70 -25.08 -7.47
C SER B 659 -80.42 -26.04 -8.62
N GLY B 660 -79.14 -26.22 -8.93
CA GLY B 660 -78.71 -27.17 -9.91
C GLY B 660 -77.58 -28.03 -9.38
N ALA B 661 -77.23 -29.06 -10.13
CA ALA B 661 -76.14 -29.95 -9.78
C ALA B 661 -75.19 -30.07 -10.96
N MET B 662 -73.94 -30.38 -10.66
CA MET B 662 -72.95 -30.68 -11.68
C MET B 662 -72.51 -32.13 -11.57
N LEU B 663 -71.66 -32.54 -12.50
CA LEU B 663 -71.29 -33.94 -12.60
C LEU B 663 -69.96 -34.06 -13.33
N MET B 664 -69.00 -34.72 -12.69
CA MET B 664 -67.69 -34.94 -13.30
C MET B 664 -67.80 -36.16 -14.20
N VAL B 665 -68.11 -35.94 -15.48
CA VAL B 665 -68.09 -37.02 -16.46
C VAL B 665 -66.73 -37.02 -17.15
N ALA B 666 -65.92 -38.03 -16.83
CA ALA B 666 -64.54 -38.14 -17.31
C ALA B 666 -64.55 -38.76 -18.71
N LEU B 667 -64.98 -37.96 -19.67
CA LEU B 667 -65.07 -38.35 -21.06
C LEU B 667 -64.71 -37.15 -21.92
N PRO B 668 -64.25 -37.37 -23.16
CA PRO B 668 -64.00 -36.24 -24.06
C PRO B 668 -65.27 -35.47 -24.38
N GLU B 669 -65.11 -34.17 -24.61
CA GLU B 669 -66.25 -33.29 -24.77
C GLU B 669 -67.00 -33.53 -26.08
N ALA B 670 -66.32 -34.03 -27.12
CA ALA B 670 -67.01 -34.43 -28.33
C ALA B 670 -67.91 -35.63 -28.07
N GLN B 671 -67.42 -36.60 -27.29
CA GLN B 671 -68.24 -37.74 -26.90
C GLN B 671 -69.38 -37.33 -26.00
N ILE B 672 -69.15 -36.35 -25.14
CA ILE B 672 -70.19 -35.88 -24.21
C ILE B 672 -71.29 -35.14 -24.97
N ARG B 673 -70.91 -34.29 -25.92
CA ARG B 673 -71.89 -33.62 -26.75
C ARG B 673 -72.48 -34.53 -27.81
N ALA B 674 -71.88 -35.68 -28.07
CA ALA B 674 -72.47 -36.70 -28.94
C ALA B 674 -73.32 -37.70 -28.18
N LEU B 675 -73.29 -37.66 -26.84
CA LEU B 675 -74.16 -38.48 -26.00
C LEU B 675 -74.95 -37.63 -25.02
N ILE B 676 -75.22 -36.38 -25.37
CA ILE B 676 -75.88 -35.47 -24.45
C ILE B 676 -77.38 -35.77 -24.42
N THR B 677 -77.96 -35.72 -23.22
CA THR B 677 -79.36 -36.09 -23.03
C THR B 677 -80.29 -35.08 -23.71
N ALA B 678 -80.06 -33.80 -23.46
CA ALA B 678 -80.93 -32.74 -23.95
C ALA B 678 -80.09 -31.49 -24.09
N PRO B 679 -80.54 -30.50 -24.91
CA PRO B 679 -79.75 -29.27 -25.04
C PRO B 679 -79.70 -28.41 -23.78
N LEU B 680 -78.90 -28.88 -22.82
CA LEU B 680 -78.43 -28.08 -21.70
C LEU B 680 -77.08 -27.48 -22.12
N ALA B 681 -76.31 -26.96 -21.17
CA ALA B 681 -74.98 -26.45 -21.47
C ALA B 681 -73.94 -27.27 -20.71
N ILE B 682 -72.81 -27.52 -21.38
CA ILE B 682 -71.63 -28.04 -20.69
C ILE B 682 -71.15 -26.97 -19.72
N ALA B 683 -70.65 -27.40 -18.56
CA ALA B 683 -70.21 -26.46 -17.54
C ALA B 683 -68.72 -26.17 -17.59
N ALA B 684 -67.89 -27.18 -17.90
CA ALA B 684 -66.45 -26.99 -17.93
C ALA B 684 -65.82 -28.01 -18.87
N VAL B 685 -64.93 -27.54 -19.74
CA VAL B 685 -64.14 -28.41 -20.60
C VAL B 685 -62.69 -28.28 -20.17
N ASN B 686 -62.23 -29.21 -19.32
CA ASN B 686 -60.96 -29.06 -18.62
C ASN B 686 -59.83 -29.86 -19.24
N ALA B 687 -60.09 -31.07 -19.69
CA ALA B 687 -59.05 -31.91 -20.28
C ALA B 687 -59.72 -32.87 -21.23
N PRO B 688 -58.96 -33.55 -22.10
CA PRO B 688 -59.56 -34.67 -22.83
C PRO B 688 -59.55 -35.99 -22.06
N ASP B 689 -59.79 -35.91 -20.75
CA ASP B 689 -60.31 -37.03 -19.97
C ASP B 689 -61.22 -36.51 -18.85
N TYR B 690 -61.83 -35.34 -19.01
CA TYR B 690 -62.42 -34.62 -17.89
C TYR B 690 -63.38 -33.57 -18.43
N SER B 691 -64.61 -33.56 -17.90
CA SER B 691 -65.60 -32.59 -18.32
C SER B 691 -66.69 -32.50 -17.25
N VAL B 692 -67.35 -31.34 -17.20
CA VAL B 692 -68.40 -31.07 -16.22
C VAL B 692 -69.67 -30.70 -16.96
N ILE B 693 -70.77 -31.39 -16.64
CA ILE B 693 -72.09 -31.12 -17.22
C ILE B 693 -72.99 -30.59 -16.11
N ALA B 694 -73.79 -29.58 -16.44
CA ALA B 694 -74.66 -28.96 -15.45
C ALA B 694 -75.92 -28.42 -16.12
N GLY B 695 -76.96 -28.28 -15.31
CA GLY B 695 -78.24 -27.79 -15.78
C GLY B 695 -79.24 -27.75 -14.65
N PRO B 696 -80.48 -28.18 -14.90
CA PRO B 696 -81.42 -28.40 -13.80
C PRO B 696 -80.96 -29.55 -12.94
N THR B 697 -81.34 -29.50 -11.66
CA THR B 697 -80.83 -30.49 -10.70
C THR B 697 -81.37 -31.88 -10.98
N SER B 698 -82.65 -31.99 -11.36
CA SER B 698 -83.24 -33.29 -11.65
C SER B 698 -82.69 -33.86 -12.95
N GLU B 699 -82.53 -33.03 -13.97
CA GLU B 699 -81.97 -33.41 -15.27
C GLU B 699 -80.49 -33.78 -15.20
N ILE B 700 -79.87 -33.55 -14.04
CA ILE B 700 -78.46 -33.97 -13.86
C ILE B 700 -78.45 -35.31 -13.11
N LEU B 701 -78.96 -35.36 -11.86
CA LEU B 701 -78.85 -36.62 -11.06
C LEU B 701 -79.79 -37.72 -11.56
N ALA B 702 -81.09 -37.46 -11.73
CA ALA B 702 -82.04 -38.52 -12.10
C ALA B 702 -81.68 -39.11 -13.47
N VAL B 703 -80.97 -38.34 -14.29
CA VAL B 703 -80.52 -38.81 -15.60
C VAL B 703 -79.14 -39.46 -15.52
N SER B 704 -78.34 -39.09 -14.52
CA SER B 704 -76.97 -39.61 -14.36
C SER B 704 -76.89 -41.10 -14.04
N GLN B 705 -78.01 -41.80 -13.89
CA GLN B 705 -77.99 -43.24 -13.71
C GLN B 705 -77.78 -44.00 -15.02
N ARG B 706 -77.84 -43.33 -16.17
CA ARG B 706 -77.48 -43.98 -17.42
C ARG B 706 -75.97 -44.14 -17.57
N LEU B 707 -75.18 -43.40 -16.79
CA LEU B 707 -73.73 -43.62 -16.74
C LEU B 707 -73.40 -44.86 -15.92
N THR B 708 -74.30 -45.28 -15.03
CA THR B 708 -74.15 -46.56 -14.37
C THR B 708 -74.35 -47.70 -15.36
N GLU B 709 -75.29 -47.53 -16.30
CA GLU B 709 -75.42 -48.47 -17.40
C GLU B 709 -74.23 -48.38 -18.35
N GLN B 710 -73.65 -47.19 -18.53
CA GLN B 710 -72.39 -47.05 -19.25
C GLN B 710 -71.22 -47.61 -18.46
N ASN B 711 -71.34 -47.70 -17.13
CA ASN B 711 -70.29 -48.07 -16.18
C ASN B 711 -69.08 -47.14 -16.30
N ILE B 712 -69.37 -45.84 -16.12
CA ILE B 712 -68.35 -44.79 -16.08
C ILE B 712 -68.65 -43.91 -14.87
N ILE B 713 -67.63 -43.65 -14.05
CA ILE B 713 -67.82 -42.97 -12.76
C ILE B 713 -68.15 -41.49 -12.99
N ASN B 714 -69.11 -40.99 -12.19
CA ASN B 714 -69.63 -39.62 -12.31
C ASN B 714 -69.59 -38.94 -10.94
N LYS B 715 -68.47 -38.27 -10.66
CA LYS B 715 -68.36 -37.58 -9.38
C LYS B 715 -69.17 -36.28 -9.38
N ARG B 716 -69.32 -35.70 -8.20
CA ARG B 716 -70.09 -34.48 -8.01
C ARG B 716 -69.19 -33.38 -7.46
N LEU B 717 -69.62 -32.14 -7.66
CA LEU B 717 -68.84 -30.98 -7.26
C LEU B 717 -69.28 -30.37 -5.93
N HIS B 718 -70.22 -31.01 -5.22
CA HIS B 718 -70.75 -30.53 -3.93
C HIS B 718 -71.31 -29.11 -4.05
N THR B 719 -72.11 -28.91 -5.09
CA THR B 719 -72.61 -27.59 -5.46
C THR B 719 -74.14 -27.58 -5.33
N SER B 720 -74.67 -26.44 -4.88
CA SER B 720 -76.11 -26.22 -4.79
C SER B 720 -76.63 -25.28 -5.87
N HIS B 721 -75.80 -24.95 -6.87
CA HIS B 721 -76.23 -24.05 -7.93
C HIS B 721 -75.65 -24.52 -9.25
N ALA B 722 -76.21 -23.98 -10.34
CA ALA B 722 -75.89 -24.43 -11.69
C ALA B 722 -75.18 -23.30 -12.43
N PHE B 723 -73.87 -23.23 -12.21
CA PHE B 723 -73.04 -22.27 -12.94
C PHE B 723 -72.71 -22.81 -14.32
N HIS B 724 -72.64 -21.89 -15.29
CA HIS B 724 -72.22 -22.17 -16.67
C HIS B 724 -73.13 -23.19 -17.35
N SER B 725 -74.41 -23.18 -16.96
CA SER B 725 -75.48 -23.87 -17.65
C SER B 725 -76.44 -22.83 -18.20
N SER B 726 -77.41 -23.28 -18.97
CA SER B 726 -78.30 -22.39 -19.70
C SER B 726 -79.46 -21.85 -18.87
N MET B 727 -79.36 -21.87 -17.54
CA MET B 727 -80.48 -21.50 -16.69
C MET B 727 -80.22 -20.28 -15.80
N MET B 728 -79.01 -19.73 -15.81
CA MET B 728 -78.73 -18.45 -15.15
C MET B 728 -78.58 -17.31 -16.15
N GLN B 729 -79.44 -17.27 -17.16
CA GLN B 729 -79.53 -16.07 -18.00
C GLN B 729 -80.03 -14.88 -17.21
N ASP B 730 -81.07 -15.08 -16.39
CA ASP B 730 -81.66 -14.00 -15.61
C ASP B 730 -80.75 -13.49 -14.51
N ALA B 731 -79.77 -14.31 -14.08
CA ALA B 731 -78.80 -13.86 -13.10
C ALA B 731 -77.91 -12.76 -13.67
N ALA B 732 -77.56 -12.85 -14.95
CA ALA B 732 -76.78 -11.82 -15.62
C ALA B 732 -77.65 -10.73 -16.24
N GLN B 733 -78.93 -11.01 -16.50
CA GLN B 733 -79.83 -10.01 -17.06
C GLN B 733 -80.07 -8.85 -16.10
N ALA B 734 -80.09 -9.12 -14.79
CA ALA B 734 -80.31 -8.05 -13.82
C ALA B 734 -79.09 -7.16 -13.69
N LEU B 735 -77.90 -7.76 -13.63
CA LEU B 735 -76.64 -7.05 -13.49
C LEU B 735 -76.08 -6.53 -14.81
N ARG B 736 -76.77 -6.77 -15.93
CA ARG B 736 -76.39 -6.18 -17.20
C ARG B 736 -76.37 -4.66 -17.14
N GLN B 737 -77.28 -4.05 -16.37
CA GLN B 737 -77.24 -2.62 -16.15
C GLN B 737 -76.10 -2.21 -15.23
N ALA B 738 -75.77 -3.06 -14.26
CA ALA B 738 -74.73 -2.73 -13.28
C ALA B 738 -73.33 -2.72 -13.88
N PHE B 739 -73.14 -3.36 -15.04
CA PHE B 739 -71.83 -3.36 -15.67
C PHE B 739 -71.54 -2.01 -16.35
N GLU B 740 -72.58 -1.35 -16.86
CA GLU B 740 -72.40 -0.27 -17.82
C GLU B 740 -72.18 1.10 -17.15
N ASN B 741 -72.04 1.15 -15.83
CA ASN B 741 -71.75 2.41 -15.16
C ASN B 741 -70.32 2.51 -14.67
N VAL B 742 -69.49 1.49 -14.88
CA VAL B 742 -68.10 1.52 -14.45
C VAL B 742 -67.20 1.57 -15.67
N ARG B 743 -66.01 2.15 -15.50
CA ARG B 743 -65.10 2.44 -16.60
C ARG B 743 -64.11 1.30 -16.78
N LEU B 744 -63.99 0.83 -18.02
CA LEU B 744 -63.12 -0.29 -18.32
C LEU B 744 -61.95 0.16 -19.20
N ASN B 745 -60.95 -0.70 -19.27
CA ASN B 745 -59.63 -0.40 -19.79
C ASN B 745 -59.15 -1.53 -20.68
N PRO B 746 -58.20 -1.28 -21.58
CA PRO B 746 -57.59 -2.38 -22.34
C PRO B 746 -56.60 -3.15 -21.48
N PRO B 747 -56.36 -4.43 -21.80
CA PRO B 747 -55.41 -5.23 -21.02
C PRO B 747 -53.97 -4.80 -21.20
N THR B 748 -53.18 -5.14 -20.20
CA THR B 748 -51.75 -4.83 -20.13
C THR B 748 -50.89 -6.08 -20.14
N LEU B 749 -51.37 -7.16 -19.54
CA LEU B 749 -50.72 -8.46 -19.57
C LEU B 749 -51.53 -9.42 -20.42
N THR B 750 -50.86 -10.40 -21.02
CA THR B 750 -51.45 -11.25 -22.05
C THR B 750 -52.37 -12.28 -21.38
N ILE B 751 -53.63 -11.89 -21.22
CA ILE B 751 -54.66 -12.86 -20.88
C ILE B 751 -55.01 -13.66 -22.13
N ILE B 752 -55.33 -14.93 -21.96
CA ILE B 752 -56.10 -15.66 -22.95
C ILE B 752 -57.38 -16.13 -22.28
N SER B 753 -58.49 -16.04 -23.01
CA SER B 753 -59.80 -16.27 -22.44
C SER B 753 -60.15 -17.74 -22.47
N THR B 754 -60.69 -18.23 -21.36
CA THR B 754 -61.05 -19.64 -21.25
C THR B 754 -62.45 -19.94 -21.77
N VAL B 755 -63.28 -18.93 -22.02
CA VAL B 755 -64.60 -19.17 -22.55
C VAL B 755 -64.65 -19.03 -24.06
N THR B 756 -63.53 -18.66 -24.68
CA THR B 756 -63.34 -18.77 -26.12
C THR B 756 -62.31 -19.82 -26.49
N GLY B 757 -61.40 -20.14 -25.57
CA GLY B 757 -60.30 -21.04 -25.87
C GLY B 757 -59.15 -20.39 -26.60
N ALA B 758 -59.15 -19.07 -26.74
CA ALA B 758 -58.17 -18.40 -27.57
C ALA B 758 -57.68 -17.17 -26.83
N HIS B 759 -56.92 -16.33 -27.54
CA HIS B 759 -56.31 -15.15 -26.96
C HIS B 759 -57.35 -14.07 -26.68
N VAL B 760 -56.87 -12.93 -26.19
CA VAL B 760 -57.71 -11.80 -25.81
C VAL B 760 -57.26 -10.59 -26.61
N SER B 761 -58.19 -10.01 -27.36
CA SER B 761 -57.96 -8.76 -28.07
C SER B 761 -58.52 -7.61 -27.23
N ALA B 762 -58.50 -6.41 -27.79
CA ALA B 762 -58.89 -5.22 -27.04
C ALA B 762 -60.37 -5.21 -26.72
N ASP B 763 -61.22 -5.54 -27.70
CA ASP B 763 -62.65 -5.56 -27.48
C ASP B 763 -63.13 -6.85 -26.83
N THR B 764 -62.23 -7.81 -26.59
CA THR B 764 -62.65 -9.10 -26.03
C THR B 764 -63.04 -8.96 -24.57
N LEU B 765 -62.32 -8.13 -23.81
CA LEU B 765 -62.57 -7.96 -22.39
C LEU B 765 -63.36 -6.70 -22.05
N THR B 766 -63.28 -5.67 -22.87
CA THR B 766 -63.88 -4.39 -22.52
C THR B 766 -65.40 -4.42 -22.66
N THR B 767 -65.92 -5.26 -23.55
CA THR B 767 -67.37 -5.33 -23.76
C THR B 767 -68.05 -5.98 -22.56
N PRO B 768 -69.03 -5.32 -21.94
CA PRO B 768 -69.67 -5.89 -20.74
C PRO B 768 -70.50 -7.14 -21.01
N ASP B 769 -70.96 -7.36 -22.24
CA ASP B 769 -71.70 -8.57 -22.55
C ASP B 769 -70.80 -9.80 -22.63
N TYR B 770 -69.47 -9.61 -22.73
CA TYR B 770 -68.55 -10.74 -22.69
C TYR B 770 -68.59 -11.45 -21.34
N TRP B 771 -68.59 -10.69 -20.25
CA TRP B 771 -68.78 -11.29 -18.93
C TRP B 771 -70.18 -11.81 -18.73
N ILE B 772 -71.16 -11.29 -19.48
CA ILE B 772 -72.53 -11.80 -19.40
C ILE B 772 -72.60 -13.20 -20.00
N GLU B 773 -72.01 -13.39 -21.18
CA GLU B 773 -71.97 -14.71 -21.79
C GLU B 773 -70.92 -15.60 -21.13
N GLN B 774 -70.02 -15.03 -20.33
CA GLN B 774 -69.04 -15.82 -19.60
C GLN B 774 -69.68 -16.61 -18.46
N MET B 775 -70.84 -16.17 -17.95
CA MET B 775 -71.57 -16.97 -16.97
C MET B 775 -72.39 -18.09 -17.60
N LEU B 776 -72.48 -18.14 -18.92
CA LEU B 776 -73.30 -19.14 -19.62
C LEU B 776 -72.45 -20.18 -20.33
N MET B 777 -71.42 -19.75 -21.05
CA MET B 777 -70.68 -20.64 -21.92
C MET B 777 -69.75 -21.55 -21.11
N PRO B 778 -69.52 -22.78 -21.57
CA PRO B 778 -68.49 -23.63 -20.95
C PRO B 778 -67.10 -23.02 -21.04
N VAL B 779 -66.30 -23.23 -19.99
CA VAL B 779 -64.90 -22.83 -20.02
C VAL B 779 -64.09 -23.87 -20.78
N GLN B 780 -63.34 -23.41 -21.77
CA GLN B 780 -62.47 -24.27 -22.57
C GLN B 780 -61.06 -24.21 -21.97
N PHE B 781 -60.94 -24.75 -20.74
CA PHE B 781 -59.67 -24.68 -20.02
C PHE B 781 -58.61 -25.53 -20.70
N SER B 782 -59.00 -26.67 -21.27
CA SER B 782 -58.09 -27.43 -22.12
C SER B 782 -57.71 -26.59 -23.35
N ALA B 783 -58.71 -26.07 -24.07
CA ALA B 783 -58.41 -25.29 -25.27
C ALA B 783 -57.72 -23.96 -24.97
N ALA B 784 -57.79 -23.47 -23.73
CA ALA B 784 -56.93 -22.39 -23.28
C ALA B 784 -55.68 -22.90 -22.60
N LEU B 785 -55.42 -24.21 -22.60
CA LEU B 785 -54.19 -24.75 -22.05
C LEU B 785 -53.23 -25.31 -23.09
N GLN B 786 -53.73 -26.11 -24.06
CA GLN B 786 -52.88 -26.41 -25.22
C GLN B 786 -52.52 -25.17 -26.01
N GLU B 787 -53.42 -24.20 -26.12
CA GLU B 787 -53.06 -22.92 -26.75
C GLU B 787 -51.99 -22.20 -25.95
N ALA B 788 -52.12 -22.19 -24.62
CA ALA B 788 -51.17 -21.50 -23.76
C ALA B 788 -49.79 -22.14 -23.81
N GLN B 789 -49.71 -23.47 -23.84
CA GLN B 789 -48.40 -24.11 -23.97
C GLN B 789 -47.87 -24.04 -25.40
N ALA B 790 -48.73 -23.84 -26.39
CA ALA B 790 -48.23 -23.64 -27.74
C ALA B 790 -47.58 -22.27 -27.89
N THR B 791 -48.29 -21.21 -27.52
CA THR B 791 -47.74 -19.87 -27.69
C THR B 791 -46.86 -19.40 -26.53
N PHE B 792 -46.74 -20.19 -25.46
CA PHE B 792 -45.85 -19.88 -24.34
C PHE B 792 -45.34 -21.20 -23.76
N ASP B 793 -44.10 -21.55 -24.04
CA ASP B 793 -43.47 -22.70 -23.36
C ASP B 793 -43.08 -22.22 -21.97
N VAL B 794 -44.03 -22.31 -21.03
CA VAL B 794 -43.88 -21.73 -19.70
C VAL B 794 -44.31 -22.76 -18.65
N ASP B 795 -43.88 -22.49 -17.41
CA ASP B 795 -44.44 -23.16 -16.25
C ASP B 795 -45.71 -22.46 -15.82
N PHE B 796 -46.57 -23.18 -15.12
CA PHE B 796 -47.91 -22.70 -14.82
C PHE B 796 -48.12 -22.67 -13.32
N LEU B 797 -47.79 -21.56 -12.69
CA LEU B 797 -48.07 -21.40 -11.28
C LEU B 797 -49.57 -21.18 -11.09
N GLU B 798 -50.21 -22.09 -10.36
CA GLU B 798 -51.63 -21.95 -10.10
C GLU B 798 -51.87 -21.04 -8.91
N ILE B 799 -52.73 -20.05 -9.08
CA ILE B 799 -53.17 -19.19 -8.00
C ILE B 799 -54.59 -19.60 -7.65
N GLY B 800 -54.81 -19.92 -6.37
CA GLY B 800 -56.12 -20.32 -5.92
C GLY B 800 -56.06 -21.01 -4.58
N PRO B 801 -57.17 -21.64 -4.19
CA PRO B 801 -57.25 -22.21 -2.85
C PRO B 801 -56.57 -23.56 -2.69
N GLY B 802 -56.46 -24.34 -3.75
CA GLY B 802 -55.97 -25.70 -3.65
C GLY B 802 -55.16 -26.09 -4.86
N ALA B 803 -55.08 -27.39 -5.10
CA ALA B 803 -54.35 -27.97 -6.22
C ALA B 803 -55.29 -28.39 -7.32
N THR B 804 -56.30 -27.57 -7.60
CA THR B 804 -57.35 -27.92 -8.57
C THR B 804 -56.80 -27.94 -9.98
N LEU B 805 -56.32 -26.80 -10.46
CA LEU B 805 -55.85 -26.67 -11.83
C LEU B 805 -54.48 -27.30 -12.04
N THR B 806 -53.70 -27.47 -10.96
CA THR B 806 -52.37 -28.04 -11.05
C THR B 806 -52.41 -29.51 -11.46
N GLN B 807 -53.36 -30.27 -10.92
CA GLN B 807 -53.49 -31.68 -11.26
C GLN B 807 -53.91 -31.88 -12.72
N LEU B 808 -54.86 -31.06 -13.19
CA LEU B 808 -55.30 -31.15 -14.58
C LEU B 808 -54.21 -30.69 -15.54
N THR B 809 -53.45 -29.67 -15.16
CA THR B 809 -52.37 -29.16 -15.99
C THR B 809 -51.20 -30.12 -16.06
N ASN B 810 -50.91 -30.84 -14.97
CA ASN B 810 -49.85 -31.83 -15.03
C ASN B 810 -50.34 -33.14 -15.62
N GLY B 811 -51.65 -33.34 -15.72
CA GLY B 811 -52.16 -34.41 -16.55
C GLY B 811 -52.18 -34.11 -18.03
N HIS B 812 -52.01 -32.83 -18.40
CA HIS B 812 -52.00 -32.42 -19.79
C HIS B 812 -50.71 -32.86 -20.47
N ALA B 813 -50.59 -32.53 -21.75
CA ALA B 813 -49.45 -32.93 -22.56
C ALA B 813 -48.35 -31.87 -22.56
N LEU B 814 -47.93 -31.45 -21.37
CA LEU B 814 -46.81 -30.53 -21.23
C LEU B 814 -45.51 -31.32 -21.36
N GLY B 815 -44.71 -30.96 -22.36
CA GLY B 815 -43.38 -31.59 -22.51
C GLY B 815 -42.35 -30.88 -21.64
N ASP B 816 -41.66 -31.62 -20.76
CA ASP B 816 -40.63 -31.04 -19.84
C ASP B 816 -41.05 -29.67 -19.28
N ARG B 817 -42.29 -29.55 -18.78
CA ARG B 817 -42.79 -28.29 -18.16
C ARG B 817 -43.77 -28.70 -17.05
N LEU B 818 -43.76 -28.00 -15.92
CA LEU B 818 -44.63 -28.44 -14.82
C LEU B 818 -45.55 -27.30 -14.40
N ALA B 819 -46.47 -27.63 -13.51
CA ALA B 819 -47.39 -26.67 -12.92
C ALA B 819 -47.27 -26.77 -11.40
N PHE B 820 -47.46 -25.64 -10.74
CA PHE B 820 -47.23 -25.54 -9.31
C PHE B 820 -48.39 -24.79 -8.69
N SER B 821 -48.68 -25.10 -7.43
CA SER B 821 -49.83 -24.53 -6.73
C SER B 821 -49.37 -23.62 -5.61
N SER B 822 -50.05 -22.50 -5.45
CA SER B 822 -49.70 -21.55 -4.41
C SER B 822 -50.14 -22.03 -3.02
N LEU B 823 -51.20 -22.83 -2.94
CA LEU B 823 -51.82 -23.18 -1.69
C LEU B 823 -52.02 -24.69 -1.61
N PRO B 824 -52.00 -25.27 -0.41
CA PRO B 824 -52.14 -26.72 -0.28
C PRO B 824 -53.58 -27.17 -0.47
N ALA B 825 -53.77 -28.49 -0.41
CA ALA B 825 -55.03 -29.13 -0.77
C ALA B 825 -56.01 -29.17 0.41
N GLY B 826 -56.36 -27.98 0.91
CA GLY B 826 -57.55 -27.81 1.74
C GLY B 826 -57.53 -28.40 3.13
N ALA B 827 -57.35 -29.72 3.22
CA ALA B 827 -57.27 -30.37 4.53
C ALA B 827 -55.93 -30.08 5.20
N ARG B 828 -54.89 -29.78 4.42
CA ARG B 828 -53.60 -29.37 4.94
C ARG B 828 -53.51 -27.85 5.07
N SER B 829 -54.54 -27.26 5.69
CA SER B 829 -54.69 -25.81 5.78
C SER B 829 -53.66 -25.15 6.69
N SER B 830 -52.94 -25.93 7.49
CA SER B 830 -51.84 -25.42 8.29
C SER B 830 -50.51 -25.42 7.56
N ASP B 831 -50.46 -25.99 6.35
CA ASP B 831 -49.23 -26.12 5.59
C ASP B 831 -49.10 -25.05 4.51
N GLU B 832 -49.76 -23.91 4.67
CA GLU B 832 -49.70 -22.85 3.68
C GLU B 832 -48.30 -22.25 3.59
N HIS B 833 -47.74 -21.87 4.74
CA HIS B 833 -46.39 -21.34 4.82
C HIS B 833 -45.33 -22.36 4.47
N LYS B 834 -45.65 -23.64 4.42
CA LYS B 834 -44.68 -24.57 3.88
C LYS B 834 -44.90 -24.85 2.40
N HIS B 835 -46.16 -24.89 1.96
CA HIS B 835 -46.43 -25.24 0.57
C HIS B 835 -46.05 -24.12 -0.38
N ILE B 836 -46.36 -22.87 -0.03
CA ILE B 836 -46.01 -21.78 -0.93
C ILE B 836 -44.51 -21.55 -0.95
N LEU B 837 -43.82 -21.84 0.15
CA LEU B 837 -42.38 -21.74 0.18
C LEU B 837 -41.72 -22.90 -0.55
N ASP B 838 -42.35 -24.08 -0.55
CA ASP B 838 -41.89 -25.19 -1.36
C ASP B 838 -42.09 -24.93 -2.84
N THR B 839 -43.17 -24.24 -3.19
CA THR B 839 -43.41 -23.83 -4.57
C THR B 839 -42.38 -22.79 -5.01
N VAL B 840 -42.04 -21.85 -4.12
CA VAL B 840 -40.98 -20.89 -4.36
C VAL B 840 -39.64 -21.59 -4.56
N ALA B 841 -39.37 -22.63 -3.76
CA ALA B 841 -38.16 -23.42 -3.92
C ALA B 841 -38.10 -24.13 -5.25
N ALA B 842 -39.20 -24.79 -5.67
CA ALA B 842 -39.22 -25.50 -6.93
C ALA B 842 -39.19 -24.56 -8.13
N LEU B 843 -39.78 -23.37 -8.00
CA LEU B 843 -39.73 -22.37 -9.05
C LEU B 843 -38.33 -21.77 -9.20
N TRP B 844 -37.68 -21.44 -8.08
CA TRP B 844 -36.33 -20.91 -8.13
C TRP B 844 -35.36 -21.95 -8.67
N VAL B 845 -35.53 -23.21 -8.29
CA VAL B 845 -34.70 -24.30 -8.81
C VAL B 845 -34.93 -24.47 -10.31
N ARG B 846 -36.19 -24.37 -10.73
CA ARG B 846 -36.58 -24.48 -12.14
C ARG B 846 -35.96 -23.37 -12.98
N GLY B 847 -35.75 -22.20 -12.39
CA GLY B 847 -34.97 -21.15 -13.04
C GLY B 847 -35.64 -19.80 -12.98
N HIS B 848 -36.71 -19.69 -12.22
CA HIS B 848 -37.49 -18.45 -12.27
C HIS B 848 -36.82 -17.38 -11.43
N ASN B 849 -37.23 -16.15 -11.68
CA ASN B 849 -36.53 -15.00 -11.11
C ASN B 849 -37.16 -14.62 -9.77
N ILE B 850 -37.23 -15.59 -8.86
CA ILE B 850 -37.73 -15.32 -7.52
C ILE B 850 -36.64 -14.59 -6.75
N ASP B 851 -37.00 -13.45 -6.16
CA ASP B 851 -36.10 -12.72 -5.26
C ASP B 851 -36.08 -13.45 -3.93
N LEU B 852 -35.11 -14.34 -3.75
CA LEU B 852 -35.06 -15.18 -2.57
C LEU B 852 -34.63 -14.43 -1.31
N SER B 853 -34.17 -13.20 -1.44
CA SER B 853 -33.82 -12.37 -0.29
C SER B 853 -35.04 -11.83 0.44
N ALA B 854 -36.23 -11.97 -0.12
CA ALA B 854 -37.44 -11.56 0.58
C ALA B 854 -37.86 -12.56 1.64
N PHE B 855 -37.31 -13.78 1.60
CA PHE B 855 -37.82 -14.90 2.37
C PHE B 855 -37.00 -15.18 3.63
N ALA B 856 -36.09 -14.29 4.01
CA ALA B 856 -35.00 -14.64 4.92
C ALA B 856 -35.30 -14.25 6.36
N GLY B 857 -35.56 -12.98 6.63
CA GLY B 857 -35.76 -12.54 7.99
C GLY B 857 -35.74 -11.03 8.07
N GLU B 858 -35.82 -10.53 9.30
CA GLU B 858 -36.02 -9.10 9.49
C GLU B 858 -34.71 -8.32 9.35
N GLN B 859 -33.74 -8.59 10.23
CA GLN B 859 -32.45 -7.90 10.18
C GLN B 859 -31.40 -8.99 10.06
N PRO B 860 -31.12 -9.45 8.85
CA PRO B 860 -30.26 -10.62 8.66
C PRO B 860 -28.78 -10.26 8.64
N ARG B 861 -27.98 -11.29 8.90
CA ARG B 861 -26.54 -11.16 9.05
C ARG B 861 -25.86 -12.25 8.24
N ARG B 862 -24.64 -11.98 7.82
CA ARG B 862 -23.89 -12.98 7.07
C ARG B 862 -23.14 -13.88 8.02
N VAL B 863 -23.03 -15.15 7.66
CA VAL B 863 -22.34 -16.13 8.46
C VAL B 863 -21.33 -16.84 7.58
N SER B 864 -20.54 -17.70 8.19
CA SER B 864 -19.54 -18.48 7.49
C SER B 864 -20.10 -19.86 7.21
N LEU B 865 -20.27 -20.19 5.95
CA LEU B 865 -20.86 -21.44 5.52
C LEU B 865 -19.80 -22.17 4.72
N PRO B 866 -20.00 -23.43 4.37
CA PRO B 866 -19.13 -24.05 3.37
C PRO B 866 -19.20 -23.33 2.04
N THR B 867 -18.09 -23.36 1.34
CA THR B 867 -17.91 -22.63 0.11
C THR B 867 -18.06 -23.60 -1.06
N TYR B 868 -17.78 -23.10 -2.26
CA TYR B 868 -18.02 -23.88 -3.47
C TYR B 868 -17.10 -25.10 -3.51
N ALA B 869 -17.68 -26.23 -3.86
CA ALA B 869 -16.95 -27.49 -3.89
C ALA B 869 -16.44 -27.70 -5.32
N PHE B 870 -15.26 -27.14 -5.57
CA PHE B 870 -14.67 -27.11 -6.89
C PHE B 870 -14.29 -28.50 -7.36
N ASP B 871 -14.15 -28.64 -8.67
CA ASP B 871 -13.85 -29.93 -9.27
C ASP B 871 -12.35 -30.15 -9.28
N LYS B 872 -11.95 -31.30 -8.74
CA LYS B 872 -10.56 -31.72 -8.76
C LYS B 872 -10.26 -32.30 -10.12
N ILE B 873 -9.72 -31.49 -11.02
CA ILE B 873 -9.34 -31.92 -12.36
C ILE B 873 -7.85 -31.72 -12.53
N ARG B 874 -7.15 -32.78 -12.92
CA ARG B 874 -5.71 -32.78 -13.08
C ARG B 874 -5.30 -31.84 -14.22
N TYR B 875 -4.47 -30.85 -13.93
CA TYR B 875 -4.02 -29.84 -14.89
C TYR B 875 -2.52 -29.69 -14.84
N TRP B 876 -1.82 -30.79 -15.04
CA TRP B 876 -0.39 -30.90 -14.86
C TRP B 876 0.26 -31.19 -16.20
N VAL B 877 1.49 -30.71 -16.41
CA VAL B 877 2.09 -30.90 -17.73
C VAL B 877 2.98 -32.14 -17.79
N ASP B 878 4.11 -32.17 -17.08
CA ASP B 878 5.14 -33.20 -17.11
C ASP B 878 6.25 -32.75 -16.15
N SER B 879 7.08 -33.70 -15.74
CA SER B 879 8.23 -33.35 -14.91
C SER B 879 9.53 -33.64 -15.65
#